data_6Z2Z
# 
_entry.id   6Z2Z 
# 
_audit_conform.dict_name       mmcif_pdbx.dic 
_audit_conform.dict_version    5.398 
_audit_conform.dict_location   http://mmcif.pdb.org/dictionaries/ascii/mmcif_pdbx.dic 
# 
loop_
_database_2.database_id 
_database_2.database_code 
_database_2.pdbx_database_accession 
_database_2.pdbx_DOI 
PDB   6Z2Z         pdb_00006z2z 10.2210/pdb6z2z/pdb 
WWPDB D_1292108778 ?            ?                   
# 
loop_
_pdbx_audit_revision_history.ordinal 
_pdbx_audit_revision_history.data_content_type 
_pdbx_audit_revision_history.major_revision 
_pdbx_audit_revision_history.minor_revision 
_pdbx_audit_revision_history.revision_date 
1 'Structure model' 1 0 2021-06-02 
2 'Structure model' 1 1 2021-11-17 
3 'Structure model' 1 2 2022-01-19 
4 'Structure model' 1 3 2024-01-24 
5 'Structure model' 1 4 2024-11-13 
# 
_pdbx_audit_revision_details.ordinal             1 
_pdbx_audit_revision_details.revision_ordinal    1 
_pdbx_audit_revision_details.data_content_type   'Structure model' 
_pdbx_audit_revision_details.provider            repository 
_pdbx_audit_revision_details.type                'Initial release' 
_pdbx_audit_revision_details.description         ? 
_pdbx_audit_revision_details.details             ? 
# 
loop_
_pdbx_audit_revision_group.ordinal 
_pdbx_audit_revision_group.revision_ordinal 
_pdbx_audit_revision_group.data_content_type 
_pdbx_audit_revision_group.group 
1 2 'Structure model' 'Data collection'        
2 2 'Structure model' 'Database references'    
3 3 'Structure model' 'Data collection'        
4 3 'Structure model' 'Database references'    
5 4 'Structure model' 'Data collection'        
6 4 'Structure model' 'Refinement description' 
7 5 'Structure model' 'Structure summary'      
# 
loop_
_pdbx_audit_revision_category.ordinal 
_pdbx_audit_revision_category.revision_ordinal 
_pdbx_audit_revision_category.data_content_type 
_pdbx_audit_revision_category.category 
1  2 'Structure model' citation                      
2  2 'Structure model' citation_author               
3  2 'Structure model' database_2                    
4  2 'Structure model' diffrn_source                 
5  2 'Structure model' pdbx_database_proc            
6  3 'Structure model' citation                      
7  3 'Structure model' citation_author               
8  3 'Structure model' diffrn_source                 
9  4 'Structure model' chem_comp_atom                
10 4 'Structure model' chem_comp_bond                
11 4 'Structure model' pdbx_initial_refinement_model 
12 5 'Structure model' pdbx_entry_details            
13 5 'Structure model' pdbx_modification_feature     
# 
loop_
_pdbx_audit_revision_item.ordinal 
_pdbx_audit_revision_item.revision_ordinal 
_pdbx_audit_revision_item.data_content_type 
_pdbx_audit_revision_item.item 
1  2 'Structure model' '_citation.country'                            
2  2 'Structure model' '_citation.journal_abbrev'                     
3  2 'Structure model' '_citation.journal_id_CSD'                     
4  2 'Structure model' '_citation.journal_id_ISSN'                    
5  2 'Structure model' '_citation.pdbx_database_id_DOI'               
6  2 'Structure model' '_citation.pdbx_database_id_PubMed'            
7  2 'Structure model' '_citation.title'                              
8  2 'Structure model' '_citation.year'                               
9  2 'Structure model' '_database_2.pdbx_DOI'                         
10 2 'Structure model' '_database_2.pdbx_database_accession'          
11 2 'Structure model' '_diffrn_source.pdbx_synchrotron_site'         
12 3 'Structure model' '_citation.journal_volume'                     
13 3 'Structure model' '_citation.page_first'                         
14 3 'Structure model' '_citation.page_last'                          
15 3 'Structure model' '_citation.year'                               
16 3 'Structure model' '_citation_author.identifier_ORCID'            
17 3 'Structure model' '_diffrn_source.pdbx_synchrotron_site'         
18 5 'Structure model' '_pdbx_entry_details.has_protein_modification' 
# 
_pdbx_database_status.status_code                     REL 
_pdbx_database_status.status_code_sf                  REL 
_pdbx_database_status.status_code_mr                  ? 
_pdbx_database_status.entry_id                        6Z2Z 
_pdbx_database_status.recvd_initial_deposition_date   2020-05-19 
_pdbx_database_status.SG_entry                        N 
_pdbx_database_status.deposit_site                    PDBE 
_pdbx_database_status.process_site                    PDBE 
_pdbx_database_status.status_code_cs                  ? 
_pdbx_database_status.status_code_nmr_data            ? 
_pdbx_database_status.methods_development_category    ? 
_pdbx_database_status.pdb_format_compatible           Y 
# 
_pdbx_database_related.db_name        PDB 
_pdbx_database_related.details        
'M2 mutant (R111K:Y134F:T54V:R132Q:P39Y:R59Y) of human cellular retinoic acid binding protein II' 
_pdbx_database_related.db_id          6Z2U 
_pdbx_database_related.content_type   unspecified 
# 
loop_
_audit_author.name 
_audit_author.pdbx_ordinal 
_audit_author.identifier_ORCID 
'Tassone, G.' 1 0000-0002-2575-5528 
'Pozzi, C.'   2 0000-0003-2574-3911 
'Mangani, S.' 3 0000-0003-4824-7478 
# 
_citation.abstract                  ? 
_citation.abstract_id_CAS           ? 
_citation.book_id_ISBN              ? 
_citation.book_publisher            ? 
_citation.book_publisher_city       ? 
_citation.book_title                ? 
_citation.coordinate_linkage        ? 
_citation.country                   GE 
_citation.database_id_Medline       ? 
_citation.details                   ? 
_citation.id                        primary 
_citation.journal_abbrev            Chembiochem 
_citation.journal_id_ASTM           ? 
_citation.journal_id_CSD            ? 
_citation.journal_id_ISSN           1439-7633 
_citation.journal_full              ? 
_citation.journal_issue             ? 
_citation.journal_volume            23 
_citation.language                  ? 
_citation.page_first                e202100449 
_citation.page_last                 e202100449 
_citation.title                     
'Xanthopsin-Like Systems via Site-Specific Click-Functionalization of a Retinoic Acid Binding Protein.' 
_citation.year                      2022 
_citation.database_id_CSD           ? 
_citation.pdbx_database_id_DOI      10.1002/cbic.202100449 
_citation.pdbx_database_id_PubMed   34647400 
_citation.unpublished_flag          ? 
# 
loop_
_citation_author.citation_id 
_citation_author.name 
_citation_author.ordinal 
_citation_author.identifier_ORCID 
primary 'Tassone, G.'   1  0000-0002-2575-5528 
primary 'Paolino, M.'   2  ?                   
primary 'Pozzi, C.'     3  0000-0003-2574-3911 
primary 'Reale, A.'     4  0000-0001-6687-186X 
primary 'Salvini, L.'   5  ?                   
primary 'Giorgi, G.'    6  0000-0002-8817-7745 
primary 'Orlandini, M.' 7  0000-0002-6112-4889 
primary 'Galvagni, F.'  8  0000-0003-1967-9554 
primary 'Mangani, S.'   9  0000-0003-4824-7478 
primary 'Yang, X.'      10 0000-0002-1500-1773 
primary 'Carlotti, B.'  11 0000-0002-2980-2598 
primary 'Ortica, F.'    12 0000-0001-8276-452X 
primary 'Latterini, L.' 13 0000-0002-1021-9423 
primary 'Olivucci, M.'  14 0000-0002-8247-209X 
primary 'Cappelli, A.'  15 0000-0003-4140-3028 
# 
loop_
_entity.id 
_entity.type 
_entity.src_method 
_entity.pdbx_description 
_entity.formula_weight 
_entity.pdbx_number_of_molecules 
_entity.pdbx_ec 
_entity.pdbx_mutation 
_entity.pdbx_fragment 
_entity.details 
1 polymer     man 'Cellular retinoic acid-binding protein 2'                          15992.265 1  ? 
'R111K, Y134F, T54V, R132Q, P39Y, R59Y' ? ? 
2 non-polymer syn 'methyl (~{Z})-3-(6-ethynylnaphthalen-2-yl)-2-methyl-prop-2-enoate' 250.292   1  ? ? ? ? 
3 water       nat water                                                               18.015    16 ? ? ? ? 
# 
_entity_name_com.entity_id   1 
_entity_name_com.name        'Cellular retinoic acid-binding protein II,CRABP-II' 
# 
_entity_poly.entity_id                      1 
_entity_poly.type                           'polypeptide(L)' 
_entity_poly.nstd_linkage                   no 
_entity_poly.nstd_monomer                   no 
_entity_poly.pdbx_seq_one_letter_code       
;GSHMPNFSGNWKIIRSENFEELLKVLGVNVMLRKIAVAAASKYAVEIKQEGDTFYIKVSTTVYTTEINFKVGEEFEEQTV
DGRPCKSLVKWESENKMVCEQKLLKGEGPKTSWTKELTNDGELILTMTADDVVCTQVFVRE
;
_entity_poly.pdbx_seq_one_letter_code_can   
;GSHMPNFSGNWKIIRSENFEELLKVLGVNVMLRKIAVAAASKYAVEIKQEGDTFYIKVSTTVYTTEINFKVGEEFEEQTV
DGRPCKSLVKWESENKMVCEQKLLKGEGPKTSWTKELTNDGELILTMTADDVVCTQVFVRE
;
_entity_poly.pdbx_strand_id                 A 
_entity_poly.pdbx_target_identifier         ? 
# 
loop_
_pdbx_entity_nonpoly.entity_id 
_pdbx_entity_nonpoly.name 
_pdbx_entity_nonpoly.comp_id 
2 'methyl (~{Z})-3-(6-ethynylnaphthalen-2-yl)-2-methyl-prop-2-enoate' Q5W 
3 water                                                               HOH 
# 
loop_
_entity_poly_seq.entity_id 
_entity_poly_seq.num 
_entity_poly_seq.mon_id 
_entity_poly_seq.hetero 
1 1   GLY n 
1 2   SER n 
1 3   HIS n 
1 4   MET n 
1 5   PRO n 
1 6   ASN n 
1 7   PHE n 
1 8   SER n 
1 9   GLY n 
1 10  ASN n 
1 11  TRP n 
1 12  LYS n 
1 13  ILE n 
1 14  ILE n 
1 15  ARG n 
1 16  SER n 
1 17  GLU n 
1 18  ASN n 
1 19  PHE n 
1 20  GLU n 
1 21  GLU n 
1 22  LEU n 
1 23  LEU n 
1 24  LYS n 
1 25  VAL n 
1 26  LEU n 
1 27  GLY n 
1 28  VAL n 
1 29  ASN n 
1 30  VAL n 
1 31  MET n 
1 32  LEU n 
1 33  ARG n 
1 34  LYS n 
1 35  ILE n 
1 36  ALA n 
1 37  VAL n 
1 38  ALA n 
1 39  ALA n 
1 40  ALA n 
1 41  SER n 
1 42  LYS n 
1 43  TYR n 
1 44  ALA n 
1 45  VAL n 
1 46  GLU n 
1 47  ILE n 
1 48  LYS n 
1 49  GLN n 
1 50  GLU n 
1 51  GLY n 
1 52  ASP n 
1 53  THR n 
1 54  PHE n 
1 55  TYR n 
1 56  ILE n 
1 57  LYS n 
1 58  VAL n 
1 59  SER n 
1 60  THR n 
1 61  THR n 
1 62  VAL n 
1 63  TYR n 
1 64  THR n 
1 65  THR n 
1 66  GLU n 
1 67  ILE n 
1 68  ASN n 
1 69  PHE n 
1 70  LYS n 
1 71  VAL n 
1 72  GLY n 
1 73  GLU n 
1 74  GLU n 
1 75  PHE n 
1 76  GLU n 
1 77  GLU n 
1 78  GLN n 
1 79  THR n 
1 80  VAL n 
1 81  ASP n 
1 82  GLY n 
1 83  ARG n 
1 84  PRO n 
1 85  CYS n 
1 86  LYS n 
1 87  SER n 
1 88  LEU n 
1 89  VAL n 
1 90  LYS n 
1 91  TRP n 
1 92  GLU n 
1 93  SER n 
1 94  GLU n 
1 95  ASN n 
1 96  LYS n 
1 97  MET n 
1 98  VAL n 
1 99  CYS n 
1 100 GLU n 
1 101 GLN n 
1 102 LYS n 
1 103 LEU n 
1 104 LEU n 
1 105 LYS n 
1 106 GLY n 
1 107 GLU n 
1 108 GLY n 
1 109 PRO n 
1 110 LYS n 
1 111 THR n 
1 112 SER n 
1 113 TRP n 
1 114 THR n 
1 115 LYS n 
1 116 GLU n 
1 117 LEU n 
1 118 THR n 
1 119 ASN n 
1 120 ASP n 
1 121 GLY n 
1 122 GLU n 
1 123 LEU n 
1 124 ILE n 
1 125 LEU n 
1 126 THR n 
1 127 MET n 
1 128 THR n 
1 129 ALA n 
1 130 ASP n 
1 131 ASP n 
1 132 VAL n 
1 133 VAL n 
1 134 CYS n 
1 135 THR n 
1 136 GLN n 
1 137 VAL n 
1 138 PHE n 
1 139 VAL n 
1 140 ARG n 
1 141 GLU n 
# 
_entity_src_gen.entity_id                          1 
_entity_src_gen.pdbx_src_id                        1 
_entity_src_gen.pdbx_alt_source_flag               sample 
_entity_src_gen.pdbx_seq_type                      'Biological sequence' 
_entity_src_gen.pdbx_beg_seq_num                   1 
_entity_src_gen.pdbx_end_seq_num                   141 
_entity_src_gen.gene_src_common_name               Human 
_entity_src_gen.gene_src_genus                     ? 
_entity_src_gen.pdbx_gene_src_gene                 CRABP2 
_entity_src_gen.gene_src_species                   ? 
_entity_src_gen.gene_src_strain                    ? 
_entity_src_gen.gene_src_tissue                    ? 
_entity_src_gen.gene_src_tissue_fraction           ? 
_entity_src_gen.gene_src_details                   ? 
_entity_src_gen.pdbx_gene_src_fragment             ? 
_entity_src_gen.pdbx_gene_src_scientific_name      'Homo sapiens' 
_entity_src_gen.pdbx_gene_src_ncbi_taxonomy_id     9606 
_entity_src_gen.pdbx_gene_src_variant              ? 
_entity_src_gen.pdbx_gene_src_cell_line            ? 
_entity_src_gen.pdbx_gene_src_atcc                 ? 
_entity_src_gen.pdbx_gene_src_organ                ? 
_entity_src_gen.pdbx_gene_src_organelle            ? 
_entity_src_gen.pdbx_gene_src_cell                 ? 
_entity_src_gen.pdbx_gene_src_cellular_location    ? 
_entity_src_gen.host_org_common_name               ? 
_entity_src_gen.pdbx_host_org_scientific_name      'Escherichia coli BL21(DE3)' 
_entity_src_gen.pdbx_host_org_ncbi_taxonomy_id     469008 
_entity_src_gen.host_org_genus                     ? 
_entity_src_gen.pdbx_host_org_gene                 ? 
_entity_src_gen.pdbx_host_org_organ                ? 
_entity_src_gen.host_org_species                   ? 
_entity_src_gen.pdbx_host_org_tissue               ? 
_entity_src_gen.pdbx_host_org_tissue_fraction      ? 
_entity_src_gen.pdbx_host_org_strain               ? 
_entity_src_gen.pdbx_host_org_variant              ? 
_entity_src_gen.pdbx_host_org_cell_line            ? 
_entity_src_gen.pdbx_host_org_atcc                 ? 
_entity_src_gen.pdbx_host_org_culture_collection   ? 
_entity_src_gen.pdbx_host_org_cell                 ? 
_entity_src_gen.pdbx_host_org_organelle            ? 
_entity_src_gen.pdbx_host_org_cellular_location    ? 
_entity_src_gen.pdbx_host_org_vector_type          PLASMID 
_entity_src_gen.pdbx_host_org_vector               ? 
_entity_src_gen.host_org_details                   ? 
_entity_src_gen.expression_system_id               ? 
_entity_src_gen.plasmid_name                       pET15b 
_entity_src_gen.plasmid_details                    ? 
_entity_src_gen.pdbx_description                   ? 
# 
loop_
_chem_comp.id 
_chem_comp.type 
_chem_comp.mon_nstd_flag 
_chem_comp.name 
_chem_comp.pdbx_synonyms 
_chem_comp.formula 
_chem_comp.formula_weight 
ALA 'L-peptide linking' y ALANINE                                                             ? 'C3 H7 N O2'     89.093  
ARG 'L-peptide linking' y ARGININE                                                            ? 'C6 H15 N4 O2 1' 175.209 
ASN 'L-peptide linking' y ASPARAGINE                                                          ? 'C4 H8 N2 O3'    132.118 
ASP 'L-peptide linking' y 'ASPARTIC ACID'                                                     ? 'C4 H7 N O4'     133.103 
CYS 'L-peptide linking' y CYSTEINE                                                            ? 'C3 H7 N O2 S'   121.158 
GLN 'L-peptide linking' y GLUTAMINE                                                           ? 'C5 H10 N2 O3'   146.144 
GLU 'L-peptide linking' y 'GLUTAMIC ACID'                                                     ? 'C5 H9 N O4'     147.129 
GLY 'peptide linking'   y GLYCINE                                                             ? 'C2 H5 N O2'     75.067  
HIS 'L-peptide linking' y HISTIDINE                                                           ? 'C6 H10 N3 O2 1' 156.162 
HOH non-polymer         . WATER                                                               ? 'H2 O'           18.015  
ILE 'L-peptide linking' y ISOLEUCINE                                                          ? 'C6 H13 N O2'    131.173 
LEU 'L-peptide linking' y LEUCINE                                                             ? 'C6 H13 N O2'    131.173 
LYS 'L-peptide linking' y LYSINE                                                              ? 'C6 H15 N2 O2 1' 147.195 
MET 'L-peptide linking' y METHIONINE                                                          ? 'C5 H11 N O2 S'  149.211 
PHE 'L-peptide linking' y PHENYLALANINE                                                       ? 'C9 H11 N O2'    165.189 
PRO 'L-peptide linking' y PROLINE                                                             ? 'C5 H9 N O2'     115.130 
Q5W non-polymer         . 'methyl (~{Z})-3-(6-ethynylnaphthalen-2-yl)-2-methyl-prop-2-enoate' ? 'C17 H14 O2'     250.292 
SER 'L-peptide linking' y SERINE                                                              ? 'C3 H7 N O3'     105.093 
THR 'L-peptide linking' y THREONINE                                                           ? 'C4 H9 N O3'     119.119 
TRP 'L-peptide linking' y TRYPTOPHAN                                                          ? 'C11 H12 N2 O2'  204.225 
TYR 'L-peptide linking' y TYROSINE                                                            ? 'C9 H11 N O3'    181.189 
VAL 'L-peptide linking' y VALINE                                                              ? 'C5 H11 N O2'    117.146 
# 
loop_
_pdbx_poly_seq_scheme.asym_id 
_pdbx_poly_seq_scheme.entity_id 
_pdbx_poly_seq_scheme.seq_id 
_pdbx_poly_seq_scheme.mon_id 
_pdbx_poly_seq_scheme.ndb_seq_num 
_pdbx_poly_seq_scheme.pdb_seq_num 
_pdbx_poly_seq_scheme.auth_seq_num 
_pdbx_poly_seq_scheme.pdb_mon_id 
_pdbx_poly_seq_scheme.auth_mon_id 
_pdbx_poly_seq_scheme.pdb_strand_id 
_pdbx_poly_seq_scheme.pdb_ins_code 
_pdbx_poly_seq_scheme.hetero 
A 1 1   GLY 1   -3  ?   ?   ?   A . n 
A 1 2   SER 2   -2  ?   ?   ?   A . n 
A 1 3   HIS 3   -1  ?   ?   ?   A . n 
A 1 4   MET 4   0   0   MET MET A . n 
A 1 5   PRO 5   1   1   PRO PRO A . n 
A 1 6   ASN 6   2   2   ASN ASN A . n 
A 1 7   PHE 7   3   3   PHE PHE A . n 
A 1 8   SER 8   4   4   SER SER A . n 
A 1 9   GLY 9   5   5   GLY GLY A . n 
A 1 10  ASN 10  6   6   ASN ASN A . n 
A 1 11  TRP 11  7   7   TRP TRP A . n 
A 1 12  LYS 12  8   8   LYS LYS A . n 
A 1 13  ILE 13  9   9   ILE ILE A . n 
A 1 14  ILE 14  10  10  ILE ILE A . n 
A 1 15  ARG 15  11  11  ARG ARG A . n 
A 1 16  SER 16  12  12  SER SER A . n 
A 1 17  GLU 17  13  13  GLU GLU A . n 
A 1 18  ASN 18  14  14  ASN ASN A . n 
A 1 19  PHE 19  15  15  PHE PHE A . n 
A 1 20  GLU 20  16  16  GLU GLU A . n 
A 1 21  GLU 21  17  17  GLU GLU A . n 
A 1 22  LEU 22  18  18  LEU LEU A . n 
A 1 23  LEU 23  19  19  LEU LEU A . n 
A 1 24  LYS 24  20  20  LYS LYS A . n 
A 1 25  VAL 25  21  21  VAL VAL A . n 
A 1 26  LEU 26  22  22  LEU LEU A . n 
A 1 27  GLY 27  23  23  GLY GLY A . n 
A 1 28  VAL 28  24  24  VAL VAL A . n 
A 1 29  ASN 29  25  25  ASN ASN A . n 
A 1 30  VAL 30  26  26  VAL VAL A . n 
A 1 31  MET 31  27  27  MET MET A . n 
A 1 32  LEU 32  28  28  LEU LEU A . n 
A 1 33  ARG 33  29  29  ARG ARG A . n 
A 1 34  LYS 34  30  30  LYS LYS A . n 
A 1 35  ILE 35  31  31  ILE ILE A . n 
A 1 36  ALA 36  32  32  ALA ALA A . n 
A 1 37  VAL 37  33  33  VAL VAL A . n 
A 1 38  ALA 38  34  34  ALA ALA A . n 
A 1 39  ALA 39  35  35  ALA ALA A . n 
A 1 40  ALA 40  36  36  ALA ALA A . n 
A 1 41  SER 41  37  37  SER SER A . n 
A 1 42  LYS 42  38  38  LYS LYS A . n 
A 1 43  TYR 43  39  39  TYR TYR A . n 
A 1 44  ALA 44  40  40  ALA ALA A . n 
A 1 45  VAL 45  41  41  VAL VAL A . n 
A 1 46  GLU 46  42  42  GLU GLU A . n 
A 1 47  ILE 47  43  43  ILE ILE A . n 
A 1 48  LYS 48  44  44  LYS LYS A . n 
A 1 49  GLN 49  45  45  GLN GLN A . n 
A 1 50  GLU 50  46  46  GLU GLU A . n 
A 1 51  GLY 51  47  47  GLY GLY A . n 
A 1 52  ASP 52  48  48  ASP ASP A . n 
A 1 53  THR 53  49  49  THR THR A . n 
A 1 54  PHE 54  50  50  PHE PHE A . n 
A 1 55  TYR 55  51  51  TYR TYR A . n 
A 1 56  ILE 56  52  52  ILE ILE A . n 
A 1 57  LYS 57  53  53  LYS LYS A . n 
A 1 58  VAL 58  54  54  VAL VAL A . n 
A 1 59  SER 59  55  55  SER SER A . n 
A 1 60  THR 60  56  56  THR THR A . n 
A 1 61  THR 61  57  57  THR THR A . n 
A 1 62  VAL 62  58  58  VAL VAL A . n 
A 1 63  TYR 63  59  59  TYR TYR A . n 
A 1 64  THR 64  60  60  THR THR A . n 
A 1 65  THR 65  61  61  THR THR A . n 
A 1 66  GLU 66  62  62  GLU GLU A . n 
A 1 67  ILE 67  63  63  ILE ILE A . n 
A 1 68  ASN 68  64  64  ASN ASN A . n 
A 1 69  PHE 69  65  65  PHE PHE A . n 
A 1 70  LYS 70  66  66  LYS LYS A . n 
A 1 71  VAL 71  67  67  VAL VAL A . n 
A 1 72  GLY 72  68  68  GLY GLY A . n 
A 1 73  GLU 73  69  69  GLU GLU A . n 
A 1 74  GLU 74  70  70  GLU GLU A . n 
A 1 75  PHE 75  71  71  PHE PHE A . n 
A 1 76  GLU 76  72  72  GLU GLU A . n 
A 1 77  GLU 77  73  73  GLU GLU A . n 
A 1 78  GLN 78  74  74  GLN GLN A . n 
A 1 79  THR 79  75  75  THR THR A . n 
A 1 80  VAL 80  76  76  VAL VAL A . n 
A 1 81  ASP 81  77  77  ASP ASP A . n 
A 1 82  GLY 82  78  78  GLY GLY A . n 
A 1 83  ARG 83  79  79  ARG ARG A . n 
A 1 84  PRO 84  80  80  PRO PRO A . n 
A 1 85  CYS 85  81  81  CYS CYS A . n 
A 1 86  LYS 86  82  82  LYS LYS A . n 
A 1 87  SER 87  83  83  SER SER A . n 
A 1 88  LEU 88  84  84  LEU LEU A . n 
A 1 89  VAL 89  85  85  VAL VAL A . n 
A 1 90  LYS 90  86  86  LYS LYS A . n 
A 1 91  TRP 91  87  87  TRP TRP A . n 
A 1 92  GLU 92  88  88  GLU GLU A . n 
A 1 93  SER 93  89  89  SER SER A . n 
A 1 94  GLU 94  90  90  GLU GLU A . n 
A 1 95  ASN 95  91  91  ASN ASN A . n 
A 1 96  LYS 96  92  92  LYS LYS A . n 
A 1 97  MET 97  93  93  MET MET A . n 
A 1 98  VAL 98  94  94  VAL VAL A . n 
A 1 99  CYS 99  95  95  CYS CYS A . n 
A 1 100 GLU 100 96  96  GLU GLU A . n 
A 1 101 GLN 101 97  97  GLN GLN A . n 
A 1 102 LYS 102 98  98  LYS LYS A . n 
A 1 103 LEU 103 99  99  LEU LEU A . n 
A 1 104 LEU 104 100 100 LEU LEU A . n 
A 1 105 LYS 105 101 101 LYS LYS A . n 
A 1 106 GLY 106 102 102 GLY GLY A . n 
A 1 107 GLU 107 103 103 GLU GLU A . n 
A 1 108 GLY 108 104 104 GLY GLY A . n 
A 1 109 PRO 109 105 105 PRO PRO A . n 
A 1 110 LYS 110 106 106 LYS LYS A . n 
A 1 111 THR 111 107 107 THR THR A . n 
A 1 112 SER 112 108 108 SER SER A . n 
A 1 113 TRP 113 109 109 TRP TRP A . n 
A 1 114 THR 114 110 110 THR THR A . n 
A 1 115 LYS 115 111 111 LYS LYS A . n 
A 1 116 GLU 116 112 112 GLU GLU A . n 
A 1 117 LEU 117 113 113 LEU LEU A . n 
A 1 118 THR 118 114 114 THR THR A . n 
A 1 119 ASN 119 115 115 ASN ASN A . n 
A 1 120 ASP 120 116 116 ASP ASP A . n 
A 1 121 GLY 121 117 117 GLY GLY A . n 
A 1 122 GLU 122 118 118 GLU GLU A . n 
A 1 123 LEU 123 119 119 LEU LEU A . n 
A 1 124 ILE 124 120 120 ILE ILE A . n 
A 1 125 LEU 125 121 121 LEU LEU A . n 
A 1 126 THR 126 122 122 THR THR A . n 
A 1 127 MET 127 123 123 MET MET A . n 
A 1 128 THR 128 124 124 THR THR A . n 
A 1 129 ALA 129 125 125 ALA ALA A . n 
A 1 130 ASP 130 126 126 ASP ASP A . n 
A 1 131 ASP 131 127 127 ASP ASP A . n 
A 1 132 VAL 132 128 128 VAL VAL A . n 
A 1 133 VAL 133 129 129 VAL VAL A . n 
A 1 134 CYS 134 130 130 CYS CYS A . n 
A 1 135 THR 135 131 131 THR THR A . n 
A 1 136 GLN 136 132 132 GLN GLN A . n 
A 1 137 VAL 137 133 133 VAL VAL A . n 
A 1 138 PHE 138 134 134 PHE PHE A . n 
A 1 139 VAL 139 135 135 VAL VAL A . n 
A 1 140 ARG 140 136 136 ARG ARG A . n 
A 1 141 GLU 141 137 137 GLU GLU A . n 
# 
_pdbx_entity_instance_feature.ordinal        1 
_pdbx_entity_instance_feature.comp_id        Q5W 
_pdbx_entity_instance_feature.asym_id        ? 
_pdbx_entity_instance_feature.seq_num        ? 
_pdbx_entity_instance_feature.auth_comp_id   Q5W 
_pdbx_entity_instance_feature.auth_asym_id   ? 
_pdbx_entity_instance_feature.auth_seq_num   ? 
_pdbx_entity_instance_feature.feature_type   'SUBJECT OF INVESTIGATION' 
_pdbx_entity_instance_feature.details        ? 
# 
loop_
_pdbx_nonpoly_scheme.asym_id 
_pdbx_nonpoly_scheme.entity_id 
_pdbx_nonpoly_scheme.mon_id 
_pdbx_nonpoly_scheme.ndb_seq_num 
_pdbx_nonpoly_scheme.pdb_seq_num 
_pdbx_nonpoly_scheme.auth_seq_num 
_pdbx_nonpoly_scheme.pdb_mon_id 
_pdbx_nonpoly_scheme.auth_mon_id 
_pdbx_nonpoly_scheme.pdb_strand_id 
_pdbx_nonpoly_scheme.pdb_ins_code 
B 2 Q5W 1  201 201 Q5W UNL A . 
C 3 HOH 1  301 11  HOH HOH A . 
C 3 HOH 2  302 12  HOH HOH A . 
C 3 HOH 3  303 8   HOH HOH A . 
C 3 HOH 4  304 16  HOH HOH A . 
C 3 HOH 5  305 14  HOH HOH A . 
C 3 HOH 6  306 7   HOH HOH A . 
C 3 HOH 7  307 2   HOH HOH A . 
C 3 HOH 8  308 1   HOH HOH A . 
C 3 HOH 9  309 21  HOH HOH A . 
C 3 HOH 10 310 4   HOH HOH A . 
C 3 HOH 11 311 15  HOH HOH A . 
C 3 HOH 12 312 6   HOH HOH A . 
C 3 HOH 13 313 17  HOH HOH A . 
C 3 HOH 14 314 19  HOH HOH A . 
C 3 HOH 15 315 20  HOH HOH A . 
C 3 HOH 16 316 18  HOH HOH A . 
# 
loop_
_pdbx_unobs_or_zero_occ_atoms.id 
_pdbx_unobs_or_zero_occ_atoms.PDB_model_num 
_pdbx_unobs_or_zero_occ_atoms.polymer_flag 
_pdbx_unobs_or_zero_occ_atoms.occupancy_flag 
_pdbx_unobs_or_zero_occ_atoms.auth_asym_id 
_pdbx_unobs_or_zero_occ_atoms.auth_comp_id 
_pdbx_unobs_or_zero_occ_atoms.auth_seq_id 
_pdbx_unobs_or_zero_occ_atoms.PDB_ins_code 
_pdbx_unobs_or_zero_occ_atoms.auth_atom_id 
_pdbx_unobs_or_zero_occ_atoms.label_alt_id 
_pdbx_unobs_or_zero_occ_atoms.label_asym_id 
_pdbx_unobs_or_zero_occ_atoms.label_comp_id 
_pdbx_unobs_or_zero_occ_atoms.label_seq_id 
_pdbx_unobs_or_zero_occ_atoms.label_atom_id 
1  1 Y 1 A GLU 13  ? CD  ? A GLU 17  CD  
2  1 Y 1 A GLU 13  ? OE1 ? A GLU 17  OE1 
3  1 Y 1 A GLU 13  ? OE2 ? A GLU 17  OE2 
4  1 Y 1 A LYS 38  ? CD  ? A LYS 42  CD  
5  1 Y 1 A LYS 38  ? CE  ? A LYS 42  CE  
6  1 Y 1 A LYS 38  ? NZ  ? A LYS 42  NZ  
7  1 Y 1 A LYS 44  ? CG  ? A LYS 48  CG  
8  1 Y 1 A LYS 44  ? CD  ? A LYS 48  CD  
9  1 Y 1 A LYS 44  ? CE  ? A LYS 48  CE  
10 1 Y 1 A LYS 44  ? NZ  ? A LYS 48  NZ  
11 1 Y 1 A GLU 46  ? CG  ? A GLU 50  CG  
12 1 Y 1 A GLU 46  ? CD  ? A GLU 50  CD  
13 1 Y 1 A GLU 46  ? OE1 ? A GLU 50  OE1 
14 1 Y 1 A GLU 46  ? OE2 ? A GLU 50  OE2 
15 1 Y 1 A LYS 66  ? CD  ? A LYS 70  CD  
16 1 Y 1 A LYS 66  ? CE  ? A LYS 70  CE  
17 1 Y 1 A LYS 66  ? NZ  ? A LYS 70  NZ  
18 1 Y 1 A GLU 72  ? CD  ? A GLU 76  CD  
19 1 Y 1 A GLU 72  ? OE1 ? A GLU 76  OE1 
20 1 Y 1 A GLU 72  ? OE2 ? A GLU 76  OE2 
21 1 Y 1 A GLN 74  ? CG  ? A GLN 78  CG  
22 1 Y 1 A GLN 74  ? CD  ? A GLN 78  CD  
23 1 Y 1 A GLN 74  ? OE1 ? A GLN 78  OE1 
24 1 Y 1 A GLN 74  ? NE2 ? A GLN 78  NE2 
25 1 Y 1 A LYS 82  ? CD  ? A LYS 86  CD  
26 1 Y 1 A LYS 82  ? CE  ? A LYS 86  CE  
27 1 Y 1 A LYS 82  ? NZ  ? A LYS 86  NZ  
28 1 Y 1 A LYS 98  ? CE  ? A LYS 102 CE  
29 1 Y 1 A LYS 98  ? NZ  ? A LYS 102 NZ  
30 1 Y 1 A LYS 101 ? CG  ? A LYS 105 CG  
31 1 Y 1 A LYS 101 ? CD  ? A LYS 105 CD  
32 1 Y 1 A LYS 101 ? CE  ? A LYS 105 CE  
33 1 Y 1 A LYS 101 ? NZ  ? A LYS 105 NZ  
34 1 Y 1 A LYS 106 ? CE  ? A LYS 110 CE  
35 1 Y 1 A LYS 106 ? NZ  ? A LYS 110 NZ  
36 1 Y 1 A ASP 127 ? OD1 ? A ASP 131 OD1 
37 1 Y 1 A ASP 127 ? OD2 ? A ASP 131 OD2 
# 
loop_
_software.citation_id 
_software.classification 
_software.compiler_name 
_software.compiler_version 
_software.contact_author 
_software.contact_author_email 
_software.date 
_software.description 
_software.dependencies 
_software.hardware 
_software.language 
_software.location 
_software.mods 
_software.name 
_software.os 
_software.os_version 
_software.type 
_software.version 
_software.pdbx_ordinal 
? refinement        ? ? ? ? ? ? ? ? ? ? ? REFMAC      ? ? ? 5.8.0258 1 
? 'data extraction' ? ? ? ? ? ? ? ? ? ? ? PDB_EXTRACT ? ? ? 3.25     2 
? 'data reduction'  ? ? ? ? ? ? ? ? ? ? ? XDS         ? ? ? .        3 
? 'data scaling'    ? ? ? ? ? ? ? ? ? ? ? SCALA       ? ? ? .        4 
? phasing           ? ? ? ? ? ? ? ? ? ? ? MOLREP      ? ? ? .        5 
# 
_cell.angle_alpha                  90.000 
_cell.angle_alpha_esd              ? 
_cell.angle_beta                   90.000 
_cell.angle_beta_esd               ? 
_cell.angle_gamma                  120.000 
_cell.angle_gamma_esd              ? 
_cell.entry_id                     6Z2Z 
_cell.details                      ? 
_cell.formula_units_Z              ? 
_cell.length_a                     58.794 
_cell.length_a_esd                 ? 
_cell.length_b                     58.794 
_cell.length_b_esd                 ? 
_cell.length_c                     101.152 
_cell.length_c_esd                 ? 
_cell.volume                       ? 
_cell.volume_esd                   ? 
_cell.Z_PDB                        6 
_cell.reciprocal_angle_alpha       ? 
_cell.reciprocal_angle_beta        ? 
_cell.reciprocal_angle_gamma       ? 
_cell.reciprocal_angle_alpha_esd   ? 
_cell.reciprocal_angle_beta_esd    ? 
_cell.reciprocal_angle_gamma_esd   ? 
_cell.reciprocal_length_a          ? 
_cell.reciprocal_length_b          ? 
_cell.reciprocal_length_c          ? 
_cell.reciprocal_length_a_esd      ? 
_cell.reciprocal_length_b_esd      ? 
_cell.reciprocal_length_c_esd      ? 
_cell.pdbx_unique_axis             ? 
# 
_symmetry.entry_id                         6Z2Z 
_symmetry.cell_setting                     ? 
_symmetry.Int_Tables_number                152 
_symmetry.space_group_name_Hall            ? 
_symmetry.space_group_name_H-M             'P 31 2 1' 
_symmetry.pdbx_full_space_group_name_H-M   ? 
# 
_exptl.absorpt_coefficient_mu     ? 
_exptl.absorpt_correction_T_max   ? 
_exptl.absorpt_correction_T_min   ? 
_exptl.absorpt_correction_type    ? 
_exptl.absorpt_process_details    ? 
_exptl.entry_id                   6Z2Z 
_exptl.crystals_number            1 
_exptl.details                    ? 
_exptl.method                     'X-RAY DIFFRACTION' 
_exptl.method_details             ? 
# 
_exptl_crystal.colour                      ? 
_exptl_crystal.density_diffrn              ? 
_exptl_crystal.density_Matthews            3.18 
_exptl_crystal.density_method              ? 
_exptl_crystal.density_percent_sol         61.36 
_exptl_crystal.description                 ? 
_exptl_crystal.F_000                       ? 
_exptl_crystal.id                          1 
_exptl_crystal.preparation                 ? 
_exptl_crystal.size_max                    ? 
_exptl_crystal.size_mid                    ? 
_exptl_crystal.size_min                    ? 
_exptl_crystal.size_rad                    ? 
_exptl_crystal.colour_lustre               ? 
_exptl_crystal.colour_modifier             ? 
_exptl_crystal.colour_primary              ? 
_exptl_crystal.density_meas                ? 
_exptl_crystal.density_meas_esd            ? 
_exptl_crystal.density_meas_gt             ? 
_exptl_crystal.density_meas_lt             ? 
_exptl_crystal.density_meas_temp           ? 
_exptl_crystal.density_meas_temp_esd       ? 
_exptl_crystal.density_meas_temp_gt        ? 
_exptl_crystal.density_meas_temp_lt        ? 
_exptl_crystal.pdbx_crystal_image_url      ? 
_exptl_crystal.pdbx_crystal_image_format   ? 
_exptl_crystal.pdbx_mosaicity              ? 
_exptl_crystal.pdbx_mosaicity_esd          ? 
# 
_exptl_crystal_grow.apparatus       ? 
_exptl_crystal_grow.atmosphere      ? 
_exptl_crystal_grow.crystal_id      1 
_exptl_crystal_grow.details         ? 
_exptl_crystal_grow.method          'VAPOR DIFFUSION, SITTING DROP' 
_exptl_crystal_grow.method_ref      ? 
_exptl_crystal_grow.pH              ? 
_exptl_crystal_grow.pressure        ? 
_exptl_crystal_grow.pressure_esd    ? 
_exptl_crystal_grow.seeding         ? 
_exptl_crystal_grow.seeding_ref     ? 
_exptl_crystal_grow.temp            281 
_exptl_crystal_grow.temp_details    ? 
_exptl_crystal_grow.temp_esd        ? 
_exptl_crystal_grow.time            ? 
_exptl_crystal_grow.pdbx_details    '0.2 M sodium malonate pH 7 and 20% w/v polyethylene glycol 3,350' 
_exptl_crystal_grow.pdbx_pH_range   6.0-7.0 
# 
_diffrn.ambient_environment              ? 
_diffrn.ambient_temp                     100 
_diffrn.ambient_temp_details             ? 
_diffrn.ambient_temp_esd                 ? 
_diffrn.crystal_id                       1 
_diffrn.crystal_support                  ? 
_diffrn.crystal_treatment                ? 
_diffrn.details                          ? 
_diffrn.id                               1 
_diffrn.ambient_pressure                 ? 
_diffrn.ambient_pressure_esd             ? 
_diffrn.ambient_pressure_gt              ? 
_diffrn.ambient_pressure_lt              ? 
_diffrn.ambient_temp_gt                  ? 
_diffrn.ambient_temp_lt                  ? 
_diffrn.pdbx_serial_crystal_experiment   N 
# 
_diffrn_detector.details                      ? 
_diffrn_detector.detector                     PIXEL 
_diffrn_detector.diffrn_id                    1 
_diffrn_detector.type                         'DECTRIS EIGER2 XE 16M' 
_diffrn_detector.area_resol_mean              ? 
_diffrn_detector.dtime                        ? 
_diffrn_detector.pdbx_frames_total            ? 
_diffrn_detector.pdbx_collection_time_total   ? 
_diffrn_detector.pdbx_collection_date         2019-03-03 
_diffrn_detector.pdbx_frequency               ? 
# 
_diffrn_radiation.collimation                      ? 
_diffrn_radiation.diffrn_id                        1 
_diffrn_radiation.filter_edge                      ? 
_diffrn_radiation.inhomogeneity                    ? 
_diffrn_radiation.monochromator                    'Si(111)' 
_diffrn_radiation.polarisn_norm                    ? 
_diffrn_radiation.polarisn_ratio                   ? 
_diffrn_radiation.probe                            ? 
_diffrn_radiation.type                             ? 
_diffrn_radiation.xray_symbol                      ? 
_diffrn_radiation.wavelength_id                    1 
_diffrn_radiation.pdbx_monochromatic_or_laue_m_l   M 
_diffrn_radiation.pdbx_wavelength_list             ? 
_diffrn_radiation.pdbx_wavelength                  ? 
_diffrn_radiation.pdbx_diffrn_protocol             'SINGLE WAVELENGTH' 
_diffrn_radiation.pdbx_analyzer                    ? 
_diffrn_radiation.pdbx_scattering_type             x-ray 
# 
_diffrn_radiation_wavelength.id           1 
_diffrn_radiation_wavelength.wavelength   0.97625 
_diffrn_radiation_wavelength.wt           1.0 
# 
_diffrn_source.current                     ? 
_diffrn_source.details                     ? 
_diffrn_source.diffrn_id                   1 
_diffrn_source.power                       ? 
_diffrn_source.size                        ? 
_diffrn_source.source                      SYNCHROTRON 
_diffrn_source.target                      ? 
_diffrn_source.type                        'DIAMOND BEAMLINE I03' 
_diffrn_source.voltage                     ? 
_diffrn_source.take-off_angle              ? 
_diffrn_source.pdbx_wavelength_list        0.97625 
_diffrn_source.pdbx_wavelength             ? 
_diffrn_source.pdbx_synchrotron_beamline   I03 
_diffrn_source.pdbx_synchrotron_site       Diamond 
# 
_reflns.B_iso_Wilson_estimate            54.0 
_reflns.entry_id                         6Z2Z 
_reflns.data_reduction_details           ? 
_reflns.data_reduction_method            ? 
_reflns.d_resolution_high                2.55 
_reflns.d_resolution_low                 101.15 
_reflns.details                          ? 
_reflns.limit_h_max                      ? 
_reflns.limit_h_min                      ? 
_reflns.limit_k_max                      ? 
_reflns.limit_k_min                      ? 
_reflns.limit_l_max                      ? 
_reflns.limit_l_min                      ? 
_reflns.number_all                       ? 
_reflns.number_obs                       6999 
_reflns.observed_criterion               ? 
_reflns.observed_criterion_F_max         ? 
_reflns.observed_criterion_F_min         ? 
_reflns.observed_criterion_I_max         ? 
_reflns.observed_criterion_I_min         ? 
_reflns.observed_criterion_sigma_F       ? 
_reflns.observed_criterion_sigma_I       ? 
_reflns.percent_possible_obs             100.0 
_reflns.R_free_details                   ? 
_reflns.Rmerge_F_all                     ? 
_reflns.Rmerge_F_obs                     ? 
_reflns.Friedel_coverage                 ? 
_reflns.number_gt                        ? 
_reflns.threshold_expression             ? 
_reflns.pdbx_redundancy                  7.9 
_reflns.pdbx_Rmerge_I_obs                0.060 
_reflns.pdbx_Rmerge_I_all                ? 
_reflns.pdbx_Rsym_value                  ? 
_reflns.pdbx_netI_over_av_sigmaI         ? 
_reflns.pdbx_netI_over_sigmaI            16.6 
_reflns.pdbx_res_netI_over_av_sigmaI_2   ? 
_reflns.pdbx_res_netI_over_sigmaI_2      ? 
_reflns.pdbx_chi_squared                 ? 
_reflns.pdbx_scaling_rejects             ? 
_reflns.pdbx_d_res_high_opt              ? 
_reflns.pdbx_d_res_low_opt               ? 
_reflns.pdbx_d_res_opt_method            ? 
_reflns.phase_calculation_details        ? 
_reflns.pdbx_Rrim_I_all                  0.064 
_reflns.pdbx_Rpim_I_all                  0.023 
_reflns.pdbx_d_opt                       ? 
_reflns.pdbx_number_measured_all         ? 
_reflns.pdbx_diffrn_id                   1 
_reflns.pdbx_ordinal                     1 
_reflns.pdbx_CC_half                     0.997 
_reflns.pdbx_CC_star                     ? 
_reflns.pdbx_R_split                     ? 
# 
_reflns_shell.d_res_high                  2.55 
_reflns_shell.d_res_low                   2.69 
_reflns_shell.meanI_over_sigI_all         ? 
_reflns_shell.meanI_over_sigI_obs         3.5 
_reflns_shell.number_measured_all         ? 
_reflns_shell.number_measured_obs         ? 
_reflns_shell.number_possible             ? 
_reflns_shell.number_unique_all           ? 
_reflns_shell.number_unique_obs           986 
_reflns_shell.percent_possible_all        100.0 
_reflns_shell.percent_possible_obs        ? 
_reflns_shell.Rmerge_F_all                ? 
_reflns_shell.Rmerge_F_obs                ? 
_reflns_shell.Rmerge_I_all                ? 
_reflns_shell.Rmerge_I_obs                0.454 
_reflns_shell.meanI_over_sigI_gt          ? 
_reflns_shell.meanI_over_uI_all           ? 
_reflns_shell.meanI_over_uI_gt            ? 
_reflns_shell.number_measured_gt          ? 
_reflns_shell.number_unique_gt            ? 
_reflns_shell.percent_possible_gt         ? 
_reflns_shell.Rmerge_F_gt                 ? 
_reflns_shell.Rmerge_I_gt                 ? 
_reflns_shell.pdbx_redundancy             8.0 
_reflns_shell.pdbx_Rsym_value             ? 
_reflns_shell.pdbx_chi_squared            ? 
_reflns_shell.pdbx_netI_over_sigmaI_all   ? 
_reflns_shell.pdbx_netI_over_sigmaI_obs   ? 
_reflns_shell.pdbx_Rrim_I_all             0.485 
_reflns_shell.pdbx_Rpim_I_all             0.170 
_reflns_shell.pdbx_rejects                ? 
_reflns_shell.pdbx_ordinal                1 
_reflns_shell.pdbx_diffrn_id              1 
_reflns_shell.pdbx_CC_half                0.948 
_reflns_shell.pdbx_CC_star                ? 
_reflns_shell.pdbx_R_split                ? 
# 
_refine.aniso_B[1][1]                            0.1300 
_refine.aniso_B[1][2]                            0.0600 
_refine.aniso_B[1][3]                            0.0000 
_refine.aniso_B[2][2]                            0.1300 
_refine.aniso_B[2][3]                            -0.0000 
_refine.aniso_B[3][3]                            -0.4100 
_refine.B_iso_max                                98.000 
_refine.B_iso_mean                               64.3700 
_refine.B_iso_min                                39.520 
_refine.correlation_coeff_Fo_to_Fc               0.9470 
_refine.correlation_coeff_Fo_to_Fc_free          0.9290 
_refine.details                                  'U VALUES      : REFINED INDIVIDUALLY' 
_refine.diff_density_max                         ? 
_refine.diff_density_max_esd                     ? 
_refine.diff_density_min                         ? 
_refine.diff_density_min_esd                     ? 
_refine.diff_density_rms                         ? 
_refine.diff_density_rms_esd                     ? 
_refine.entry_id                                 6Z2Z 
_refine.pdbx_refine_id                           'X-RAY DIFFRACTION' 
_refine.ls_abs_structure_details                 ? 
_refine.ls_abs_structure_Flack                   ? 
_refine.ls_abs_structure_Flack_esd               ? 
_refine.ls_abs_structure_Rogers                  ? 
_refine.ls_abs_structure_Rogers_esd              ? 
_refine.ls_d_res_high                            2.5500 
_refine.ls_d_res_low                             50.9200 
_refine.ls_extinction_coef                       ? 
_refine.ls_extinction_coef_esd                   ? 
_refine.ls_extinction_expression                 ? 
_refine.ls_extinction_method                     ? 
_refine.ls_goodness_of_fit_all                   ? 
_refine.ls_goodness_of_fit_all_esd               ? 
_refine.ls_goodness_of_fit_obs                   ? 
_refine.ls_goodness_of_fit_obs_esd               ? 
_refine.ls_hydrogen_treatment                    ? 
_refine.ls_matrix_type                           ? 
_refine.ls_number_constraints                    ? 
_refine.ls_number_parameters                     ? 
_refine.ls_number_reflns_all                     ? 
_refine.ls_number_reflns_obs                     6626 
_refine.ls_number_reflns_R_free                  343 
_refine.ls_number_reflns_R_work                  ? 
_refine.ls_number_restraints                     ? 
_refine.ls_percent_reflns_obs                    99.9400 
_refine.ls_percent_reflns_R_free                 4.9000 
_refine.ls_R_factor_all                          ? 
_refine.ls_R_factor_obs                          0.2078 
_refine.ls_R_factor_R_free                       0.2650 
_refine.ls_R_factor_R_free_error                 ? 
_refine.ls_R_factor_R_free_error_details         ? 
_refine.ls_R_factor_R_work                       0.2051 
_refine.ls_R_Fsqd_factor_obs                     ? 
_refine.ls_R_I_factor_obs                        ? 
_refine.ls_redundancy_reflns_all                 ? 
_refine.ls_redundancy_reflns_obs                 ? 
_refine.ls_restrained_S_all                      ? 
_refine.ls_restrained_S_obs                      ? 
_refine.ls_shift_over_esd_max                    ? 
_refine.ls_shift_over_esd_mean                   ? 
_refine.ls_structure_factor_coef                 ? 
_refine.ls_weighting_details                     ? 
_refine.ls_weighting_scheme                      ? 
_refine.ls_wR_factor_all                         ? 
_refine.ls_wR_factor_obs                         ? 
_refine.ls_wR_factor_R_free                      ? 
_refine.ls_wR_factor_R_work                      ? 
_refine.occupancy_max                            ? 
_refine.occupancy_min                            ? 
_refine.solvent_model_details                    MASK 
_refine.solvent_model_param_bsol                 ? 
_refine.solvent_model_param_ksol                 ? 
_refine.pdbx_R_complete                          ? 
_refine.ls_R_factor_gt                           ? 
_refine.ls_goodness_of_fit_gt                    ? 
_refine.ls_goodness_of_fit_ref                   ? 
_refine.ls_shift_over_su_max                     ? 
_refine.ls_shift_over_su_max_lt                  ? 
_refine.ls_shift_over_su_mean                    ? 
_refine.ls_shift_over_su_mean_lt                 ? 
_refine.pdbx_ls_sigma_I                          ? 
_refine.pdbx_ls_sigma_F                          0.000 
_refine.pdbx_ls_sigma_Fsqd                       ? 
_refine.pdbx_data_cutoff_high_absF               ? 
_refine.pdbx_data_cutoff_high_rms_absF           ? 
_refine.pdbx_data_cutoff_low_absF                ? 
_refine.pdbx_isotropic_thermal_model             ? 
_refine.pdbx_ls_cross_valid_method               THROUGHOUT 
_refine.pdbx_method_to_determine_struct          'MOLECULAR REPLACEMENT' 
_refine.pdbx_starting_model                      4YFP 
_refine.pdbx_stereochemistry_target_values       'MAXIMUM LIKELIHOOD' 
_refine.pdbx_R_Free_selection_details            RANDOM 
_refine.pdbx_stereochem_target_val_spec_case     ? 
_refine.pdbx_overall_ESU_R                       0.3750 
_refine.pdbx_overall_ESU_R_Free                  0.2800 
_refine.pdbx_solvent_vdw_probe_radii             1.2000 
_refine.pdbx_solvent_ion_probe_radii             0.8000 
_refine.pdbx_solvent_shrinkage_radii             0.8000 
_refine.pdbx_real_space_R                        ? 
_refine.pdbx_density_correlation                 ? 
_refine.pdbx_pd_number_of_powder_patterns        ? 
_refine.pdbx_pd_number_of_points                 ? 
_refine.pdbx_pd_meas_number_of_points            ? 
_refine.pdbx_pd_proc_ls_prof_R_factor            ? 
_refine.pdbx_pd_proc_ls_prof_wR_factor           ? 
_refine.pdbx_pd_Marquardt_correlation_coeff      ? 
_refine.pdbx_pd_Fsqrd_R_factor                   ? 
_refine.pdbx_pd_ls_matrix_band_width             ? 
_refine.pdbx_overall_phase_error                 ? 
_refine.pdbx_overall_SU_R_free_Cruickshank_DPI   ? 
_refine.pdbx_overall_SU_R_free_Blow_DPI          ? 
_refine.pdbx_overall_SU_R_Blow_DPI               ? 
_refine.pdbx_TLS_residual_ADP_flag               ? 
_refine.pdbx_diffrn_id                           1 
_refine.overall_SU_B                             10.6770 
_refine.overall_SU_ML                            0.2270 
_refine.overall_SU_R_Cruickshank_DPI             ? 
_refine.overall_SU_R_free                        ? 
_refine.overall_FOM_free_R_set                   ? 
_refine.overall_FOM_work_R_set                   ? 
_refine.pdbx_average_fsc_overall                 ? 
_refine.pdbx_average_fsc_work                    ? 
_refine.pdbx_average_fsc_free                    ? 
# 
_refine_analyze.entry_id                        6Z2Z 
_refine_analyze.pdbx_refine_id                  'X-RAY DIFFRACTION' 
_refine_analyze.Luzzati_coordinate_error_free   ? 
_refine_analyze.Luzzati_coordinate_error_obs    0.3404 
_refine_analyze.Luzzati_d_res_low_free          ? 
_refine_analyze.Luzzati_d_res_low_obs           ? 
_refine_analyze.Luzzati_sigma_a_free            ? 
_refine_analyze.Luzzati_sigma_a_free_details    ? 
_refine_analyze.Luzzati_sigma_a_obs             ? 
_refine_analyze.Luzzati_sigma_a_obs_details     ? 
_refine_analyze.number_disordered_residues      ? 
_refine_analyze.occupancy_sum_hydrogen          ? 
_refine_analyze.occupancy_sum_non_hydrogen      ? 
_refine_analyze.RG_d_res_high                   ? 
_refine_analyze.RG_d_res_low                    ? 
_refine_analyze.RG_free                         ? 
_refine_analyze.RG_work                         ? 
_refine_analyze.RG_free_work_ratio              ? 
_refine_analyze.pdbx_Luzzati_d_res_high_obs     ? 
# 
_refine_hist.pdbx_refine_id                   'X-RAY DIFFRACTION' 
_refine_hist.cycle_id                         final 
_refine_hist.details                          ? 
_refine_hist.d_res_high                       2.5500 
_refine_hist.d_res_low                        50.9200 
_refine_hist.number_atoms_solvent             16 
_refine_hist.number_atoms_total               1098 
_refine_hist.number_reflns_all                ? 
_refine_hist.number_reflns_obs                ? 
_refine_hist.number_reflns_R_free             ? 
_refine_hist.number_reflns_R_work             ? 
_refine_hist.R_factor_all                     ? 
_refine_hist.R_factor_obs                     ? 
_refine_hist.R_factor_R_free                  ? 
_refine_hist.R_factor_R_work                  ? 
_refine_hist.pdbx_number_residues_total       138 
_refine_hist.pdbx_B_iso_mean_ligand           66.71 
_refine_hist.pdbx_B_iso_mean_solvent          71.20 
_refine_hist.pdbx_number_atoms_protein        1063 
_refine_hist.pdbx_number_atoms_nucleic_acid   0 
_refine_hist.pdbx_number_atoms_ligand         19 
_refine_hist.pdbx_number_atoms_lipid          ? 
_refine_hist.pdbx_number_atoms_carb           ? 
_refine_hist.pdbx_pseudo_atom_details         ? 
# 
loop_
_refine_ls_restr.pdbx_refine_id 
_refine_ls_restr.criterion 
_refine_ls_restr.dev_ideal 
_refine_ls_restr.dev_ideal_target 
_refine_ls_restr.number 
_refine_ls_restr.rejects 
_refine_ls_restr.type 
_refine_ls_restr.weight 
_refine_ls_restr.pdbx_restraint_function 
'X-RAY DIFFRACTION' ? 0.012  0.012  1107 ? r_bond_refined_d       ? ? 
'X-RAY DIFFRACTION' ? 1.679  1.661  1502 ? r_angle_refined_deg    ? ? 
'X-RAY DIFFRACTION' ? 7.400  5.000  139  ? r_dihedral_angle_1_deg ? ? 
'X-RAY DIFFRACTION' ? 39.595 24.286 49   ? r_dihedral_angle_2_deg ? ? 
'X-RAY DIFFRACTION' ? 18.671 15.000 191  ? r_dihedral_angle_3_deg ? ? 
'X-RAY DIFFRACTION' ? 15.619 15.000 4    ? r_dihedral_angle_4_deg ? ? 
'X-RAY DIFFRACTION' ? 0.111  0.200  150  ? r_chiral_restr         ? ? 
'X-RAY DIFFRACTION' ? 0.007  0.020  828  ? r_gen_planes_refined   ? ? 
# 
_refine_ls_shell.pdbx_refine_id                   'X-RAY DIFFRACTION' 
_refine_ls_shell.d_res_high                       2.5500 
_refine_ls_shell.d_res_low                        2.6160 
_refine_ls_shell.number_reflns_all                490 
_refine_ls_shell.number_reflns_obs                ? 
_refine_ls_shell.number_reflns_R_free             24 
_refine_ls_shell.number_reflns_R_work             466 
_refine_ls_shell.percent_reflns_obs               99.8000 
_refine_ls_shell.percent_reflns_R_free            ? 
_refine_ls_shell.R_factor_all                     ? 
_refine_ls_shell.R_factor_obs                     ? 
_refine_ls_shell.R_factor_R_free                  0.2830 
_refine_ls_shell.R_factor_R_free_error            0.0000 
_refine_ls_shell.R_factor_R_work                  0.2610 
_refine_ls_shell.redundancy_reflns_all            ? 
_refine_ls_shell.redundancy_reflns_obs            ? 
_refine_ls_shell.wR_factor_all                    ? 
_refine_ls_shell.wR_factor_obs                    ? 
_refine_ls_shell.wR_factor_R_free                 ? 
_refine_ls_shell.wR_factor_R_work                 ? 
_refine_ls_shell.pdbx_R_complete                  ? 
_refine_ls_shell.pdbx_total_number_of_bins_used   20 
_refine_ls_shell.pdbx_phase_error                 ? 
_refine_ls_shell.pdbx_fsc_work                    ? 
_refine_ls_shell.pdbx_fsc_free                    ? 
# 
_struct.entry_id                     6Z2Z 
_struct.title                        
'M2 mutant (R111K:Y134F:T54V:R132Q:P39Y:R59Y) of human cellular retinoic acid binding protein II - 2a conjugate' 
_struct.pdbx_model_details           ? 
_struct.pdbx_formula_weight          ? 
_struct.pdbx_formula_weight_method   ? 
_struct.pdbx_model_type_details      ? 
_struct.pdbx_CASP_flag               N 
# 
_struct_keywords.entry_id        6Z2Z 
_struct_keywords.text            
'human cellular retinoic acid binding protein II, hCRABPII, conjugate, chromophore, M2, TRANSPORT PROTEIN' 
_struct_keywords.pdbx_keywords   'TRANSPORT PROTEIN' 
# 
loop_
_struct_asym.id 
_struct_asym.pdbx_blank_PDB_chainid_flag 
_struct_asym.pdbx_modified 
_struct_asym.entity_id 
_struct_asym.details 
A N N 1 ? 
B N N 2 ? 
C N N 3 ? 
# 
_struct_ref.id                         1 
_struct_ref.db_name                    UNP 
_struct_ref.db_code                    RABP2_HUMAN 
_struct_ref.pdbx_db_accession          P29373 
_struct_ref.pdbx_db_isoform            ? 
_struct_ref.entity_id                  1 
_struct_ref.pdbx_seq_one_letter_code   
;MPNFSGNWKIIRSENFEELLKVLGVNVMLRKIAVAAASKPAVEIKQEGDTFYIKTSTTVRTTEINFKVGEEFEEQTVDGR
PCKSLVKWESENKMVCEQKLLKGEGPKTSWTRELTNDGELILTMTADDVVCTRVYVRE
;
_struct_ref.pdbx_align_begin           1 
# 
_struct_ref_seq.align_id                      1 
_struct_ref_seq.ref_id                        1 
_struct_ref_seq.pdbx_PDB_id_code              6Z2Z 
_struct_ref_seq.pdbx_strand_id                A 
_struct_ref_seq.seq_align_beg                 4 
_struct_ref_seq.pdbx_seq_align_beg_ins_code   ? 
_struct_ref_seq.seq_align_end                 141 
_struct_ref_seq.pdbx_seq_align_end_ins_code   ? 
_struct_ref_seq.pdbx_db_accession             P29373 
_struct_ref_seq.db_align_beg                  1 
_struct_ref_seq.pdbx_db_align_beg_ins_code    ? 
_struct_ref_seq.db_align_end                  138 
_struct_ref_seq.pdbx_db_align_end_ins_code    ? 
_struct_ref_seq.pdbx_auth_seq_align_beg       0 
_struct_ref_seq.pdbx_auth_seq_align_end       137 
# 
loop_
_struct_ref_seq_dif.align_id 
_struct_ref_seq_dif.pdbx_pdb_id_code 
_struct_ref_seq_dif.mon_id 
_struct_ref_seq_dif.pdbx_pdb_strand_id 
_struct_ref_seq_dif.seq_num 
_struct_ref_seq_dif.pdbx_pdb_ins_code 
_struct_ref_seq_dif.pdbx_seq_db_name 
_struct_ref_seq_dif.pdbx_seq_db_accession_code 
_struct_ref_seq_dif.db_mon_id 
_struct_ref_seq_dif.pdbx_seq_db_seq_num 
_struct_ref_seq_dif.details 
_struct_ref_seq_dif.pdbx_auth_seq_num 
_struct_ref_seq_dif.pdbx_ordinal 
1 6Z2Z GLY A 1   ? UNP P29373 ?   ?   'expression tag'      -3  1 
1 6Z2Z SER A 2   ? UNP P29373 ?   ?   'expression tag'      -2  2 
1 6Z2Z HIS A 3   ? UNP P29373 ?   ?   'expression tag'      -1  3 
1 6Z2Z TYR A 43  ? UNP P29373 PRO 40  'engineered mutation' 39  4 
1 6Z2Z VAL A 58  ? UNP P29373 THR 55  'engineered mutation' 54  5 
1 6Z2Z TYR A 63  ? UNP P29373 ARG 60  'engineered mutation' 59  6 
1 6Z2Z LYS A 115 ? UNP P29373 ARG 112 'engineered mutation' 111 7 
1 6Z2Z GLN A 136 ? UNP P29373 ARG 133 'engineered mutation' 132 8 
1 6Z2Z PHE A 138 ? UNP P29373 TYR 135 'engineered mutation' 134 9 
# 
_pdbx_struct_assembly.id                   1 
_pdbx_struct_assembly.details              author_and_software_defined_assembly 
_pdbx_struct_assembly.method_details       PISA 
_pdbx_struct_assembly.oligomeric_details   monomeric 
_pdbx_struct_assembly.oligomeric_count     1 
# 
loop_
_pdbx_struct_assembly_prop.biol_id 
_pdbx_struct_assembly_prop.type 
_pdbx_struct_assembly_prop.value 
_pdbx_struct_assembly_prop.details 
1 'ABSA (A^2)' 0    ? 
1 MORE         0    ? 
1 'SSA (A^2)'  7610 ? 
# 
_pdbx_struct_assembly_gen.assembly_id       1 
_pdbx_struct_assembly_gen.oper_expression   1 
_pdbx_struct_assembly_gen.asym_id_list      A,B,C 
# 
_pdbx_struct_assembly_auth_evidence.id                     1 
_pdbx_struct_assembly_auth_evidence.assembly_id            1 
_pdbx_struct_assembly_auth_evidence.experimental_support   'gel filtration' 
_pdbx_struct_assembly_auth_evidence.details                ? 
# 
_pdbx_struct_oper_list.id                   1 
_pdbx_struct_oper_list.type                 'identity operation' 
_pdbx_struct_oper_list.name                 1_555 
_pdbx_struct_oper_list.symmetry_operation   x,y,z 
_pdbx_struct_oper_list.matrix[1][1]         1.0000000000 
_pdbx_struct_oper_list.matrix[1][2]         0.0000000000 
_pdbx_struct_oper_list.matrix[1][3]         0.0000000000 
_pdbx_struct_oper_list.vector[1]            0.0000000000 
_pdbx_struct_oper_list.matrix[2][1]         0.0000000000 
_pdbx_struct_oper_list.matrix[2][2]         1.0000000000 
_pdbx_struct_oper_list.matrix[2][3]         0.0000000000 
_pdbx_struct_oper_list.vector[2]            0.0000000000 
_pdbx_struct_oper_list.matrix[3][1]         0.0000000000 
_pdbx_struct_oper_list.matrix[3][2]         0.0000000000 
_pdbx_struct_oper_list.matrix[3][3]         1.0000000000 
_pdbx_struct_oper_list.vector[3]            0.0000000000 
# 
loop_
_struct_conf.conf_type_id 
_struct_conf.id 
_struct_conf.pdbx_PDB_helix_id 
_struct_conf.beg_label_comp_id 
_struct_conf.beg_label_asym_id 
_struct_conf.beg_label_seq_id 
_struct_conf.pdbx_beg_PDB_ins_code 
_struct_conf.end_label_comp_id 
_struct_conf.end_label_asym_id 
_struct_conf.end_label_seq_id 
_struct_conf.pdbx_end_PDB_ins_code 
_struct_conf.beg_auth_comp_id 
_struct_conf.beg_auth_asym_id 
_struct_conf.beg_auth_seq_id 
_struct_conf.end_auth_comp_id 
_struct_conf.end_auth_asym_id 
_struct_conf.end_auth_seq_id 
_struct_conf.pdbx_PDB_helix_class 
_struct_conf.details 
_struct_conf.pdbx_PDB_helix_length 
HELX_P HELX_P1 AA1 ASN A 18 ? LEU A 26 ? ASN A 14 LEU A 22 1 ? 9  
HELX_P HELX_P2 AA2 ASN A 29 ? ALA A 40 ? ASN A 25 ALA A 36 1 ? 12 
# 
_struct_conf_type.id          HELX_P 
_struct_conf_type.criteria    ? 
_struct_conf_type.reference   ? 
# 
_struct_conn.id                            covale1 
_struct_conn.conn_type_id                  covale 
_struct_conn.pdbx_leaving_atom_flag        none 
_struct_conn.pdbx_PDB_id                   ? 
_struct_conn.ptnr1_label_asym_id           A 
_struct_conn.ptnr1_label_comp_id           LYS 
_struct_conn.ptnr1_label_seq_id            115 
_struct_conn.ptnr1_label_atom_id           NZ 
_struct_conn.pdbx_ptnr1_label_alt_id       ? 
_struct_conn.pdbx_ptnr1_PDB_ins_code       ? 
_struct_conn.pdbx_ptnr1_standard_comp_id   ? 
_struct_conn.ptnr1_symmetry                1_555 
_struct_conn.ptnr2_label_asym_id           B 
_struct_conn.ptnr2_label_comp_id           Q5W 
_struct_conn.ptnr2_label_seq_id            . 
_struct_conn.ptnr2_label_atom_id           CAP 
_struct_conn.pdbx_ptnr2_label_alt_id       ? 
_struct_conn.pdbx_ptnr2_PDB_ins_code       ? 
_struct_conn.ptnr1_auth_asym_id            A 
_struct_conn.ptnr1_auth_comp_id            LYS 
_struct_conn.ptnr1_auth_seq_id             111 
_struct_conn.ptnr2_auth_asym_id            A 
_struct_conn.ptnr2_auth_comp_id            Q5W 
_struct_conn.ptnr2_auth_seq_id             201 
_struct_conn.ptnr2_symmetry                1_555 
_struct_conn.pdbx_ptnr3_label_atom_id      ? 
_struct_conn.pdbx_ptnr3_label_seq_id       ? 
_struct_conn.pdbx_ptnr3_label_comp_id      ? 
_struct_conn.pdbx_ptnr3_label_asym_id      ? 
_struct_conn.pdbx_ptnr3_label_alt_id       ? 
_struct_conn.pdbx_ptnr3_PDB_ins_code       ? 
_struct_conn.details                       ? 
_struct_conn.pdbx_dist_value               1.432 
_struct_conn.pdbx_value_order              ? 
_struct_conn.pdbx_role                     ? 
# 
_struct_conn_type.id          covale 
_struct_conn_type.criteria    ? 
_struct_conn_type.reference   ? 
# 
_pdbx_modification_feature.ordinal                            1 
_pdbx_modification_feature.label_comp_id                      Q5W 
_pdbx_modification_feature.label_asym_id                      B 
_pdbx_modification_feature.label_seq_id                       . 
_pdbx_modification_feature.label_alt_id                       ? 
_pdbx_modification_feature.modified_residue_label_comp_id     LYS 
_pdbx_modification_feature.modified_residue_label_asym_id     A 
_pdbx_modification_feature.modified_residue_label_seq_id      115 
_pdbx_modification_feature.modified_residue_label_alt_id      ? 
_pdbx_modification_feature.auth_comp_id                       Q5W 
_pdbx_modification_feature.auth_asym_id                       A 
_pdbx_modification_feature.auth_seq_id                        201 
_pdbx_modification_feature.PDB_ins_code                       ? 
_pdbx_modification_feature.symmetry                           1_555 
_pdbx_modification_feature.modified_residue_auth_comp_id      LYS 
_pdbx_modification_feature.modified_residue_auth_asym_id      A 
_pdbx_modification_feature.modified_residue_auth_seq_id       111 
_pdbx_modification_feature.modified_residue_PDB_ins_code      ? 
_pdbx_modification_feature.modified_residue_symmetry          1_555 
_pdbx_modification_feature.comp_id_linking_atom               CAP 
_pdbx_modification_feature.modified_residue_id_linking_atom   NZ 
_pdbx_modification_feature.modified_residue_id                LYS 
_pdbx_modification_feature.ref_pcm_id                         1 
_pdbx_modification_feature.ref_comp_id                        Q5W 
_pdbx_modification_feature.type                               None 
_pdbx_modification_feature.category                           'Covalent chemical modification' 
# 
_struct_sheet.id               AA1 
_struct_sheet.type             ? 
_struct_sheet.number_strands   10 
_struct_sheet.details          ? 
# 
loop_
_struct_sheet_order.sheet_id 
_struct_sheet_order.range_id_1 
_struct_sheet_order.range_id_2 
_struct_sheet_order.offset 
_struct_sheet_order.sense 
AA1 1 2  ? anti-parallel 
AA1 2 3  ? anti-parallel 
AA1 3 4  ? anti-parallel 
AA1 4 5  ? anti-parallel 
AA1 5 6  ? anti-parallel 
AA1 6 7  ? anti-parallel 
AA1 7 8  ? anti-parallel 
AA1 8 9  ? anti-parallel 
AA1 9 10 ? anti-parallel 
# 
loop_
_struct_sheet_range.sheet_id 
_struct_sheet_range.id 
_struct_sheet_range.beg_label_comp_id 
_struct_sheet_range.beg_label_asym_id 
_struct_sheet_range.beg_label_seq_id 
_struct_sheet_range.pdbx_beg_PDB_ins_code 
_struct_sheet_range.end_label_comp_id 
_struct_sheet_range.end_label_asym_id 
_struct_sheet_range.end_label_seq_id 
_struct_sheet_range.pdbx_end_PDB_ins_code 
_struct_sheet_range.beg_auth_comp_id 
_struct_sheet_range.beg_auth_asym_id 
_struct_sheet_range.beg_auth_seq_id 
_struct_sheet_range.end_auth_comp_id 
_struct_sheet_range.end_auth_asym_id 
_struct_sheet_range.end_auth_seq_id 
AA1 1  THR A 64  ? LYS A 70  ? THR A 60  LYS A 66  
AA1 2  THR A 53  ? SER A 59  ? THR A 49  SER A 55  
AA1 3  ALA A 44  ? GLU A 50  ? ALA A 40  GLU A 46  
AA1 4  GLY A 9   ? GLU A 17  ? GLY A 5   GLU A 13  
AA1 5  VAL A 132 ? ARG A 140 ? VAL A 128 ARG A 136 
AA1 6  GLU A 122 ? ALA A 129 ? GLU A 118 ALA A 125 
AA1 7  THR A 111 ? LEU A 117 ? THR A 107 LEU A 113 
AA1 8  LYS A 96  ? LEU A 103 ? LYS A 92  LEU A 99  
AA1 9  PRO A 84  ? SER A 93  ? PRO A 80  SER A 89  
AA1 10 PHE A 75  ? GLN A 78  ? PHE A 71  GLN A 74  
# 
loop_
_pdbx_struct_sheet_hbond.sheet_id 
_pdbx_struct_sheet_hbond.range_id_1 
_pdbx_struct_sheet_hbond.range_id_2 
_pdbx_struct_sheet_hbond.range_1_label_atom_id 
_pdbx_struct_sheet_hbond.range_1_label_comp_id 
_pdbx_struct_sheet_hbond.range_1_label_asym_id 
_pdbx_struct_sheet_hbond.range_1_label_seq_id 
_pdbx_struct_sheet_hbond.range_1_PDB_ins_code 
_pdbx_struct_sheet_hbond.range_1_auth_atom_id 
_pdbx_struct_sheet_hbond.range_1_auth_comp_id 
_pdbx_struct_sheet_hbond.range_1_auth_asym_id 
_pdbx_struct_sheet_hbond.range_1_auth_seq_id 
_pdbx_struct_sheet_hbond.range_2_label_atom_id 
_pdbx_struct_sheet_hbond.range_2_label_comp_id 
_pdbx_struct_sheet_hbond.range_2_label_asym_id 
_pdbx_struct_sheet_hbond.range_2_label_seq_id 
_pdbx_struct_sheet_hbond.range_2_PDB_ins_code 
_pdbx_struct_sheet_hbond.range_2_auth_atom_id 
_pdbx_struct_sheet_hbond.range_2_auth_comp_id 
_pdbx_struct_sheet_hbond.range_2_auth_asym_id 
_pdbx_struct_sheet_hbond.range_2_auth_seq_id 
AA1 1 2  O ILE A 67  ? O ILE A 63  N ILE A 56  ? N ILE A 52  
AA1 2 3  O LYS A 57  ? O LYS A 53  N GLU A 46  ? N GLU A 42  
AA1 3 4  O VAL A 45  ? O VAL A 41  N TRP A 11  ? N TRP A 7   
AA1 4 5  N ILE A 14  ? N ILE A 10  O VAL A 137 ? O VAL A 133 
AA1 5 6  O GLN A 136 ? O GLN A 132 N LEU A 125 ? N LEU A 121 
AA1 6 7  O THR A 128 ? O THR A 124 N SER A 112 ? N SER A 108 
AA1 7 8  O LYS A 115 ? O LYS A 111 N MET A 97  ? N MET A 93  
AA1 8 9  O LYS A 102 ? O LYS A 98  N LYS A 86  ? N LYS A 82  
AA1 9 10 O SER A 87  ? O SER A 83  N PHE A 75  ? N PHE A 71  
# 
_struct_site.id                   AC1 
_struct_site.pdbx_evidence_code   Software 
_struct_site.pdbx_auth_asym_id    A 
_struct_site.pdbx_auth_comp_id    Q5W 
_struct_site.pdbx_auth_seq_id     201 
_struct_site.pdbx_auth_ins_code   ? 
_struct_site.pdbx_num_residues    8 
_struct_site.details              'binding site for residue Q5W A 201' 
# 
loop_
_struct_site_gen.id 
_struct_site_gen.site_id 
_struct_site_gen.pdbx_num_res 
_struct_site_gen.label_comp_id 
_struct_site_gen.label_asym_id 
_struct_site_gen.label_seq_id 
_struct_site_gen.pdbx_auth_ins_code 
_struct_site_gen.auth_comp_id 
_struct_site_gen.auth_asym_id 
_struct_site_gen.auth_seq_id 
_struct_site_gen.label_atom_id 
_struct_site_gen.label_alt_id 
_struct_site_gen.symmetry 
_struct_site_gen.details 
1 AC1 8 MET A 31  ? MET A 27  . ? 4_645 ? 
2 AC1 8 TYR A 43  ? TYR A 39  . ? 1_555 ? 
3 AC1 8 VAL A 58  ? VAL A 54  . ? 1_555 ? 
4 AC1 8 VAL A 80  ? VAL A 76  . ? 1_555 ? 
5 AC1 8 TRP A 113 ? TRP A 109 . ? 1_555 ? 
6 AC1 8 LYS A 115 ? LYS A 111 . ? 1_555 ? 
7 AC1 8 LEU A 125 ? LEU A 121 . ? 1_555 ? 
8 AC1 8 GLN A 136 ? GLN A 132 . ? 1_555 ? 
# 
_pdbx_entry_details.entry_id                   6Z2Z 
_pdbx_entry_details.has_ligand_of_interest     Y 
_pdbx_entry_details.compound_details           ? 
_pdbx_entry_details.source_details             ? 
_pdbx_entry_details.nonpolymer_details         ? 
_pdbx_entry_details.sequence_details           ? 
_pdbx_entry_details.has_protein_modification   Y 
# 
loop_
_pdbx_validate_torsion.id 
_pdbx_validate_torsion.PDB_model_num 
_pdbx_validate_torsion.auth_comp_id 
_pdbx_validate_torsion.auth_asym_id 
_pdbx_validate_torsion.auth_seq_id 
_pdbx_validate_torsion.PDB_ins_code 
_pdbx_validate_torsion.label_alt_id 
_pdbx_validate_torsion.phi 
_pdbx_validate_torsion.psi 
1 1 ASN A 2   ? ? -126.14 -155.04 
2 1 ASN A 14  ? ? 82.85   18.02   
3 1 THR A 56  ? ? -107.47 -164.29 
4 1 SER A 89  ? ? -179.09 -175.56 
5 1 ASP A 126 ? ? 51.03   -105.75 
# 
loop_
_pdbx_distant_solvent_atoms.id 
_pdbx_distant_solvent_atoms.PDB_model_num 
_pdbx_distant_solvent_atoms.auth_atom_id 
_pdbx_distant_solvent_atoms.label_alt_id 
_pdbx_distant_solvent_atoms.auth_asym_id 
_pdbx_distant_solvent_atoms.auth_comp_id 
_pdbx_distant_solvent_atoms.auth_seq_id 
_pdbx_distant_solvent_atoms.PDB_ins_code 
_pdbx_distant_solvent_atoms.neighbor_macromolecule_distance 
_pdbx_distant_solvent_atoms.neighbor_ligand_distance 
1 1 O ? A HOH 315 ? 6.09 . 
2 1 O ? A HOH 316 ? 6.39 . 
# 
loop_
_pdbx_unobs_or_zero_occ_residues.id 
_pdbx_unobs_or_zero_occ_residues.PDB_model_num 
_pdbx_unobs_or_zero_occ_residues.polymer_flag 
_pdbx_unobs_or_zero_occ_residues.occupancy_flag 
_pdbx_unobs_or_zero_occ_residues.auth_asym_id 
_pdbx_unobs_or_zero_occ_residues.auth_comp_id 
_pdbx_unobs_or_zero_occ_residues.auth_seq_id 
_pdbx_unobs_or_zero_occ_residues.PDB_ins_code 
_pdbx_unobs_or_zero_occ_residues.label_asym_id 
_pdbx_unobs_or_zero_occ_residues.label_comp_id 
_pdbx_unobs_or_zero_occ_residues.label_seq_id 
1 1 Y 1 A GLY -3 ? A GLY 1 
2 1 Y 1 A SER -2 ? A SER 2 
3 1 Y 1 A HIS -1 ? A HIS 3 
# 
loop_
_chem_comp_atom.comp_id 
_chem_comp_atom.atom_id 
_chem_comp_atom.type_symbol 
_chem_comp_atom.pdbx_aromatic_flag 
_chem_comp_atom.pdbx_stereo_config 
_chem_comp_atom.pdbx_ordinal 
ALA N    N N N 1   
ALA CA   C N S 2   
ALA C    C N N 3   
ALA O    O N N 4   
ALA CB   C N N 5   
ALA OXT  O N N 6   
ALA H    H N N 7   
ALA H2   H N N 8   
ALA HA   H N N 9   
ALA HB1  H N N 10  
ALA HB2  H N N 11  
ALA HB3  H N N 12  
ALA HXT  H N N 13  
ARG N    N N N 14  
ARG CA   C N S 15  
ARG C    C N N 16  
ARG O    O N N 17  
ARG CB   C N N 18  
ARG CG   C N N 19  
ARG CD   C N N 20  
ARG NE   N N N 21  
ARG CZ   C N N 22  
ARG NH1  N N N 23  
ARG NH2  N N N 24  
ARG OXT  O N N 25  
ARG H    H N N 26  
ARG H2   H N N 27  
ARG HA   H N N 28  
ARG HB2  H N N 29  
ARG HB3  H N N 30  
ARG HG2  H N N 31  
ARG HG3  H N N 32  
ARG HD2  H N N 33  
ARG HD3  H N N 34  
ARG HE   H N N 35  
ARG HH11 H N N 36  
ARG HH12 H N N 37  
ARG HH21 H N N 38  
ARG HH22 H N N 39  
ARG HXT  H N N 40  
ASN N    N N N 41  
ASN CA   C N S 42  
ASN C    C N N 43  
ASN O    O N N 44  
ASN CB   C N N 45  
ASN CG   C N N 46  
ASN OD1  O N N 47  
ASN ND2  N N N 48  
ASN OXT  O N N 49  
ASN H    H N N 50  
ASN H2   H N N 51  
ASN HA   H N N 52  
ASN HB2  H N N 53  
ASN HB3  H N N 54  
ASN HD21 H N N 55  
ASN HD22 H N N 56  
ASN HXT  H N N 57  
ASP N    N N N 58  
ASP CA   C N S 59  
ASP C    C N N 60  
ASP O    O N N 61  
ASP CB   C N N 62  
ASP CG   C N N 63  
ASP OD1  O N N 64  
ASP OD2  O N N 65  
ASP OXT  O N N 66  
ASP H    H N N 67  
ASP H2   H N N 68  
ASP HA   H N N 69  
ASP HB2  H N N 70  
ASP HB3  H N N 71  
ASP HD2  H N N 72  
ASP HXT  H N N 73  
CYS N    N N N 74  
CYS CA   C N R 75  
CYS C    C N N 76  
CYS O    O N N 77  
CYS CB   C N N 78  
CYS SG   S N N 79  
CYS OXT  O N N 80  
CYS H    H N N 81  
CYS H2   H N N 82  
CYS HA   H N N 83  
CYS HB2  H N N 84  
CYS HB3  H N N 85  
CYS HG   H N N 86  
CYS HXT  H N N 87  
GLN N    N N N 88  
GLN CA   C N S 89  
GLN C    C N N 90  
GLN O    O N N 91  
GLN CB   C N N 92  
GLN CG   C N N 93  
GLN CD   C N N 94  
GLN OE1  O N N 95  
GLN NE2  N N N 96  
GLN OXT  O N N 97  
GLN H    H N N 98  
GLN H2   H N N 99  
GLN HA   H N N 100 
GLN HB2  H N N 101 
GLN HB3  H N N 102 
GLN HG2  H N N 103 
GLN HG3  H N N 104 
GLN HE21 H N N 105 
GLN HE22 H N N 106 
GLN HXT  H N N 107 
GLU N    N N N 108 
GLU CA   C N S 109 
GLU C    C N N 110 
GLU O    O N N 111 
GLU CB   C N N 112 
GLU CG   C N N 113 
GLU CD   C N N 114 
GLU OE1  O N N 115 
GLU OE2  O N N 116 
GLU OXT  O N N 117 
GLU H    H N N 118 
GLU H2   H N N 119 
GLU HA   H N N 120 
GLU HB2  H N N 121 
GLU HB3  H N N 122 
GLU HG2  H N N 123 
GLU HG3  H N N 124 
GLU HE2  H N N 125 
GLU HXT  H N N 126 
GLY N    N N N 127 
GLY CA   C N N 128 
GLY C    C N N 129 
GLY O    O N N 130 
GLY OXT  O N N 131 
GLY H    H N N 132 
GLY H2   H N N 133 
GLY HA2  H N N 134 
GLY HA3  H N N 135 
GLY HXT  H N N 136 
HIS N    N N N 137 
HIS CA   C N S 138 
HIS C    C N N 139 
HIS O    O N N 140 
HIS CB   C N N 141 
HIS CG   C Y N 142 
HIS ND1  N Y N 143 
HIS CD2  C Y N 144 
HIS CE1  C Y N 145 
HIS NE2  N Y N 146 
HIS OXT  O N N 147 
HIS H    H N N 148 
HIS H2   H N N 149 
HIS HA   H N N 150 
HIS HB2  H N N 151 
HIS HB3  H N N 152 
HIS HD1  H N N 153 
HIS HD2  H N N 154 
HIS HE1  H N N 155 
HIS HE2  H N N 156 
HIS HXT  H N N 157 
HOH O    O N N 158 
HOH H1   H N N 159 
HOH H2   H N N 160 
ILE N    N N N 161 
ILE CA   C N S 162 
ILE C    C N N 163 
ILE O    O N N 164 
ILE CB   C N S 165 
ILE CG1  C N N 166 
ILE CG2  C N N 167 
ILE CD1  C N N 168 
ILE OXT  O N N 169 
ILE H    H N N 170 
ILE H2   H N N 171 
ILE HA   H N N 172 
ILE HB   H N N 173 
ILE HG12 H N N 174 
ILE HG13 H N N 175 
ILE HG21 H N N 176 
ILE HG22 H N N 177 
ILE HG23 H N N 178 
ILE HD11 H N N 179 
ILE HD12 H N N 180 
ILE HD13 H N N 181 
ILE HXT  H N N 182 
LEU N    N N N 183 
LEU CA   C N S 184 
LEU C    C N N 185 
LEU O    O N N 186 
LEU CB   C N N 187 
LEU CG   C N N 188 
LEU CD1  C N N 189 
LEU CD2  C N N 190 
LEU OXT  O N N 191 
LEU H    H N N 192 
LEU H2   H N N 193 
LEU HA   H N N 194 
LEU HB2  H N N 195 
LEU HB3  H N N 196 
LEU HG   H N N 197 
LEU HD11 H N N 198 
LEU HD12 H N N 199 
LEU HD13 H N N 200 
LEU HD21 H N N 201 
LEU HD22 H N N 202 
LEU HD23 H N N 203 
LEU HXT  H N N 204 
LYS N    N N N 205 
LYS CA   C N S 206 
LYS C    C N N 207 
LYS O    O N N 208 
LYS CB   C N N 209 
LYS CG   C N N 210 
LYS CD   C N N 211 
LYS CE   C N N 212 
LYS NZ   N N N 213 
LYS OXT  O N N 214 
LYS H    H N N 215 
LYS H2   H N N 216 
LYS HA   H N N 217 
LYS HB2  H N N 218 
LYS HB3  H N N 219 
LYS HG2  H N N 220 
LYS HG3  H N N 221 
LYS HD2  H N N 222 
LYS HD3  H N N 223 
LYS HE2  H N N 224 
LYS HE3  H N N 225 
LYS HZ1  H N N 226 
LYS HZ2  H N N 227 
LYS HZ3  H N N 228 
LYS HXT  H N N 229 
MET N    N N N 230 
MET CA   C N S 231 
MET C    C N N 232 
MET O    O N N 233 
MET CB   C N N 234 
MET CG   C N N 235 
MET SD   S N N 236 
MET CE   C N N 237 
MET OXT  O N N 238 
MET H    H N N 239 
MET H2   H N N 240 
MET HA   H N N 241 
MET HB2  H N N 242 
MET HB3  H N N 243 
MET HG2  H N N 244 
MET HG3  H N N 245 
MET HE1  H N N 246 
MET HE2  H N N 247 
MET HE3  H N N 248 
MET HXT  H N N 249 
PHE N    N N N 250 
PHE CA   C N S 251 
PHE C    C N N 252 
PHE O    O N N 253 
PHE CB   C N N 254 
PHE CG   C Y N 255 
PHE CD1  C Y N 256 
PHE CD2  C Y N 257 
PHE CE1  C Y N 258 
PHE CE2  C Y N 259 
PHE CZ   C Y N 260 
PHE OXT  O N N 261 
PHE H    H N N 262 
PHE H2   H N N 263 
PHE HA   H N N 264 
PHE HB2  H N N 265 
PHE HB3  H N N 266 
PHE HD1  H N N 267 
PHE HD2  H N N 268 
PHE HE1  H N N 269 
PHE HE2  H N N 270 
PHE HZ   H N N 271 
PHE HXT  H N N 272 
PRO N    N N N 273 
PRO CA   C N S 274 
PRO C    C N N 275 
PRO O    O N N 276 
PRO CB   C N N 277 
PRO CG   C N N 278 
PRO CD   C N N 279 
PRO OXT  O N N 280 
PRO H    H N N 281 
PRO HA   H N N 282 
PRO HB2  H N N 283 
PRO HB3  H N N 284 
PRO HG2  H N N 285 
PRO HG3  H N N 286 
PRO HD2  H N N 287 
PRO HD3  H N N 288 
PRO HXT  H N N 289 
Q5W CAS  C N N 290 
Q5W OAR  O N N 291 
Q5W CAO  C N N 292 
Q5W OAQ  O N N 293 
Q5W CAN  C N N 294 
Q5W CAP  C N N 295 
Q5W CAM  C N N 296 
Q5W CAJ  C Y N 297 
Q5W CAI  C Y N 298 
Q5W CAD  C Y N 299 
Q5W CAC  C Y N 300 
Q5W CAA  C Y N 301 
Q5W CAB  C Y N 302 
Q5W CAG  C N N 303 
Q5W CAH  C N N 304 
Q5W CAF  C Y N 305 
Q5W CAE  C Y N 306 
Q5W CAL  C Y N 307 
Q5W CAK  C Y N 308 
Q5W H1   H N N 309 
Q5W H2   H N N 310 
Q5W H3   H N N 311 
Q5W H4   H N N 312 
Q5W H5   H N N 313 
Q5W H6   H N N 314 
Q5W H7   H N N 315 
Q5W H8   H N N 316 
Q5W H9   H N N 317 
Q5W H10  H N N 318 
Q5W H11  H N N 319 
Q5W H12  H N N 320 
Q5W H13  H N N 321 
Q5W H14  H N N 322 
SER N    N N N 323 
SER CA   C N S 324 
SER C    C N N 325 
SER O    O N N 326 
SER CB   C N N 327 
SER OG   O N N 328 
SER OXT  O N N 329 
SER H    H N N 330 
SER H2   H N N 331 
SER HA   H N N 332 
SER HB2  H N N 333 
SER HB3  H N N 334 
SER HG   H N N 335 
SER HXT  H N N 336 
THR N    N N N 337 
THR CA   C N S 338 
THR C    C N N 339 
THR O    O N N 340 
THR CB   C N R 341 
THR OG1  O N N 342 
THR CG2  C N N 343 
THR OXT  O N N 344 
THR H    H N N 345 
THR H2   H N N 346 
THR HA   H N N 347 
THR HB   H N N 348 
THR HG1  H N N 349 
THR HG21 H N N 350 
THR HG22 H N N 351 
THR HG23 H N N 352 
THR HXT  H N N 353 
TRP N    N N N 354 
TRP CA   C N S 355 
TRP C    C N N 356 
TRP O    O N N 357 
TRP CB   C N N 358 
TRP CG   C Y N 359 
TRP CD1  C Y N 360 
TRP CD2  C Y N 361 
TRP NE1  N Y N 362 
TRP CE2  C Y N 363 
TRP CE3  C Y N 364 
TRP CZ2  C Y N 365 
TRP CZ3  C Y N 366 
TRP CH2  C Y N 367 
TRP OXT  O N N 368 
TRP H    H N N 369 
TRP H2   H N N 370 
TRP HA   H N N 371 
TRP HB2  H N N 372 
TRP HB3  H N N 373 
TRP HD1  H N N 374 
TRP HE1  H N N 375 
TRP HE3  H N N 376 
TRP HZ2  H N N 377 
TRP HZ3  H N N 378 
TRP HH2  H N N 379 
TRP HXT  H N N 380 
TYR N    N N N 381 
TYR CA   C N S 382 
TYR C    C N N 383 
TYR O    O N N 384 
TYR CB   C N N 385 
TYR CG   C Y N 386 
TYR CD1  C Y N 387 
TYR CD2  C Y N 388 
TYR CE1  C Y N 389 
TYR CE2  C Y N 390 
TYR CZ   C Y N 391 
TYR OH   O N N 392 
TYR OXT  O N N 393 
TYR H    H N N 394 
TYR H2   H N N 395 
TYR HA   H N N 396 
TYR HB2  H N N 397 
TYR HB3  H N N 398 
TYR HD1  H N N 399 
TYR HD2  H N N 400 
TYR HE1  H N N 401 
TYR HE2  H N N 402 
TYR HH   H N N 403 
TYR HXT  H N N 404 
VAL N    N N N 405 
VAL CA   C N S 406 
VAL C    C N N 407 
VAL O    O N N 408 
VAL CB   C N N 409 
VAL CG1  C N N 410 
VAL CG2  C N N 411 
VAL OXT  O N N 412 
VAL H    H N N 413 
VAL H2   H N N 414 
VAL HA   H N N 415 
VAL HB   H N N 416 
VAL HG11 H N N 417 
VAL HG12 H N N 418 
VAL HG13 H N N 419 
VAL HG21 H N N 420 
VAL HG22 H N N 421 
VAL HG23 H N N 422 
VAL HXT  H N N 423 
# 
loop_
_chem_comp_bond.comp_id 
_chem_comp_bond.atom_id_1 
_chem_comp_bond.atom_id_2 
_chem_comp_bond.value_order 
_chem_comp_bond.pdbx_aromatic_flag 
_chem_comp_bond.pdbx_stereo_config 
_chem_comp_bond.pdbx_ordinal 
ALA N   CA   sing N N 1   
ALA N   H    sing N N 2   
ALA N   H2   sing N N 3   
ALA CA  C    sing N N 4   
ALA CA  CB   sing N N 5   
ALA CA  HA   sing N N 6   
ALA C   O    doub N N 7   
ALA C   OXT  sing N N 8   
ALA CB  HB1  sing N N 9   
ALA CB  HB2  sing N N 10  
ALA CB  HB3  sing N N 11  
ALA OXT HXT  sing N N 12  
ARG N   CA   sing N N 13  
ARG N   H    sing N N 14  
ARG N   H2   sing N N 15  
ARG CA  C    sing N N 16  
ARG CA  CB   sing N N 17  
ARG CA  HA   sing N N 18  
ARG C   O    doub N N 19  
ARG C   OXT  sing N N 20  
ARG CB  CG   sing N N 21  
ARG CB  HB2  sing N N 22  
ARG CB  HB3  sing N N 23  
ARG CG  CD   sing N N 24  
ARG CG  HG2  sing N N 25  
ARG CG  HG3  sing N N 26  
ARG CD  NE   sing N N 27  
ARG CD  HD2  sing N N 28  
ARG CD  HD3  sing N N 29  
ARG NE  CZ   sing N N 30  
ARG NE  HE   sing N N 31  
ARG CZ  NH1  sing N N 32  
ARG CZ  NH2  doub N N 33  
ARG NH1 HH11 sing N N 34  
ARG NH1 HH12 sing N N 35  
ARG NH2 HH21 sing N N 36  
ARG NH2 HH22 sing N N 37  
ARG OXT HXT  sing N N 38  
ASN N   CA   sing N N 39  
ASN N   H    sing N N 40  
ASN N   H2   sing N N 41  
ASN CA  C    sing N N 42  
ASN CA  CB   sing N N 43  
ASN CA  HA   sing N N 44  
ASN C   O    doub N N 45  
ASN C   OXT  sing N N 46  
ASN CB  CG   sing N N 47  
ASN CB  HB2  sing N N 48  
ASN CB  HB3  sing N N 49  
ASN CG  OD1  doub N N 50  
ASN CG  ND2  sing N N 51  
ASN ND2 HD21 sing N N 52  
ASN ND2 HD22 sing N N 53  
ASN OXT HXT  sing N N 54  
ASP N   CA   sing N N 55  
ASP N   H    sing N N 56  
ASP N   H2   sing N N 57  
ASP CA  C    sing N N 58  
ASP CA  CB   sing N N 59  
ASP CA  HA   sing N N 60  
ASP C   O    doub N N 61  
ASP C   OXT  sing N N 62  
ASP CB  CG   sing N N 63  
ASP CB  HB2  sing N N 64  
ASP CB  HB3  sing N N 65  
ASP CG  OD1  doub N N 66  
ASP CG  OD2  sing N N 67  
ASP OD2 HD2  sing N N 68  
ASP OXT HXT  sing N N 69  
CYS N   CA   sing N N 70  
CYS N   H    sing N N 71  
CYS N   H2   sing N N 72  
CYS CA  C    sing N N 73  
CYS CA  CB   sing N N 74  
CYS CA  HA   sing N N 75  
CYS C   O    doub N N 76  
CYS C   OXT  sing N N 77  
CYS CB  SG   sing N N 78  
CYS CB  HB2  sing N N 79  
CYS CB  HB3  sing N N 80  
CYS SG  HG   sing N N 81  
CYS OXT HXT  sing N N 82  
GLN N   CA   sing N N 83  
GLN N   H    sing N N 84  
GLN N   H2   sing N N 85  
GLN CA  C    sing N N 86  
GLN CA  CB   sing N N 87  
GLN CA  HA   sing N N 88  
GLN C   O    doub N N 89  
GLN C   OXT  sing N N 90  
GLN CB  CG   sing N N 91  
GLN CB  HB2  sing N N 92  
GLN CB  HB3  sing N N 93  
GLN CG  CD   sing N N 94  
GLN CG  HG2  sing N N 95  
GLN CG  HG3  sing N N 96  
GLN CD  OE1  doub N N 97  
GLN CD  NE2  sing N N 98  
GLN NE2 HE21 sing N N 99  
GLN NE2 HE22 sing N N 100 
GLN OXT HXT  sing N N 101 
GLU N   CA   sing N N 102 
GLU N   H    sing N N 103 
GLU N   H2   sing N N 104 
GLU CA  C    sing N N 105 
GLU CA  CB   sing N N 106 
GLU CA  HA   sing N N 107 
GLU C   O    doub N N 108 
GLU C   OXT  sing N N 109 
GLU CB  CG   sing N N 110 
GLU CB  HB2  sing N N 111 
GLU CB  HB3  sing N N 112 
GLU CG  CD   sing N N 113 
GLU CG  HG2  sing N N 114 
GLU CG  HG3  sing N N 115 
GLU CD  OE1  doub N N 116 
GLU CD  OE2  sing N N 117 
GLU OE2 HE2  sing N N 118 
GLU OXT HXT  sing N N 119 
GLY N   CA   sing N N 120 
GLY N   H    sing N N 121 
GLY N   H2   sing N N 122 
GLY CA  C    sing N N 123 
GLY CA  HA2  sing N N 124 
GLY CA  HA3  sing N N 125 
GLY C   O    doub N N 126 
GLY C   OXT  sing N N 127 
GLY OXT HXT  sing N N 128 
HIS N   CA   sing N N 129 
HIS N   H    sing N N 130 
HIS N   H2   sing N N 131 
HIS CA  C    sing N N 132 
HIS CA  CB   sing N N 133 
HIS CA  HA   sing N N 134 
HIS C   O    doub N N 135 
HIS C   OXT  sing N N 136 
HIS CB  CG   sing N N 137 
HIS CB  HB2  sing N N 138 
HIS CB  HB3  sing N N 139 
HIS CG  ND1  sing Y N 140 
HIS CG  CD2  doub Y N 141 
HIS ND1 CE1  doub Y N 142 
HIS ND1 HD1  sing N N 143 
HIS CD2 NE2  sing Y N 144 
HIS CD2 HD2  sing N N 145 
HIS CE1 NE2  sing Y N 146 
HIS CE1 HE1  sing N N 147 
HIS NE2 HE2  sing N N 148 
HIS OXT HXT  sing N N 149 
HOH O   H1   sing N N 150 
HOH O   H2   sing N N 151 
ILE N   CA   sing N N 152 
ILE N   H    sing N N 153 
ILE N   H2   sing N N 154 
ILE CA  C    sing N N 155 
ILE CA  CB   sing N N 156 
ILE CA  HA   sing N N 157 
ILE C   O    doub N N 158 
ILE C   OXT  sing N N 159 
ILE CB  CG1  sing N N 160 
ILE CB  CG2  sing N N 161 
ILE CB  HB   sing N N 162 
ILE CG1 CD1  sing N N 163 
ILE CG1 HG12 sing N N 164 
ILE CG1 HG13 sing N N 165 
ILE CG2 HG21 sing N N 166 
ILE CG2 HG22 sing N N 167 
ILE CG2 HG23 sing N N 168 
ILE CD1 HD11 sing N N 169 
ILE CD1 HD12 sing N N 170 
ILE CD1 HD13 sing N N 171 
ILE OXT HXT  sing N N 172 
LEU N   CA   sing N N 173 
LEU N   H    sing N N 174 
LEU N   H2   sing N N 175 
LEU CA  C    sing N N 176 
LEU CA  CB   sing N N 177 
LEU CA  HA   sing N N 178 
LEU C   O    doub N N 179 
LEU C   OXT  sing N N 180 
LEU CB  CG   sing N N 181 
LEU CB  HB2  sing N N 182 
LEU CB  HB3  sing N N 183 
LEU CG  CD1  sing N N 184 
LEU CG  CD2  sing N N 185 
LEU CG  HG   sing N N 186 
LEU CD1 HD11 sing N N 187 
LEU CD1 HD12 sing N N 188 
LEU CD1 HD13 sing N N 189 
LEU CD2 HD21 sing N N 190 
LEU CD2 HD22 sing N N 191 
LEU CD2 HD23 sing N N 192 
LEU OXT HXT  sing N N 193 
LYS N   CA   sing N N 194 
LYS N   H    sing N N 195 
LYS N   H2   sing N N 196 
LYS CA  C    sing N N 197 
LYS CA  CB   sing N N 198 
LYS CA  HA   sing N N 199 
LYS C   O    doub N N 200 
LYS C   OXT  sing N N 201 
LYS CB  CG   sing N N 202 
LYS CB  HB2  sing N N 203 
LYS CB  HB3  sing N N 204 
LYS CG  CD   sing N N 205 
LYS CG  HG2  sing N N 206 
LYS CG  HG3  sing N N 207 
LYS CD  CE   sing N N 208 
LYS CD  HD2  sing N N 209 
LYS CD  HD3  sing N N 210 
LYS CE  NZ   sing N N 211 
LYS CE  HE2  sing N N 212 
LYS CE  HE3  sing N N 213 
LYS NZ  HZ1  sing N N 214 
LYS NZ  HZ2  sing N N 215 
LYS NZ  HZ3  sing N N 216 
LYS OXT HXT  sing N N 217 
MET N   CA   sing N N 218 
MET N   H    sing N N 219 
MET N   H2   sing N N 220 
MET CA  C    sing N N 221 
MET CA  CB   sing N N 222 
MET CA  HA   sing N N 223 
MET C   O    doub N N 224 
MET C   OXT  sing N N 225 
MET CB  CG   sing N N 226 
MET CB  HB2  sing N N 227 
MET CB  HB3  sing N N 228 
MET CG  SD   sing N N 229 
MET CG  HG2  sing N N 230 
MET CG  HG3  sing N N 231 
MET SD  CE   sing N N 232 
MET CE  HE1  sing N N 233 
MET CE  HE2  sing N N 234 
MET CE  HE3  sing N N 235 
MET OXT HXT  sing N N 236 
PHE N   CA   sing N N 237 
PHE N   H    sing N N 238 
PHE N   H2   sing N N 239 
PHE CA  C    sing N N 240 
PHE CA  CB   sing N N 241 
PHE CA  HA   sing N N 242 
PHE C   O    doub N N 243 
PHE C   OXT  sing N N 244 
PHE CB  CG   sing N N 245 
PHE CB  HB2  sing N N 246 
PHE CB  HB3  sing N N 247 
PHE CG  CD1  doub Y N 248 
PHE CG  CD2  sing Y N 249 
PHE CD1 CE1  sing Y N 250 
PHE CD1 HD1  sing N N 251 
PHE CD2 CE2  doub Y N 252 
PHE CD2 HD2  sing N N 253 
PHE CE1 CZ   doub Y N 254 
PHE CE1 HE1  sing N N 255 
PHE CE2 CZ   sing Y N 256 
PHE CE2 HE2  sing N N 257 
PHE CZ  HZ   sing N N 258 
PHE OXT HXT  sing N N 259 
PRO N   CA   sing N N 260 
PRO N   CD   sing N N 261 
PRO N   H    sing N N 262 
PRO CA  C    sing N N 263 
PRO CA  CB   sing N N 264 
PRO CA  HA   sing N N 265 
PRO C   O    doub N N 266 
PRO C   OXT  sing N N 267 
PRO CB  CG   sing N N 268 
PRO CB  HB2  sing N N 269 
PRO CB  HB3  sing N N 270 
PRO CG  CD   sing N N 271 
PRO CG  HG2  sing N N 272 
PRO CG  HG3  sing N N 273 
PRO CD  HD2  sing N N 274 
PRO CD  HD3  sing N N 275 
PRO OXT HXT  sing N N 276 
Q5W CAP CAN  sing N N 277 
Q5W OAQ CAO  doub N N 278 
Q5W CAN CAO  sing N N 279 
Q5W CAN CAM  doub N Z 280 
Q5W CAO OAR  sing N N 281 
Q5W CAM CAJ  sing N N 282 
Q5W OAR CAS  sing N N 283 
Q5W CAJ CAI  doub Y N 284 
Q5W CAJ CAK  sing Y N 285 
Q5W CAI CAD  sing Y N 286 
Q5W CAC CAD  doub Y N 287 
Q5W CAC CAA  sing Y N 288 
Q5W CAD CAE  sing Y N 289 
Q5W CAK CAL  doub Y N 290 
Q5W CAA CAB  doub Y N 291 
Q5W CAL CAE  sing Y N 292 
Q5W CAE CAF  doub Y N 293 
Q5W CAB CAF  sing Y N 294 
Q5W CAB CAG  sing N N 295 
Q5W CAG CAH  trip N N 296 
Q5W CAS H1   sing N N 297 
Q5W CAS H2   sing N N 298 
Q5W CAS H3   sing N N 299 
Q5W CAP H4   sing N N 300 
Q5W CAP H5   sing N N 301 
Q5W CAP H6   sing N N 302 
Q5W CAM H7   sing N N 303 
Q5W CAI H8   sing N N 304 
Q5W CAC H9   sing N N 305 
Q5W CAA H10  sing N N 306 
Q5W CAH H11  sing N N 307 
Q5W CAF H12  sing N N 308 
Q5W CAL H13  sing N N 309 
Q5W CAK H14  sing N N 310 
SER N   CA   sing N N 311 
SER N   H    sing N N 312 
SER N   H2   sing N N 313 
SER CA  C    sing N N 314 
SER CA  CB   sing N N 315 
SER CA  HA   sing N N 316 
SER C   O    doub N N 317 
SER C   OXT  sing N N 318 
SER CB  OG   sing N N 319 
SER CB  HB2  sing N N 320 
SER CB  HB3  sing N N 321 
SER OG  HG   sing N N 322 
SER OXT HXT  sing N N 323 
THR N   CA   sing N N 324 
THR N   H    sing N N 325 
THR N   H2   sing N N 326 
THR CA  C    sing N N 327 
THR CA  CB   sing N N 328 
THR CA  HA   sing N N 329 
THR C   O    doub N N 330 
THR C   OXT  sing N N 331 
THR CB  OG1  sing N N 332 
THR CB  CG2  sing N N 333 
THR CB  HB   sing N N 334 
THR OG1 HG1  sing N N 335 
THR CG2 HG21 sing N N 336 
THR CG2 HG22 sing N N 337 
THR CG2 HG23 sing N N 338 
THR OXT HXT  sing N N 339 
TRP N   CA   sing N N 340 
TRP N   H    sing N N 341 
TRP N   H2   sing N N 342 
TRP CA  C    sing N N 343 
TRP CA  CB   sing N N 344 
TRP CA  HA   sing N N 345 
TRP C   O    doub N N 346 
TRP C   OXT  sing N N 347 
TRP CB  CG   sing N N 348 
TRP CB  HB2  sing N N 349 
TRP CB  HB3  sing N N 350 
TRP CG  CD1  doub Y N 351 
TRP CG  CD2  sing Y N 352 
TRP CD1 NE1  sing Y N 353 
TRP CD1 HD1  sing N N 354 
TRP CD2 CE2  doub Y N 355 
TRP CD2 CE3  sing Y N 356 
TRP NE1 CE2  sing Y N 357 
TRP NE1 HE1  sing N N 358 
TRP CE2 CZ2  sing Y N 359 
TRP CE3 CZ3  doub Y N 360 
TRP CE3 HE3  sing N N 361 
TRP CZ2 CH2  doub Y N 362 
TRP CZ2 HZ2  sing N N 363 
TRP CZ3 CH2  sing Y N 364 
TRP CZ3 HZ3  sing N N 365 
TRP CH2 HH2  sing N N 366 
TRP OXT HXT  sing N N 367 
TYR N   CA   sing N N 368 
TYR N   H    sing N N 369 
TYR N   H2   sing N N 370 
TYR CA  C    sing N N 371 
TYR CA  CB   sing N N 372 
TYR CA  HA   sing N N 373 
TYR C   O    doub N N 374 
TYR C   OXT  sing N N 375 
TYR CB  CG   sing N N 376 
TYR CB  HB2  sing N N 377 
TYR CB  HB3  sing N N 378 
TYR CG  CD1  doub Y N 379 
TYR CG  CD2  sing Y N 380 
TYR CD1 CE1  sing Y N 381 
TYR CD1 HD1  sing N N 382 
TYR CD2 CE2  doub Y N 383 
TYR CD2 HD2  sing N N 384 
TYR CE1 CZ   doub Y N 385 
TYR CE1 HE1  sing N N 386 
TYR CE2 CZ   sing Y N 387 
TYR CE2 HE2  sing N N 388 
TYR CZ  OH   sing N N 389 
TYR OH  HH   sing N N 390 
TYR OXT HXT  sing N N 391 
VAL N   CA   sing N N 392 
VAL N   H    sing N N 393 
VAL N   H2   sing N N 394 
VAL CA  C    sing N N 395 
VAL CA  CB   sing N N 396 
VAL CA  HA   sing N N 397 
VAL C   O    doub N N 398 
VAL C   OXT  sing N N 399 
VAL CB  CG1  sing N N 400 
VAL CB  CG2  sing N N 401 
VAL CB  HB   sing N N 402 
VAL CG1 HG11 sing N N 403 
VAL CG1 HG12 sing N N 404 
VAL CG1 HG13 sing N N 405 
VAL CG2 HG21 sing N N 406 
VAL CG2 HG22 sing N N 407 
VAL CG2 HG23 sing N N 408 
VAL OXT HXT  sing N N 409 
# 
_pdbx_initial_refinement_model.id               1 
_pdbx_initial_refinement_model.entity_id_list   ? 
_pdbx_initial_refinement_model.type             'experimental model' 
_pdbx_initial_refinement_model.source_name      PDB 
_pdbx_initial_refinement_model.accession_code   4YFP 
_pdbx_initial_refinement_model.details          ? 
# 
_atom_sites.entry_id                    6Z2Z 
_atom_sites.Cartn_transf_matrix[1][1]   ? 
_atom_sites.Cartn_transf_matrix[1][2]   ? 
_atom_sites.Cartn_transf_matrix[1][3]   ? 
_atom_sites.Cartn_transf_matrix[2][1]   ? 
_atom_sites.Cartn_transf_matrix[2][2]   ? 
_atom_sites.Cartn_transf_matrix[2][3]   ? 
_atom_sites.Cartn_transf_matrix[3][1]   ? 
_atom_sites.Cartn_transf_matrix[3][2]   ? 
_atom_sites.Cartn_transf_matrix[3][3]   ? 
_atom_sites.Cartn_transf_vector[1]      ? 
_atom_sites.Cartn_transf_vector[2]      ? 
_atom_sites.Cartn_transf_vector[3]      ? 
_atom_sites.fract_transf_matrix[1][1]   -0.00051784 
_atom_sites.fract_transf_matrix[1][2]   -0.01872623 
_atom_sites.fract_transf_matrix[1][3]   0.00589904 
_atom_sites.fract_transf_matrix[2][1]   -0.01614274 
_atom_sites.fract_transf_matrix[2][2]   -0.00713995 
_atom_sites.fract_transf_matrix[2][3]   0.00861177 
_atom_sites.fract_transf_matrix[3][1]   -0.00352601 
_atom_sites.fract_transf_matrix[3][2]   -0.00268614 
_atom_sites.fract_transf_matrix[3][3]   -0.00883656 
_atom_sites.fract_transf_vector[1]      0.273701 
_atom_sites.fract_transf_vector[2]      -0.480527 
_atom_sites.fract_transf_vector[3]      -0.115247 
_atom_sites.solution_primary            ? 
_atom_sites.solution_secondary          ? 
_atom_sites.solution_hydrogens          ? 
_atom_sites.special_details             ? 
# 
loop_
_atom_type.symbol 
C 
N 
O 
S 
# 
loop_
_atom_site.group_PDB 
_atom_site.id 
_atom_site.type_symbol 
_atom_site.label_atom_id 
_atom_site.label_alt_id 
_atom_site.label_comp_id 
_atom_site.label_asym_id 
_atom_site.label_entity_id 
_atom_site.label_seq_id 
_atom_site.pdbx_PDB_ins_code 
_atom_site.Cartn_x 
_atom_site.Cartn_y 
_atom_site.Cartn_z 
_atom_site.occupancy 
_atom_site.B_iso_or_equiv 
_atom_site.pdbx_formal_charge 
_atom_site.auth_seq_id 
_atom_site.auth_comp_id 
_atom_site.auth_asym_id 
_atom_site.auth_atom_id 
_atom_site.pdbx_PDB_model_num 
ATOM   1    N N   . MET A 1 4   ? -9.667  -1.031  22.191  1.00 98.00 ? 0   MET A N   1 
ATOM   2    C CA  . MET A 1 4   ? -9.758  0.226   21.377  1.00 98.00 ? 0   MET A CA  1 
ATOM   3    C C   . MET A 1 4   ? -9.328  -0.049  19.933  1.00 98.00 ? 0   MET A C   1 
ATOM   4    O O   . MET A 1 4   ? -8.130  -0.151  19.648  1.00 98.00 ? 0   MET A O   1 
ATOM   5    C CB  . MET A 1 4   ? -8.881  1.325   21.982  1.00 98.00 ? 0   MET A CB  1 
ATOM   6    C CG  . MET A 1 4   ? -9.360  1.816   23.349  1.00 98.00 ? 0   MET A CG  1 
ATOM   7    S SD  . MET A 1 4   ? -10.619 3.146   23.294  1.00 98.00 ? 0   MET A SD  1 
ATOM   8    C CE  . MET A 1 4   ? -11.966 2.321   22.432  1.00 98.00 ? 0   MET A CE  1 
ATOM   9    N N   . PRO A 1 5   ? -10.282 -0.155  18.971  1.00 98.00 ? 1   PRO A N   1 
ATOM   10   C CA  . PRO A 1 5   ? -9.959  -0.585  17.605  1.00 95.71 ? 1   PRO A CA  1 
ATOM   11   C C   . PRO A 1 5   ? -9.370  0.529   16.733  1.00 87.44 ? 1   PRO A C   1 
ATOM   12   O O   . PRO A 1 5   ? -10.026 1.539   16.463  1.00 93.39 ? 1   PRO A O   1 
ATOM   13   C CB  . PRO A 1 5   ? -11.328 -1.055  17.078  1.00 89.15 ? 1   PRO A CB  1 
ATOM   14   C CG  . PRO A 1 5   ? -12.313 -0.121  17.760  1.00 98.00 ? 1   PRO A CG  1 
ATOM   15   C CD  . PRO A 1 5   ? -11.716 0.148   19.133  1.00 98.00 ? 1   PRO A CD  1 
ATOM   16   N N   . ASN A 1 6   ? -8.125  0.316   16.293  1.00 66.46 ? 2   ASN A N   1 
ATOM   17   C CA  . ASN A 1 6   ? -7.437  1.168   15.327  1.00 67.09 ? 2   ASN A CA  1 
ATOM   18   C C   . ASN A 1 6   ? -6.918  0.328   14.144  1.00 65.26 ? 2   ASN A C   1 
ATOM   19   O O   . ASN A 1 6   ? -7.444  -0.744  13.861  1.00 61.01 ? 2   ASN A O   1 
ATOM   20   C CB  . ASN A 1 6   ? -6.337  1.991   16.010  1.00 60.04 ? 2   ASN A CB  1 
ATOM   21   C CG  . ASN A 1 6   ? -5.269  1.129   16.650  1.00 57.41 ? 2   ASN A CG  1 
ATOM   22   O OD1 . ASN A 1 6   ? -5.062  -0.018  16.257  1.00 67.89 ? 2   ASN A OD1 1 
ATOM   23   N ND2 . ASN A 1 6   ? -4.584  1.652   17.648  1.00 48.26 ? 2   ASN A ND2 1 
ATOM   24   N N   . PHE A 1 7   ? -5.866  0.794   13.446  1.00 59.97 ? 3   PHE A N   1 
ATOM   25   C CA  . PHE A 1 7   ? -5.328  0.068   12.297  1.00 53.56 ? 3   PHE A CA  1 
ATOM   26   C C   . PHE A 1 7   ? -4.709  -1.258  12.730  1.00 55.87 ? 3   PHE A C   1 
ATOM   27   O O   . PHE A 1 7   ? -4.365  -2.083  11.885  1.00 63.84 ? 3   PHE A O   1 
ATOM   28   C CB  . PHE A 1 7   ? -4.271  0.878   11.525  1.00 51.19 ? 3   PHE A CB  1 
ATOM   29   C CG  . PHE A 1 7   ? -4.785  2.078   10.768  1.00 57.41 ? 3   PHE A CG  1 
ATOM   30   C CD1 . PHE A 1 7   ? -4.916  3.316   11.399  1.00 57.68 ? 3   PHE A CD1 1 
ATOM   31   C CD2 . PHE A 1 7   ? -5.180  1.971   9.442   1.00 51.39 ? 3   PHE A CD2 1 
ATOM   32   C CE1 . PHE A 1 7   ? -5.388  4.421   10.702  1.00 55.87 ? 3   PHE A CE1 1 
ATOM   33   C CE2 . PHE A 1 7   ? -5.662  3.076   8.754   1.00 49.36 ? 3   PHE A CE2 1 
ATOM   34   C CZ  . PHE A 1 7   ? -5.730  4.307   9.374   1.00 45.80 ? 3   PHE A CZ  1 
ATOM   35   N N   . SER A 1 8   ? -4.523  -1.436  14.041  1.00 53.52 ? 4   SER A N   1 
ATOM   36   C CA  . SER A 1 8   ? -3.873  -2.619  14.580  1.00 62.16 ? 4   SER A CA  1 
ATOM   37   C C   . SER A 1 8   ? -4.639  -3.884  14.219  1.00 56.61 ? 4   SER A C   1 
ATOM   38   O O   . SER A 1 8   ? -5.830  -3.986  14.486  1.00 70.36 ? 4   SER A O   1 
ATOM   39   C CB  . SER A 1 8   ? -3.716  -2.519  16.064  1.00 57.96 ? 4   SER A CB  1 
ATOM   40   O OG  . SER A 1 8   ? -2.449  -1.991  16.359  1.00 71.14 ? 4   SER A OG  1 
ATOM   41   N N   . GLY A 1 9   ? -3.938  -4.861  13.638  1.00 61.45 ? 5   GLY A N   1 
ATOM   42   C CA  . GLY A 1 9   ? -4.543  -6.175  13.493  1.00 52.55 ? 5   GLY A CA  1 
ATOM   43   C C   . GLY A 1 9   ? -3.991  -6.928  12.296  1.00 61.39 ? 5   GLY A C   1 
ATOM   44   O O   . GLY A 1 9   ? -2.940  -6.569  11.740  1.00 52.98 ? 5   GLY A O   1 
ATOM   45   N N   . ASN A 1 10  ? -4.708  -8.011  11.974  1.00 59.77 ? 6   ASN A N   1 
ATOM   46   C CA  . ASN A 1 10  ? -4.368  -8.895  10.878  1.00 57.83 ? 6   ASN A CA  1 
ATOM   47   C C   . ASN A 1 10  ? -5.509  -8.764  9.894   1.00 58.00 ? 6   ASN A C   1 
ATOM   48   O O   . ASN A 1 10  ? -6.661  -8.966  10.261  1.00 63.89 ? 6   ASN A O   1 
ATOM   49   C CB  . ASN A 1 10  ? -4.269  -10.364 11.311  1.00 65.86 ? 6   ASN A CB  1 
ATOM   50   C CG  . ASN A 1 10  ? -3.114  -10.646 12.253  1.00 61.60 ? 6   ASN A CG  1 
ATOM   51   O OD1 . ASN A 1 10  ? -1.967  -10.725 11.837  1.00 62.19 ? 6   ASN A OD1 1 
ATOM   52   N ND2 . ASN A 1 10  ? -3.407  -10.808 13.531  1.00 67.19 ? 6   ASN A ND2 1 
ATOM   53   N N   . TRP A 1 11  ? -5.160  -8.411  8.661   1.00 54.89 ? 7   TRP A N   1 
ATOM   54   C CA  . TRP A 1 11  ? -6.144  -8.130  7.638   1.00 53.75 ? 7   TRP A CA  1 
ATOM   55   C C   . TRP A 1 11  ? -5.917  -9.048  6.440   1.00 56.90 ? 7   TRP A C   1 
ATOM   56   O O   . TRP A 1 11  ? -4.771  -9.345  6.101   1.00 54.49 ? 7   TRP A O   1 
ATOM   57   C CB  . TRP A 1 11  ? -5.996  -6.663  7.221   1.00 51.58 ? 7   TRP A CB  1 
ATOM   58   C CG  . TRP A 1 11  ? -6.192  -5.655  8.307   1.00 51.72 ? 7   TRP A CG  1 
ATOM   59   C CD1 . TRP A 1 11  ? -5.236  -5.121  9.126   1.00 54.33 ? 7   TRP A CD1 1 
ATOM   60   C CD2 . TRP A 1 11  ? -7.431  -5.014  8.669   1.00 53.43 ? 7   TRP A CD2 1 
ATOM   61   N NE1 . TRP A 1 11  ? -5.795  -4.196  9.971   1.00 53.53 ? 7   TRP A NE1 1 
ATOM   62   C CE2 . TRP A 1 11  ? -7.133  -4.094  9.700   1.00 50.87 ? 7   TRP A CE2 1 
ATOM   63   C CE3 . TRP A 1 11  ? -8.752  -5.113  8.214   1.00 52.27 ? 7   TRP A CE3 1 
ATOM   64   C CZ2 . TRP A 1 11  ? -8.115  -3.306  10.289  1.00 53.61 ? 7   TRP A CZ2 1 
ATOM   65   C CZ3 . TRP A 1 11  ? -9.722  -4.331  8.802   1.00 55.34 ? 7   TRP A CZ3 1 
ATOM   66   C CH2 . TRP A 1 11  ? -9.406  -3.444  9.827   1.00 54.87 ? 7   TRP A CH2 1 
ATOM   67   N N   . LYS A 1 12  ? -7.017  -9.441  5.777   1.00 63.04 ? 8   LYS A N   1 
ATOM   68   C CA  . LYS A 1 12  ? -6.976  -10.248 4.564   1.00 53.37 ? 8   LYS A CA  1 
ATOM   69   C C   . LYS A 1 12  ? -7.799  -9.579  3.448   1.00 59.75 ? 8   LYS A C   1 
ATOM   70   O O   . LYS A 1 12  ? -8.920  -9.096  3.658   1.00 60.87 ? 8   LYS A O   1 
ATOM   71   C CB  . LYS A 1 12  ? -7.358  -11.692 4.906   1.00 58.26 ? 8   LYS A CB  1 
ATOM   72   C CG  . LYS A 1 12  ? -8.790  -11.933 5.372   0.70 60.08 ? 8   LYS A CG  1 
ATOM   73   C CD  . LYS A 1 12  ? -9.440  -13.126 4.687   0.70 66.45 ? 8   LYS A CD  1 
ATOM   74   C CE  . LYS A 1 12  ? -10.850 -13.401 5.178   0.70 68.05 ? 8   LYS A CE  1 
ATOM   75   N NZ  . LYS A 1 12  ? -10.880 -13.553 6.650   0.70 59.07 ? 8   LYS A NZ  1 
ATOM   76   N N   . ILE A 1 13  ? -7.237  -9.554  2.234   1.00 54.33 ? 9   ILE A N   1 
ATOM   77   C CA  . ILE A 1 13  ? -7.841  -8.853  1.112   1.00 55.39 ? 9   ILE A CA  1 
ATOM   78   C C   . ILE A 1 13  ? -9.165  -9.511  0.719   1.00 58.57 ? 9   ILE A C   1 
ATOM   79   O O   . ILE A 1 13  ? -9.250  -10.731 0.668   1.00 61.83 ? 9   ILE A O   1 
ATOM   80   C CB  . ILE A 1 13  ? -6.859  -8.777  -0.075  1.00 54.31 ? 9   ILE A CB  1 
ATOM   81   C CG1 . ILE A 1 13  ? -7.393  -7.854  -1.173  1.00 50.64 ? 9   ILE A CG1 1 
ATOM   82   C CG2 . ILE A 1 13  ? -6.481  -10.166 -0.607  1.00 50.13 ? 9   ILE A CG2 1 
ATOM   83   C CD1 . ILE A 1 13  ? -6.314  -7.306  -2.088  1.00 54.05 ? 9   ILE A CD1 1 
ATOM   84   N N   . ILE A 1 14  ? -10.191 -8.699  0.429   1.00 55.25 ? 10  ILE A N   1 
ATOM   85   C CA  . ILE A 1 14  ? -11.458 -9.227  -0.064  1.00 53.12 ? 10  ILE A CA  1 
ATOM   86   C C   . ILE A 1 14  ? -11.773 -8.708  -1.464  1.00 56.90 ? 10  ILE A C   1 
ATOM   87   O O   . ILE A 1 14  ? -12.554 -9.340  -2.158  1.00 63.03 ? 10  ILE A O   1 
ATOM   88   C CB  . ILE A 1 14  ? -12.644 -9.009  0.897   1.00 49.80 ? 10  ILE A CB  1 
ATOM   89   C CG1 . ILE A 1 14  ? -12.951 -7.520  1.083   1.00 55.78 ? 10  ILE A CG1 1 
ATOM   90   C CG2 . ILE A 1 14  ? -12.421 -9.739  2.219   1.00 50.44 ? 10  ILE A CG2 1 
ATOM   91   C CD1 . ILE A 1 14  ? -14.293 -7.207  1.711   1.00 48.83 ? 10  ILE A CD1 1 
ATOM   92   N N   . ARG A 1 15  ? -11.186 -7.577  -1.881  1.00 60.68 ? 11  ARG A N   1 
ATOM   93   C CA  . ARG A 1 15  ? -11.367 -7.089  -3.244  1.00 68.71 ? 11  ARG A CA  1 
ATOM   94   C C   . ARG A 1 15  ? -10.144 -6.282  -3.684  1.00 66.75 ? 11  ARG A C   1 
ATOM   95   O O   . ARG A 1 15  ? -9.424  -5.753  -2.841  1.00 70.00 ? 11  ARG A O   1 
ATOM   96   C CB  . ARG A 1 15  ? -12.677 -6.295  -3.387  1.00 71.27 ? 11  ARG A CB  1 
ATOM   97   C CG  . ARG A 1 15  ? -12.930 -5.763  -4.794  1.00 87.19 ? 11  ARG A CG  1 
ATOM   98   C CD  . ARG A 1 15  ? -14.233 -5.008  -5.000  1.00 98.00 ? 11  ARG A CD  1 
ATOM   99   N NE  . ARG A 1 15  ? -14.368 -3.716  -4.329  1.00 92.98 ? 11  ARG A NE  1 
ATOM   100  C CZ  . ARG A 1 15  ? -14.869 -3.520  -3.100  1.00 90.41 ? 11  ARG A CZ  1 
ATOM   101  N NH1 . ARG A 1 15  ? -15.287 -4.542  -2.368  1.00 77.63 ? 11  ARG A NH1 1 
ATOM   102  N NH2 . ARG A 1 15  ? -14.949 -2.292  -2.604  1.00 81.28 ? 11  ARG A NH2 1 
ATOM   103  N N   . SER A 1 16  ? -9.937  -6.172  -5.010  1.00 60.04 ? 12  SER A N   1 
ATOM   104  C CA  . SER A 1 16  ? -8.771  -5.512  -5.569  1.00 56.16 ? 12  SER A CA  1 
ATOM   105  C C   . SER A 1 16  ? -9.082  -4.973  -6.961  1.00 60.32 ? 12  SER A C   1 
ATOM   106  O O   . SER A 1 16  ? -8.959  -5.705  -7.944  1.00 67.35 ? 12  SER A O   1 
ATOM   107  C CB  . SER A 1 16  ? -7.584  -6.443  -5.566  1.00 54.52 ? 12  SER A CB  1 
ATOM   108  O OG  . SER A 1 16  ? -6.448  -5.818  -6.144  1.00 57.17 ? 12  SER A OG  1 
ATOM   109  N N   . GLU A 1 17  ? -9.485  -3.689  -7.025  1.00 61.37 ? 13  GLU A N   1 
ATOM   110  C CA  . GLU A 1 17  ? -9.878  -3.040  -8.273  1.00 58.06 ? 13  GLU A CA  1 
ATOM   111  C C   . GLU A 1 17  ? -8.700  -2.237  -8.828  1.00 59.10 ? 13  GLU A C   1 
ATOM   112  O O   . GLU A 1 17  ? -8.070  -1.468  -8.107  1.00 69.58 ? 13  GLU A O   1 
ATOM   113  C CB  . GLU A 1 17  ? -11.132 -2.181  -8.076  1.00 60.73 ? 13  GLU A CB  1 
ATOM   114  C CG  . GLU A 1 17  ? -12.324 -2.928  -7.481  1.00 71.61 ? 13  GLU A CG  1 
ATOM   115  N N   . ASN A 1 18  ? -8.358  -2.482  -10.095 1.00 53.58 ? 14  ASN A N   1 
ATOM   116  C CA  . ASN A 1 18  ? -7.431  -1.686  -10.897 1.00 56.21 ? 14  ASN A CA  1 
ATOM   117  C C   . ASN A 1 18  ? -5.951  -2.008  -10.687 1.00 54.96 ? 14  ASN A C   1 
ATOM   118  O O   . ASN A 1 18  ? -5.099  -1.207  -11.076 1.00 59.18 ? 14  ASN A O   1 
ATOM   119  C CB  . ASN A 1 18  ? -7.638  -0.180  -10.747 1.00 68.58 ? 14  ASN A CB  1 
ATOM   120  C CG  . ASN A 1 18  ? -8.803  0.319   -11.566 1.00 78.20 ? 14  ASN A CG  1 
ATOM   121  O OD1 . ASN A 1 18  ? -9.043  -0.181  -12.663 1.00 79.68 ? 14  ASN A OD1 1 
ATOM   122  N ND2 . ASN A 1 18  ? -9.537  1.281   -11.029 1.00 79.48 ? 14  ASN A ND2 1 
ATOM   123  N N   . PHE A 1 19  ? -5.628  -3.173  -10.115 1.00 51.67 ? 15  PHE A N   1 
ATOM   124  C CA  . PHE A 1 19  ? -4.241  -3.476  -9.800  1.00 53.51 ? 15  PHE A CA  1 
ATOM   125  C C   . PHE A 1 19  ? -3.397  -3.516  -11.076 1.00 55.68 ? 15  PHE A C   1 
ATOM   126  O O   . PHE A 1 19  ? -2.300  -2.953  -11.133 1.00 60.90 ? 15  PHE A O   1 
ATOM   127  C CB  . PHE A 1 19  ? -4.147  -4.735  -8.936  1.00 54.61 ? 15  PHE A CB  1 
ATOM   128  C CG  . PHE A 1 19  ? -2.791  -4.965  -8.332  1.00 67.21 ? 15  PHE A CG  1 
ATOM   129  C CD1 . PHE A 1 19  ? -1.996  -3.894  -7.938  1.00 67.61 ? 15  PHE A CD1 1 
ATOM   130  C CD2 . PHE A 1 19  ? -2.306  -6.252  -8.146  1.00 77.46 ? 15  PHE A CD2 1 
ATOM   131  C CE1 . PHE A 1 19  ? -0.742  -4.103  -7.391  1.00 73.92 ? 15  PHE A CE1 1 
ATOM   132  C CE2 . PHE A 1 19  ? -1.049  -6.464  -7.596  1.00 74.97 ? 15  PHE A CE2 1 
ATOM   133  C CZ  . PHE A 1 19  ? -0.274  -5.389  -7.217  1.00 82.35 ? 15  PHE A CZ  1 
ATOM   134  N N   . GLU A 1 20  ? -3.939  -4.152  -12.115 1.00 57.08 ? 16  GLU A N   1 
ATOM   135  C CA  . GLU A 1 20  ? -3.193  -4.448  -13.328 1.00 61.62 ? 16  GLU A CA  1 
ATOM   136  C C   . GLU A 1 20  ? -2.907  -3.160  -14.085 1.00 58.12 ? 16  GLU A C   1 
ATOM   137  O O   . GLU A 1 20  ? -1.842  -3.036  -14.682 1.00 61.56 ? 16  GLU A O   1 
ATOM   138  C CB  . GLU A 1 20  ? -3.938  -5.478  -14.189 1.00 66.28 ? 16  GLU A CB  1 
ATOM   139  C CG  . GLU A 1 20  ? -3.507  -5.454  -15.644 1.00 73.01 ? 16  GLU A CG  1 
ATOM   140  C CD  . GLU A 1 20  ? -3.979  -6.549  -16.586 1.00 77.21 ? 16  GLU A CD  1 
ATOM   141  O OE1 . GLU A 1 20  ? -5.044  -7.158  -16.311 1.00 76.34 ? 16  GLU A OE1 1 
ATOM   142  O OE2 . GLU A 1 20  ? -3.265  -6.786  -17.600 1.00 77.14 ? 16  GLU A OE2 1 
ATOM   143  N N   . GLU A 1 21  ? -3.865  -2.222  -14.036 1.00 64.73 ? 17  GLU A N   1 
ATOM   144  C CA  . GLU A 1 21  ? -3.779  -0.946  -14.734 1.00 65.05 ? 17  GLU A CA  1 
ATOM   145  C C   . GLU A 1 21  ? -2.605  -0.148  -14.183 1.00 58.98 ? 17  GLU A C   1 
ATOM   146  O O   . GLU A 1 21  ? -1.854  0.443   -14.952 1.00 69.81 ? 17  GLU A O   1 
ATOM   147  C CB  . GLU A 1 21  ? -5.057  -0.130  -14.550 1.00 66.09 ? 17  GLU A CB  1 
ATOM   148  C CG  . GLU A 1 21  ? -6.228  -0.609  -15.393 1.00 78.73 ? 17  GLU A CG  1 
ATOM   149  C CD  . GLU A 1 21  ? -6.971  -1.857  -14.922 1.00 87.24 ? 17  GLU A CD  1 
ATOM   150  O OE1 . GLU A 1 21  ? -6.479  -2.553  -13.995 1.00 79.28 ? 17  GLU A OE1 1 
ATOM   151  O OE2 . GLU A 1 21  ? -8.043  -2.151  -15.500 1.00 85.56 ? 17  GLU A OE2 1 
ATOM   152  N N   . LEU A 1 22  ? -2.471  -0.164  -12.851 1.00 59.44 ? 18  LEU A N   1 
ATOM   153  C CA  . LEU A 1 22  ? -1.418  0.512   -12.097 1.00 60.43 ? 18  LEU A CA  1 
ATOM   154  C C   . LEU A 1 22  ? -0.046  -0.043  -12.505 1.00 56.44 ? 18  LEU A C   1 
ATOM   155  O O   . LEU A 1 22  ? 0.881   0.719   -12.770 1.00 50.24 ? 18  LEU A O   1 
ATOM   156  C CB  . LEU A 1 22  ? -1.730  0.353   -10.600 1.00 51.93 ? 18  LEU A CB  1 
ATOM   157  C CG  . LEU A 1 22  ? -0.722  0.885   -9.577  1.00 59.62 ? 18  LEU A CG  1 
ATOM   158  C CD1 . LEU A 1 22  ? -0.950  2.348   -9.222  1.00 51.87 ? 18  LEU A CD1 1 
ATOM   159  C CD2 . LEU A 1 22  ? -0.784  0.051   -8.308  1.00 58.52 ? 18  LEU A CD2 1 
ATOM   160  N N   . LEU A 1 23  ? 0.047   -1.369  -12.653 1.00 52.68 ? 19  LEU A N   1 
ATOM   161  C CA  . LEU A 1 23  ? 1.312   -2.016  -12.951 1.00 54.90 ? 19  LEU A CA  1 
ATOM   162  C C   . LEU A 1 23  ? 1.693   -1.732  -14.388 1.00 61.11 ? 19  LEU A C   1 
ATOM   163  O O   . LEU A 1 23  ? 2.868   -1.788  -14.754 1.00 71.89 ? 19  LEU A O   1 
ATOM   164  C CB  . LEU A 1 23  ? 1.157   -3.519  -12.732 1.00 53.06 ? 19  LEU A CB  1 
ATOM   165  C CG  . LEU A 1 23  ? 0.959   -3.905  -11.270 1.00 59.25 ? 19  LEU A CG  1 
ATOM   166  C CD1 . LEU A 1 23  ? 0.248   -5.237  -11.146 1.00 60.95 ? 19  LEU A CD1 1 
ATOM   167  C CD2 . LEU A 1 23  ? 2.277   -3.905  -10.501 1.00 58.21 ? 19  LEU A CD2 1 
ATOM   168  N N   . LYS A 1 24  ? 0.686   -1.433  -15.195 1.00 64.21 ? 20  LYS A N   1 
ATOM   169  C CA  . LYS A 1 24  ? 0.904   -1.095  -16.617 1.00 65.73 ? 20  LYS A CA  1 
ATOM   170  C C   . LYS A 1 24  ? 1.556   0.278   -16.655 1.00 63.28 ? 20  LYS A C   1 
ATOM   171  O O   . LYS A 1 24  ? 2.461   0.476   -17.445 1.00 69.93 ? 20  LYS A O   1 
ATOM   172  C CB  . LYS A 1 24  ? -0.441  -1.021  -17.333 1.00 62.54 ? 20  LYS A CB  1 
ATOM   173  C CG  . LYS A 1 24  ? -0.441  -1.522  -18.764 1.00 64.09 ? 20  LYS A CG  1 
ATOM   174  C CD  . LYS A 1 24  ? -1.588  -0.989  -19.562 1.00 66.81 ? 20  LYS A CD  1 
ATOM   175  C CE  . LYS A 1 24  ? -1.345  -1.041  -21.050 1.00 69.78 ? 20  LYS A CE  1 
ATOM   176  N NZ  . LYS A 1 24  ? -2.617  -1.011  -21.799 1.00 72.96 ? 20  LYS A NZ  1 
ATOM   177  N N   . VAL A 1 25  ? 1.078   1.176   -15.806 1.00 66.41 ? 21  VAL A N   1 
ATOM   178  C CA  . VAL A 1 25  ? 1.613   2.524   -15.734 1.00 64.74 ? 21  VAL A CA  1 
ATOM   179  C C   . VAL A 1 25  ? 3.056   2.475   -15.242 1.00 69.40 ? 21  VAL A C   1 
ATOM   180  O O   . VAL A 1 25  ? 3.832   3.391   -15.481 1.00 69.69 ? 21  VAL A O   1 
ATOM   181  C CB  . VAL A 1 25  ? 0.753   3.374   -14.790 1.00 70.03 ? 21  VAL A CB  1 
ATOM   182  C CG1 . VAL A 1 25  ? 1.420   4.701   -14.498 1.00 71.47 ? 21  VAL A CG1 1 
ATOM   183  C CG2 . VAL A 1 25  ? -0.643  3.586   -15.353 1.00 77.64 ? 21  VAL A CG2 1 
ATOM   184  N N   . LEU A 1 26  ? 3.395   1.418   -14.504 1.00 69.01 ? 22  LEU A N   1 
ATOM   185  C CA  . LEU A 1 26  ? 4.737   1.280   -13.976 1.00 66.82 ? 22  LEU A CA  1 
ATOM   186  C C   . LEU A 1 26  ? 5.589   0.425   -14.918 1.00 71.08 ? 22  LEU A C   1 
ATOM   187  O O   . LEU A 1 26  ? 6.649   -0.053  -14.518 1.00 73.88 ? 22  LEU A O   1 
ATOM   188  C CB  . LEU A 1 26  ? 4.640   0.646   -12.583 1.00 72.16 ? 22  LEU A CB  1 
ATOM   189  C CG  . LEU A 1 26  ? 3.627   1.257   -11.608 1.00 71.01 ? 22  LEU A CG  1 
ATOM   190  C CD1 . LEU A 1 26  ? 3.480   0.378   -10.375 1.00 68.95 ? 22  LEU A CD1 1 
ATOM   191  C CD2 . LEU A 1 26  ? 4.018   2.664   -11.180 1.00 62.68 ? 22  LEU A CD2 1 
ATOM   192  N N   . GLY A 1 27  ? 5.104   0.192   -16.151 1.00 67.23 ? 23  GLY A N   1 
ATOM   193  C CA  . GLY A 1 27  ? 5.880   -0.430  -17.219 1.00 60.66 ? 23  GLY A CA  1 
ATOM   194  C C   . GLY A 1 27  ? 6.088   -1.944  -17.095 1.00 63.62 ? 23  GLY A C   1 
ATOM   195  O O   . GLY A 1 27  ? 6.953   -2.500  -17.769 1.00 79.83 ? 23  GLY A O   1 
ATOM   196  N N   . VAL A 1 28  ? 5.282   -2.618  -16.268 1.00 61.46 ? 24  VAL A N   1 
ATOM   197  C CA  . VAL A 1 28  ? 5.378   -4.056  -16.076 1.00 58.06 ? 24  VAL A CA  1 
ATOM   198  C C   . VAL A 1 28  ? 4.703   -4.776  -17.238 1.00 60.00 ? 24  VAL A C   1 
ATOM   199  O O   . VAL A 1 28  ? 3.560   -4.464  -17.561 1.00 72.81 ? 24  VAL A O   1 
ATOM   200  C CB  . VAL A 1 28  ? 4.693   -4.450  -14.761 1.00 61.85 ? 24  VAL A CB  1 
ATOM   201  C CG1 . VAL A 1 28  ? 4.396   -5.937  -14.719 1.00 52.75 ? 24  VAL A CG1 1 
ATOM   202  C CG2 . VAL A 1 28  ? 5.499   -4.003  -13.558 1.00 62.19 ? 24  VAL A CG2 1 
ATOM   203  N N   . ASN A 1 29  ? 5.386   -5.787  -17.798 1.00 62.58 ? 25  ASN A N   1 
ATOM   204  C CA  A ASN A 1 29  ? 4.969   -6.549  -18.972 0.50 57.94 ? 25  ASN A CA  1 
ATOM   205  C CA  B ASN A 1 29  ? 4.874   -6.423  -18.998 0.50 58.74 ? 25  ASN A CA  1 
ATOM   206  C C   . ASN A 1 29  ? 3.728   -7.369  -18.628 1.00 61.63 ? 25  ASN A C   1 
ATOM   207  O O   . ASN A 1 29  ? 3.567   -7.777  -17.477 1.00 59.45 ? 25  ASN A O   1 
ATOM   208  C CB  A ASN A 1 29  ? 6.087   -7.454  -19.520 0.50 53.85 ? 25  ASN A CB  1 
ATOM   209  C CB  B ASN A 1 29  ? 6.006   -6.921  -19.907 0.50 55.60 ? 25  ASN A CB  1 
ATOM   210  C CG  A ASN A 1 29  ? 5.873   -8.946  -19.316 0.50 53.52 ? 25  ASN A CG  1 
ATOM   211  C CG  B ASN A 1 29  ? 7.012   -5.833  -20.235 0.50 60.16 ? 25  ASN A CG  1 
ATOM   212  O OD1 A ASN A 1 29  ? 5.989   -9.459  -18.210 0.50 48.76 ? 25  ASN A OD1 1 
ATOM   213  O OD1 B ASN A 1 29  ? 7.077   -5.378  -21.372 0.50 50.51 ? 25  ASN A OD1 1 
ATOM   214  N ND2 A ASN A 1 29  ? 5.555   -9.668  -20.378 0.50 55.04 ? 25  ASN A ND2 1 
ATOM   215  N ND2 B ASN A 1 29  ? 7.791   -5.403  -19.244 0.50 61.54 ? 25  ASN A ND2 1 
ATOM   216  N N   . VAL A 1 30  ? 2.904   -7.661  -19.641 1.00 61.22 ? 26  VAL A N   1 
ATOM   217  C CA  . VAL A 1 30  ? 1.585   -8.271  -19.532 1.00 62.34 ? 26  VAL A CA  1 
ATOM   218  C C   . VAL A 1 30  ? 1.606   -9.514  -18.647 1.00 69.66 ? 26  VAL A C   1 
ATOM   219  O O   . VAL A 1 30  ? 0.865   -9.579  -17.658 1.00 69.61 ? 26  VAL A O   1 
ATOM   220  C CB  . VAL A 1 30  ? 0.986   -8.580  -20.915 1.00 62.00 ? 26  VAL A CB  1 
ATOM   221  C CG1 . VAL A 1 30  ? -0.438  -9.088  -20.767 1.00 66.19 ? 26  VAL A CG1 1 
ATOM   222  C CG2 . VAL A 1 30  ? 1.028   -7.355  -21.829 1.00 69.43 ? 26  VAL A CG2 1 
ATOM   223  N N   . MET A 1 31  ? 2.430   -10.500 -19.023 1.00 66.42 ? 27  MET A N   1 
ATOM   224  C CA  . MET A 1 31  ? 2.513   -11.763 -18.306 1.00 67.39 ? 27  MET A CA  1 
ATOM   225  C C   . MET A 1 31  ? 2.763   -11.561 -16.802 1.00 66.49 ? 27  MET A C   1 
ATOM   226  O O   . MET A 1 31  ? 2.061   -12.153 -15.972 1.00 60.17 ? 27  MET A O   1 
ATOM   227  C CB  . MET A 1 31  ? 3.574   -12.695 -18.901 1.00 71.48 ? 27  MET A CB  1 
ATOM   228  C CG  . MET A 1 31  ? 3.687   -13.985 -18.098 1.00 82.38 ? 27  MET A CG  1 
ATOM   229  S SD  . MET A 1 31  ? 5.283   -14.830 -18.188 1.00 98.00 ? 27  MET A SD  1 
ATOM   230  C CE  . MET A 1 31  ? 6.365   -13.775 -17.218 1.00 76.30 ? 27  MET A CE  1 
ATOM   231  N N   . LEU A 1 32  ? 3.753   -10.729 -16.447 1.00 60.10 ? 28  LEU A N   1 
ATOM   232  C CA  . LEU A 1 32  ? 4.031   -10.443 -15.044 1.00 59.96 ? 28  LEU A CA  1 
ATOM   233  C C   . LEU A 1 32  ? 2.833   -9.747  -14.379 1.00 59.96 ? 28  LEU A C   1 
ATOM   234  O O   . LEU A 1 32  ? 2.484   -10.045 -13.225 1.00 55.00 ? 28  LEU A O   1 
ATOM   235  C CB  . LEU A 1 32  ? 5.277   -9.561  -14.914 1.00 62.45 ? 28  LEU A CB  1 
ATOM   236  C CG  . LEU A 1 32  ? 6.607   -10.114 -15.425 1.00 75.96 ? 28  LEU A CG  1 
ATOM   237  C CD1 . LEU A 1 32  ? 7.672   -9.018  -15.407 1.00 75.40 ? 28  LEU A CD1 1 
ATOM   238  C CD2 . LEU A 1 32  ? 7.066   -11.319 -14.613 1.00 61.70 ? 28  LEU A CD2 1 
ATOM   239  N N   . ARG A 1 33  ? 2.237   -8.776  -15.082 1.00 55.46 ? 29  ARG A N   1 
ATOM   240  C CA  . ARG A 1 33  ? 1.010   -8.158  -14.597 1.00 59.71 ? 29  ARG A CA  1 
ATOM   241  C C   . ARG A 1 33  ? 0.032   -9.264  -14.194 1.00 51.32 ? 29  ARG A C   1 
ATOM   242  O O   . ARG A 1 33  ? -0.496  -9.244  -13.088 1.00 50.68 ? 29  ARG A O   1 
ATOM   243  C CB  . ARG A 1 33  ? 0.367   -7.221  -15.628 1.00 61.82 ? 29  ARG A CB  1 
ATOM   244  C CG  . ARG A 1 33  ? 1.105   -5.915  -15.863 1.00 65.90 ? 29  ARG A CG  1 
ATOM   245  C CD  . ARG A 1 33  ? 0.218   -4.911  -16.592 1.00 75.48 ? 29  ARG A CD  1 
ATOM   246  N NE  . ARG A 1 33  ? 0.807   -4.783  -17.936 1.00 83.78 ? 29  ARG A NE  1 
ATOM   247  C CZ  . ARG A 1 33  ? 0.174   -5.052  -19.060 1.00 74.34 ? 29  ARG A CZ  1 
ATOM   248  N NH1 . ARG A 1 33  ? -1.114  -5.417  -19.010 1.00 75.60 ? 29  ARG A NH1 1 
ATOM   249  N NH2 . ARG A 1 33  ? 0.826   -4.929  -20.246 1.00 85.12 ? 29  ARG A NH2 1 
ATOM   250  N N   . LYS A 1 34  ? -0.151  -10.261 -15.069 1.00 51.31 ? 30  LYS A N   1 
ATOM   251  C CA  . LYS A 1 34  ? -1.180  -11.272 -14.857 1.00 56.38 ? 30  LYS A CA  1 
ATOM   252  C C   . LYS A 1 34  ? -0.840  -12.158 -13.655 1.00 58.84 ? 30  LYS A C   1 
ATOM   253  O O   . LYS A 1 34  ? -1.748  -12.621 -12.965 1.00 60.41 ? 30  LYS A O   1 
ATOM   254  C CB  . LYS A 1 34  ? -1.476  -12.060 -16.141 1.00 50.40 ? 30  LYS A CB  1 
ATOM   255  C CG  . LYS A 1 34  ? -2.039  -11.257 -17.301 1.00 61.46 ? 30  LYS A CG  1 
ATOM   256  C CD  . LYS A 1 34  ? -3.395  -10.610 -17.022 1.00 63.62 ? 30  LYS A CD  1 
ATOM   257  C CE  . LYS A 1 34  ? -3.982  -9.904  -18.225 1.00 56.49 ? 30  LYS A CE  1 
ATOM   258  N NZ  . LYS A 1 34  ? -5.315  -9.345  -17.905 1.00 51.41 ? 30  LYS A NZ  1 
ATOM   259  N N   . ILE A 1 35  ? 0.459   -12.388 -13.397 1.00 58.68 ? 31  ILE A N   1 
ATOM   260  C CA  . ILE A 1 35  ? 0.835   -13.207 -12.252 1.00 56.95 ? 31  ILE A CA  1 
ATOM   261  C C   . ILE A 1 35  ? 0.687   -12.393 -10.974 1.00 56.31 ? 31  ILE A C   1 
ATOM   262  O O   . ILE A 1 35  ? 0.255   -12.919 -9.943  1.00 61.42 ? 31  ILE A O   1 
ATOM   263  C CB  . ILE A 1 35  ? 2.255   -13.789 -12.372 1.00 61.03 ? 31  ILE A CB  1 
ATOM   264  C CG1 . ILE A 1 35  ? 2.463   -14.551 -13.678 1.00 66.32 ? 31  ILE A CG1 1 
ATOM   265  C CG2 . ILE A 1 35  ? 2.534   -14.683 -11.182 1.00 75.18 ? 31  ILE A CG2 1 
ATOM   266  C CD1 . ILE A 1 35  ? 3.906   -14.553 -14.142 1.00 86.25 ? 31  ILE A CD1 1 
ATOM   267  N N   . ALA A 1 36  ? 1.083   -11.117 -11.057 1.00 53.94 ? 32  ALA A N   1 
ATOM   268  C CA  . ALA A 1 36  ? 0.955   -10.189 -9.944  1.00 54.37 ? 32  ALA A CA  1 
ATOM   269  C C   . ALA A 1 36  ? -0.474  -10.180 -9.425  1.00 52.07 ? 32  ALA A C   1 
ATOM   270  O O   . ALA A 1 36  ? -0.715  -10.224 -8.224  1.00 60.81 ? 32  ALA A O   1 
ATOM   271  C CB  . ALA A 1 36  ? 1.354   -8.806  -10.390 1.00 60.27 ? 32  ALA A CB  1 
ATOM   272  N N   . VAL A 1 37  ? -1.417  -10.106 -10.362 1.00 57.83 ? 33  VAL A N   1 
ATOM   273  C CA  . VAL A 1 37  ? -2.828  -10.083 -10.037 1.00 53.39 ? 33  VAL A CA  1 
ATOM   274  C C   . VAL A 1 37  ? -3.202  -11.394 -9.347  1.00 51.95 ? 33  VAL A C   1 
ATOM   275  O O   . VAL A 1 37  ? -3.861  -11.361 -8.317  1.00 61.62 ? 33  VAL A O   1 
ATOM   276  C CB  . VAL A 1 37  ? -3.686  -9.801  -11.285 1.00 50.09 ? 33  VAL A CB  1 
ATOM   277  C CG1 . VAL A 1 37  ? -5.169  -9.995  -11.017 1.00 39.52 ? 33  VAL A CG1 1 
ATOM   278  C CG2 . VAL A 1 37  ? -3.407  -8.418  -11.843 1.00 52.93 ? 33  VAL A CG2 1 
ATOM   279  N N   . ALA A 1 38  ? -2.797  -12.539 -9.910  1.00 49.88 ? 34  ALA A N   1 
ATOM   280  C CA  . ALA A 1 38  ? -3.126  -13.819 -9.290  1.00 50.66 ? 34  ALA A CA  1 
ATOM   281  C C   . ALA A 1 38  ? -2.639  -13.836 -7.840  1.00 51.75 ? 34  ALA A C   1 
ATOM   282  O O   . ALA A 1 38  ? -3.405  -14.155 -6.935  1.00 63.31 ? 34  ALA A O   1 
ATOM   283  C CB  . ALA A 1 38  ? -2.557  -14.971 -10.090 1.00 41.79 ? 34  ALA A CB  1 
ATOM   284  N N   . ALA A 1 39  ? -1.390  -13.393 -7.622  1.00 56.08 ? 35  ALA A N   1 
ATOM   285  C CA  . ALA A 1 39  ? -0.736  -13.417 -6.317  1.00 54.03 ? 35  ALA A CA  1 
ATOM   286  C C   . ALA A 1 39  ? -1.378  -12.439 -5.331  1.00 60.80 ? 35  ALA A C   1 
ATOM   287  O O   . ALA A 1 39  ? -1.306  -12.669 -4.122  1.00 64.62 ? 35  ALA A O   1 
ATOM   288  C CB  . ALA A 1 39  ? 0.743   -13.148 -6.472  1.00 45.04 ? 35  ALA A CB  1 
ATOM   289  N N   . ALA A 1 40  ? -2.001  -11.366 -5.856  1.00 65.77 ? 36  ALA A N   1 
ATOM   290  C CA  . ALA A 1 40  ? -2.623  -10.314 -5.062  1.00 65.20 ? 36  ALA A CA  1 
ATOM   291  C C   . ALA A 1 40  ? -3.899  -10.766 -4.356  1.00 67.80 ? 36  ALA A C   1 
ATOM   292  O O   . ALA A 1 40  ? -4.432  -10.009 -3.553  1.00 85.36 ? 36  ALA A O   1 
ATOM   293  C CB  . ALA A 1 40  ? -2.909  -9.103  -5.908  1.00 71.68 ? 36  ALA A CB  1 
ATOM   294  N N   . SER A 1 41  ? -4.411  -11.965 -4.654  1.00 59.61 ? 37  SER A N   1 
ATOM   295  C CA  . SER A 1 41  ? -5.634  -12.400 -3.988  1.00 55.75 ? 37  SER A CA  1 
ATOM   296  C C   . SER A 1 41  ? -5.289  -13.087 -2.675  1.00 54.31 ? 37  SER A C   1 
ATOM   297  O O   . SER A 1 41  ? -6.169  -13.397 -1.875  1.00 61.61 ? 37  SER A O   1 
ATOM   298  C CB  . SER A 1 41  ? -6.461  -13.307 -4.866  1.00 64.30 ? 37  SER A CB  1 
ATOM   299  O OG  . SER A 1 41  ? -5.969  -14.640 -4.824  1.00 74.56 ? 37  SER A OG  1 
ATOM   300  N N   . LYS A 1 42  ? -3.986  -13.296 -2.462  1.00 60.13 ? 38  LYS A N   1 
ATOM   301  C CA  . LYS A 1 42  ? -3.494  -13.878 -1.229  1.00 63.36 ? 38  LYS A CA  1 
ATOM   302  C C   . LYS A 1 42  ? -2.804  -12.823 -0.343  1.00 61.12 ? 38  LYS A C   1 
ATOM   303  O O   . LYS A 1 42  ? -2.130  -13.193 0.613   1.00 69.16 ? 38  LYS A O   1 
ATOM   304  C CB  . LYS A 1 42  ? -2.685  -15.146 -1.561  1.00 68.73 ? 38  LYS A CB  1 
ATOM   305  C CG  . LYS A 1 42  ? -3.504  -16.373 -1.970  1.00 61.39 ? 38  LYS A CG  1 
ATOM   306  N N   . TYR A 1 43  ? -2.993  -11.517 -0.613  1.00 58.35 ? 39  TYR A N   1 
ATOM   307  C CA  . TYR A 1 43  ? -2.415  -10.446 0.203   1.00 56.14 ? 39  TYR A CA  1 
ATOM   308  C C   . TYR A 1 43  ? -2.963  -10.474 1.627   1.00 54.31 ? 39  TYR A C   1 
ATOM   309  O O   . TYR A 1 43  ? -4.161  -10.345 1.860   1.00 49.79 ? 39  TYR A O   1 
ATOM   310  C CB  . TYR A 1 43  ? -2.757  -9.036  -0.288  1.00 51.99 ? 39  TYR A CB  1 
ATOM   311  C CG  . TYR A 1 43  ? -1.805  -8.447  -1.291  1.00 61.83 ? 39  TYR A CG  1 
ATOM   312  C CD1 . TYR A 1 43  ? -0.439  -8.640  -1.191  1.00 66.34 ? 39  TYR A CD1 1 
ATOM   313  C CD2 . TYR A 1 43  ? -2.275  -7.664  -2.334  1.00 73.91 ? 39  TYR A CD2 1 
ATOM   314  C CE1 . TYR A 1 43  ? 0.438   -8.105  -2.121  1.00 69.93 ? 39  TYR A CE1 1 
ATOM   315  C CE2 . TYR A 1 43  ? -1.413  -7.120  -3.275  1.00 74.70 ? 39  TYR A CE2 1 
ATOM   316  C CZ  . TYR A 1 43  ? -0.053  -7.350  -3.172  1.00 69.17 ? 39  TYR A CZ  1 
ATOM   317  O OH  . TYR A 1 43  ? 0.789   -6.824  -4.101  1.00 63.68 ? 39  TYR A OH  1 
ATOM   318  N N   . ALA A 1 44  ? -2.046  -10.603 2.579   1.00 48.71 ? 40  ALA A N   1 
ATOM   319  C CA  . ALA A 1 44  ? -2.360  -10.448 3.979   1.00 53.00 ? 40  ALA A CA  1 
ATOM   320  C C   . ALA A 1 44  ? -1.573  -9.244  4.488   1.00 54.42 ? 40  ALA A C   1 
ATOM   321  O O   . ALA A 1 44  ? -0.470  -8.976  4.016   1.00 55.02 ? 40  ALA A O   1 
ATOM   322  C CB  . ALA A 1 44  ? -2.012  -11.709 4.742   1.00 45.38 ? 40  ALA A CB  1 
ATOM   323  N N   . VAL A 1 45  ? -2.154  -8.518  5.448   1.00 49.90 ? 41  VAL A N   1 
ATOM   324  C CA  . VAL A 1 45  ? -1.459  -7.387  6.017   1.00 50.00 ? 41  VAL A CA  1 
ATOM   325  C C   . VAL A 1 45  ? -1.574  -7.508  7.523   1.00 56.38 ? 41  VAL A C   1 
ATOM   326  O O   . VAL A 1 45  ? -2.651  -7.808  8.038   1.00 62.64 ? 41  VAL A O   1 
ATOM   327  C CB  . VAL A 1 45  ? -2.006  -6.030  5.538   1.00 51.04 ? 41  VAL A CB  1 
ATOM   328  C CG1 . VAL A 1 45  ? -1.087  -4.911  6.006   1.00 53.52 ? 41  VAL A CG1 1 
ATOM   329  C CG2 . VAL A 1 45  ? -2.162  -5.965  4.020   1.00 49.07 ? 41  VAL A CG2 1 
ATOM   330  N N   . GLU A 1 46  ? -0.441  -7.266  8.191   1.00 53.58 ? 42  GLU A N   1 
ATOM   331  C CA  . GLU A 1 46  ? -0.389  -7.196  9.635   1.00 59.11 ? 42  GLU A CA  1 
ATOM   332  C C   . GLU A 1 46  ? 0.084   -5.798  10.035  1.00 54.54 ? 42  GLU A C   1 
ATOM   333  O O   . GLU A 1 46  ? 1.130   -5.346  9.589   1.00 50.52 ? 42  GLU A O   1 
ATOM   334  C CB  . GLU A 1 46  ? 0.485   -8.330  10.169  1.00 60.07 ? 42  GLU A CB  1 
ATOM   335  C CG  . GLU A 1 46  ? 0.338   -8.554  11.664  1.00 76.59 ? 42  GLU A CG  1 
ATOM   336  C CD  . GLU A 1 46  ? 1.562   -9.158  12.342  1.00 89.53 ? 42  GLU A CD  1 
ATOM   337  O OE1 . GLU A 1 46  ? 2.649   -9.193  11.717  1.00 87.14 ? 42  GLU A OE1 1 
ATOM   338  O OE2 . GLU A 1 46  ? 1.427   -9.598  13.495  1.00 98.00 ? 42  GLU A OE2 1 
ATOM   339  N N   . ILE A 1 47  ? -0.711  -5.117  10.869  1.00 59.17 ? 43  ILE A N   1 
ATOM   340  C CA  . ILE A 1 47  ? -0.441  -3.763  11.334  1.00 54.11 ? 43  ILE A CA  1 
ATOM   341  C C   . ILE A 1 47  ? -0.466  -3.748  12.861  1.00 58.09 ? 43  ILE A C   1 
ATOM   342  O O   . ILE A 1 47  ? -1.479  -4.107  13.475  1.00 59.96 ? 43  ILE A O   1 
ATOM   343  C CB  . ILE A 1 47  ? -1.498  -2.762  10.808  1.00 55.80 ? 43  ILE A CB  1 
ATOM   344  C CG1 . ILE A 1 47  ? -1.634  -2.752  9.288   1.00 50.28 ? 43  ILE A CG1 1 
ATOM   345  C CG2 . ILE A 1 47  ? -1.238  -1.369  11.354  1.00 50.12 ? 43  ILE A CG2 1 
ATOM   346  C CD1 . ILE A 1 47  ? -2.717  -1.812  8.812   1.00 54.08 ? 43  ILE A CD1 1 
ATOM   347  N N   . LYS A 1 48  ? 0.653   -3.285  13.429  1.00 55.69 ? 44  LYS A N   1 
ATOM   348  C CA  . LYS A 1 48  ? 0.794   -2.886  14.823  1.00 55.59 ? 44  LYS A CA  1 
ATOM   349  C C   . LYS A 1 48  ? 0.901   -1.354  14.899  1.00 56.89 ? 44  LYS A C   1 
ATOM   350  O O   . LYS A 1 48  ? 1.777   -0.736  14.287  1.00 58.93 ? 44  LYS A O   1 
ATOM   351  C CB  . LYS A 1 48  ? 2.038   -3.572  15.414  1.00 56.71 ? 44  LYS A CB  1 
ATOM   352  N N   . GLN A 1 49  ? 0.010   -0.719  15.663  1.00 53.15 ? 45  GLN A N   1 
ATOM   353  C CA  . GLN A 1 49  ? -0.023  0.737   15.706  1.00 56.65 ? 45  GLN A CA  1 
ATOM   354  C C   . GLN A 1 49  ? -0.008  1.237   17.159  1.00 60.13 ? 45  GLN A C   1 
ATOM   355  O O   . GLN A 1 49  ? -0.847  0.832   17.967  1.00 67.01 ? 45  GLN A O   1 
ATOM   356  C CB  . GLN A 1 49  ? -1.260  1.229   14.939  1.00 50.06 ? 45  GLN A CB  1 
ATOM   357  C CG  . GLN A 1 49  ? -1.451  2.734   15.022  1.00 58.01 ? 45  GLN A CG  1 
ATOM   358  C CD  . GLN A 1 49  ? -2.817  3.249   14.645  1.00 63.15 ? 45  GLN A CD  1 
ATOM   359  O OE1 . GLN A 1 49  ? -3.739  2.501   14.316  1.00 72.57 ? 45  GLN A OE1 1 
ATOM   360  N NE2 . GLN A 1 49  ? -2.947  4.561   14.704  1.00 55.44 ? 45  GLN A NE2 1 
ATOM   361  N N   . GLU A 1 50  ? 0.924   2.145   17.486  1.00 62.55 ? 46  GLU A N   1 
ATOM   362  C CA  . GLU A 1 50  ? 0.920   2.849   18.773  1.00 67.52 ? 46  GLU A CA  1 
ATOM   363  C C   . GLU A 1 50  ? 1.064   4.352   18.518  1.00 58.24 ? 46  GLU A C   1 
ATOM   364  O O   . GLU A 1 50  ? 2.133   4.805   18.141  1.00 62.98 ? 46  GLU A O   1 
ATOM   365  C CB  . GLU A 1 50  ? 2.008   2.334   19.736  1.00 60.36 ? 46  GLU A CB  1 
ATOM   366  N N   . GLY A 1 51  ? -0.021  5.112   18.700  1.00 65.09 ? 47  GLY A N   1 
ATOM   367  C CA  . GLY A 1 51  ? -0.041  6.547   18.435  1.00 65.61 ? 47  GLY A CA  1 
ATOM   368  C C   . GLY A 1 51  ? 0.150   6.896   16.958  1.00 69.22 ? 47  GLY A C   1 
ATOM   369  O O   . GLY A 1 51  ? -0.713  6.599   16.140  1.00 74.70 ? 47  GLY A O   1 
ATOM   370  N N   . ASP A 1 52  ? 1.306   7.509   16.657  1.00 73.66 ? 48  ASP A N   1 
ATOM   371  C CA  . ASP A 1 52  ? 1.724   8.118   15.402  1.00 65.06 ? 48  ASP A CA  1 
ATOM   372  C C   . ASP A 1 52  ? 2.604   7.149   14.605  1.00 59.15 ? 48  ASP A C   1 
ATOM   373  O O   . ASP A 1 52  ? 3.045   7.467   13.499  1.00 61.16 ? 48  ASP A O   1 
ATOM   374  C CB  . ASP A 1 52  ? 2.703   9.256   15.738  1.00 73.97 ? 48  ASP A CB  1 
ATOM   375  C CG  . ASP A 1 52  ? 2.281   10.669  15.369  1.00 91.00 ? 48  ASP A CG  1 
ATOM   376  O OD1 . ASP A 1 52  ? 1.056   10.920  15.224  1.00 94.99 ? 48  ASP A OD1 1 
ATOM   377  O OD2 . ASP A 1 52  ? 3.197   11.519  15.212  1.00 98.00 ? 48  ASP A OD2 1 
ATOM   378  N N   . THR A 1 53  ? 2.922   6.012   15.234  1.00 57.59 ? 49  THR A N   1 
ATOM   379  C CA  . THR A 1 53  ? 4.011   5.095   14.911  1.00 56.76 ? 49  THR A CA  1 
ATOM   380  C C   . THR A 1 53  ? 3.455   3.756   14.402  1.00 52.30 ? 49  THR A C   1 
ATOM   381  O O   . THR A 1 53  ? 2.677   3.115   15.123  1.00 46.42 ? 49  THR A O   1 
ATOM   382  C CB  . THR A 1 53  ? 4.803   4.853   16.214  1.00 65.64 ? 49  THR A CB  1 
ATOM   383  O OG1 . THR A 1 53  ? 5.720   5.927   16.436  1.00 72.62 ? 49  THR A OG1 1 
ATOM   384  C CG2 . THR A 1 53  ? 5.534   3.527   16.274  1.00 60.79 ? 49  THR A CG2 1 
ATOM   385  N N   . PHE A 1 54  ? 3.911   3.289   13.217  1.00 52.34 ? 50  PHE A N   1 
ATOM   386  C CA  . PHE A 1 54  ? 3.341   2.096   12.584  1.00 51.15 ? 50  PHE A CA  1 
ATOM   387  C C   . PHE A 1 54  ? 4.385   1.054   12.179  1.00 54.67 ? 50  PHE A C   1 
ATOM   388  O O   . PHE A 1 54  ? 5.413   1.383   11.561  1.00 56.13 ? 50  PHE A O   1 
ATOM   389  C CB  . PHE A 1 54  ? 2.600   2.467   11.290  1.00 51.07 ? 50  PHE A CB  1 
ATOM   390  C CG  . PHE A 1 54  ? 1.284   3.184   11.497  1.00 56.48 ? 50  PHE A CG  1 
ATOM   391  C CD1 . PHE A 1 54  ? 1.250   4.542   11.801  1.00 49.53 ? 50  PHE A CD1 1 
ATOM   392  C CD2 . PHE A 1 54  ? 0.075   2.499   11.396  1.00 47.56 ? 50  PHE A CD2 1 
ATOM   393  C CE1 . PHE A 1 54  ? 0.046   5.189   12.042  1.00 47.64 ? 50  PHE A CE1 1 
ATOM   394  C CE2 . PHE A 1 54  ? -1.129  3.157   11.610  1.00 51.58 ? 50  PHE A CE2 1 
ATOM   395  C CZ  . PHE A 1 54  ? -1.146  4.506   11.929  1.00 47.89 ? 50  PHE A CZ  1 
ATOM   396  N N   . TYR A 1 55  ? 4.045   -0.220  12.454  1.00 52.21 ? 51  TYR A N   1 
ATOM   397  C CA  . TYR A 1 55  ? 4.692   -1.373  11.833  1.00 58.29 ? 51  TYR A CA  1 
ATOM   398  C C   . TYR A 1 55  ? 3.709   -2.078  10.901  1.00 55.51 ? 51  TYR A C   1 
ATOM   399  O O   . TYR A 1 55  ? 2.623   -2.488  11.333  1.00 56.82 ? 51  TYR A O   1 
ATOM   400  C CB  . TYR A 1 55  ? 5.225   -2.390  12.855  1.00 59.30 ? 51  TYR A CB  1 
ATOM   401  C CG  . TYR A 1 55  ? 5.588   -3.763  12.308  1.00 62.50 ? 51  TYR A CG  1 
ATOM   402  C CD1 . TYR A 1 55  ? 6.815   -3.992  11.700  1.00 67.14 ? 51  TYR A CD1 1 
ATOM   403  C CD2 . TYR A 1 55  ? 4.720   -4.851  12.407  1.00 68.01 ? 51  TYR A CD2 1 
ATOM   404  C CE1 . TYR A 1 55  ? 7.172   -5.244  11.221  1.00 71.41 ? 51  TYR A CE1 1 
ATOM   405  C CE2 . TYR A 1 55  ? 5.056   -6.112  11.924  1.00 67.28 ? 51  TYR A CE2 1 
ATOM   406  C CZ  . TYR A 1 55  ? 6.300   -6.315  11.342  1.00 75.23 ? 51  TYR A CZ  1 
ATOM   407  O OH  . TYR A 1 55  ? 6.679   -7.541  10.850  1.00 75.05 ? 51  TYR A OH  1 
ATOM   408  N N   . ILE A 1 56  ? 4.132   -2.250  9.639   1.00 52.21 ? 52  ILE A N   1 
ATOM   409  C CA  . ILE A 1 56  ? 3.291   -2.871  8.627   1.00 53.43 ? 52  ILE A CA  1 
ATOM   410  C C   . ILE A 1 56  ? 4.065   -3.961  7.886   1.00 47.61 ? 52  ILE A C   1 
ATOM   411  O O   . ILE A 1 56  ? 5.076   -3.681  7.244   1.00 50.35 ? 52  ILE A O   1 
ATOM   412  C CB  . ILE A 1 56  ? 2.716   -1.812  7.659   1.00 55.47 ? 52  ILE A CB  1 
ATOM   413  C CG1 . ILE A 1 56  ? 2.094   -0.645  8.435   1.00 51.70 ? 52  ILE A CG1 1 
ATOM   414  C CG2 . ILE A 1 56  ? 1.740   -2.460  6.670   1.00 50.78 ? 52  ILE A CG2 1 
ATOM   415  C CD1 . ILE A 1 56  ? 1.305   0.352   7.599   1.00 50.50 ? 52  ILE A CD1 1 
ATOM   416  N N   . LYS A 1 57  ? 3.528   -5.190  7.958   1.00 54.92 ? 53  LYS A N   1 
ATOM   417  C CA  . LYS A 1 57  ? 3.987   -6.344  7.196   1.00 53.28 ? 53  LYS A CA  1 
ATOM   418  C C   . LYS A 1 57  ? 2.932   -6.740  6.172   1.00 46.66 ? 53  LYS A C   1 
ATOM   419  O O   . LYS A 1 57  ? 1.823   -7.088  6.559   1.00 57.91 ? 53  LYS A O   1 
ATOM   420  C CB  . LYS A 1 57  ? 4.287   -7.556  8.093   1.00 58.08 ? 53  LYS A CB  1 
ATOM   421  C CG  . LYS A 1 57  ? 4.773   -8.802  7.354   1.00 55.11 ? 53  LYS A CG  1 
ATOM   422  C CD  . LYS A 1 57  ? 5.408   -9.823  8.280   1.00 70.98 ? 53  LYS A CD  1 
ATOM   423  C CE  . LYS A 1 57  ? 4.437   -10.789 8.929   1.00 62.61 ? 53  LYS A CE  1 
ATOM   424  N NZ  . LYS A 1 57  ? 5.204   -11.856 9.608   1.00 88.73 ? 53  LYS A NZ  1 
ATOM   425  N N   . VAL A 1 58  ? 3.353   -6.768  4.895   1.00 49.93 ? 54  VAL A N   1 
ATOM   426  C CA  . VAL A 1 58  ? 2.596   -7.216  3.739   1.00 55.47 ? 54  VAL A CA  1 
ATOM   427  C C   . VAL A 1 58  ? 3.212   -8.491  3.160   1.00 54.61 ? 54  VAL A C   1 
ATOM   428  O O   . VAL A 1 58  ? 4.381   -8.530  2.794   1.00 72.70 ? 54  VAL A O   1 
ATOM   429  C CB  . VAL A 1 58  ? 2.580   -6.102  2.676   1.00 53.22 ? 54  VAL A CB  1 
ATOM   430  C CG1 . VAL A 1 58  ? 1.582   -6.427  1.575   1.00 52.91 ? 54  VAL A CG1 1 
ATOM   431  C CG2 . VAL A 1 58  ? 2.227   -4.776  3.313   1.00 48.59 ? 54  VAL A CG2 1 
ATOM   432  N N   . SER A 1 59  ? 2.406   -9.539  3.026   1.00 59.73 ? 55  SER A N   1 
ATOM   433  C CA  . SER A 1 59  ? 2.927   -10.780 2.471   1.00 59.25 ? 55  SER A CA  1 
ATOM   434  C C   . SER A 1 59  ? 1.929   -11.399 1.505   1.00 57.36 ? 55  SER A C   1 
ATOM   435  O O   . SER A 1 59  ? 0.720   -11.207 1.633   1.00 58.62 ? 55  SER A O   1 
ATOM   436  C CB  . SER A 1 59  ? 3.300   -11.756 3.538   1.00 59.66 ? 55  SER A CB  1 
ATOM   437  O OG  . SER A 1 59  ? 2.293   -11.805 4.529   1.00 63.42 ? 55  SER A OG  1 
ATOM   438  N N   . THR A 1 60  ? 2.487   -12.086 0.509   1.00 60.03 ? 56  THR A N   1 
ATOM   439  C CA  . THR A 1 60  ? 1.751   -12.993 -0.343  1.00 54.22 ? 56  THR A CA  1 
ATOM   440  C C   . THR A 1 60  ? 2.167   -14.403 0.049   1.00 52.85 ? 56  THR A C   1 
ATOM   441  O O   . THR A 1 60  ? 2.753   -14.619 1.107   1.00 64.26 ? 56  THR A O   1 
ATOM   442  C CB  . THR A 1 60  ? 2.003   -12.692 -1.830  1.00 57.91 ? 56  THR A CB  1 
ATOM   443  O OG1 . THR A 1 60  ? 3.410   -12.633 -2.044  1.00 60.23 ? 56  THR A OG1 1 
ATOM   444  C CG2 . THR A 1 60  ? 1.402   -11.389 -2.299  1.00 63.25 ? 56  THR A CG2 1 
ATOM   445  N N   . THR A 1 61  ? 1.852   -15.354 -0.825  1.00 53.18 ? 57  THR A N   1 
ATOM   446  C CA  . THR A 1 61  ? 2.315   -16.718 -0.730  1.00 56.09 ? 57  THR A CA  1 
ATOM   447  C C   . THR A 1 61  ? 3.849   -16.774 -0.595  1.00 57.82 ? 57  THR A C   1 
ATOM   448  O O   . THR A 1 61  ? 4.359   -17.487 0.262   1.00 51.66 ? 57  THR A O   1 
ATOM   449  C CB  . THR A 1 61  ? 1.672   -17.502 -1.879  1.00 64.31 ? 57  THR A CB  1 
ATOM   450  O OG1 . THR A 1 61  ? 0.285   -17.406 -1.562  1.00 73.10 ? 57  THR A OG1 1 
ATOM   451  C CG2 . THR A 1 61  ? 2.068   -18.962 -1.946  1.00 66.35 ? 57  THR A CG2 1 
ATOM   452  N N   . VAL A 1 62  ? 4.590   -16.018 -1.414  1.00 42.14 ? 58  VAL A N   1 
ATOM   453  C CA  . VAL A 1 62  ? 6.012   -16.281 -1.544  1.00 45.79 ? 58  VAL A CA  1 
ATOM   454  C C   . VAL A 1 62  ? 6.900   -15.101 -1.116  1.00 53.59 ? 58  VAL A C   1 
ATOM   455  O O   . VAL A 1 62  ? 8.109   -15.263 -0.971  1.00 53.52 ? 58  VAL A O   1 
ATOM   456  C CB  . VAL A 1 62  ? 6.372   -16.859 -2.925  1.00 51.53 ? 58  VAL A CB  1 
ATOM   457  C CG1 . VAL A 1 62  ? 5.556   -18.121 -3.244  1.00 45.45 ? 58  VAL A CG1 1 
ATOM   458  C CG2 . VAL A 1 62  ? 6.300   -15.833 -4.051  1.00 39.88 ? 58  VAL A CG2 1 
ATOM   459  N N   . TYR A 1 63  ? 6.307   -13.944 -0.802  1.00 54.86 ? 59  TYR A N   1 
ATOM   460  C CA  . TYR A 1 63  ? 7.082   -12.749 -0.511  1.00 48.57 ? 59  TYR A CA  1 
ATOM   461  C C   . TYR A 1 63  ? 6.467   -12.035 0.693   1.00 54.29 ? 59  TYR A C   1 
ATOM   462  O O   . TYR A 1 63  ? 5.260   -12.094 0.910   1.00 64.37 ? 59  TYR A O   1 
ATOM   463  C CB  . TYR A 1 63  ? 7.107   -11.893 -1.775  1.00 55.27 ? 59  TYR A CB  1 
ATOM   464  C CG  . TYR A 1 63  ? 8.183   -10.850 -1.822  1.00 59.58 ? 59  TYR A CG  1 
ATOM   465  C CD1 . TYR A 1 63  ? 9.454   -11.167 -2.276  1.00 63.15 ? 59  TYR A CD1 1 
ATOM   466  C CD2 . TYR A 1 63  ? 7.942   -9.551  -1.406  1.00 61.87 ? 59  TYR A CD2 1 
ATOM   467  C CE1 . TYR A 1 63  ? 10.467  -10.222 -2.308  1.00 57.75 ? 59  TYR A CE1 1 
ATOM   468  C CE2 . TYR A 1 63  ? 8.944   -8.591  -1.436  1.00 63.61 ? 59  TYR A CE2 1 
ATOM   469  C CZ  . TYR A 1 63  ? 10.213  -8.930  -1.883  1.00 65.21 ? 59  TYR A CZ  1 
ATOM   470  O OH  . TYR A 1 63  ? 11.216  -8.002  -1.937  1.00 77.71 ? 59  TYR A OH  1 
ATOM   471  N N   . THR A 1 64  ? 7.313   -11.412 1.514   1.00 53.86 ? 60  THR A N   1 
ATOM   472  C CA  . THR A 1 64  ? 6.886   -10.660 2.688   1.00 49.91 ? 60  THR A CA  1 
ATOM   473  C C   . THR A 1 64  ? 7.793   -9.444  2.797   1.00 54.57 ? 60  THR A C   1 
ATOM   474  O O   . THR A 1 64  ? 8.958   -9.541  2.421   1.00 58.28 ? 60  THR A O   1 
ATOM   475  C CB  . THR A 1 64  ? 6.899   -11.539 3.944   1.00 54.06 ? 60  THR A CB  1 
ATOM   476  O OG1 . THR A 1 64  ? 6.170   -10.871 4.970   1.00 62.78 ? 60  THR A OG1 1 
ATOM   477  C CG2 . THR A 1 64  ? 8.272   -11.902 4.473   1.00 47.72 ? 60  THR A CG2 1 
ATOM   478  N N   . THR A 1 65  ? 7.256   -8.298  3.233   1.00 58.21 ? 61  THR A N   1 
ATOM   479  C CA  . THR A 1 65  ? 8.079   -7.133  3.543   1.00 58.23 ? 61  THR A CA  1 
ATOM   480  C C   . THR A 1 65  ? 7.458   -6.317  4.666   1.00 65.02 ? 61  THR A C   1 
ATOM   481  O O   . THR A 1 65  ? 6.259   -6.423  4.941   1.00 67.05 ? 61  THR A O   1 
ATOM   482  C CB  . THR A 1 65  ? 8.474   -6.270  2.333   1.00 67.55 ? 61  THR A CB  1 
ATOM   483  O OG1 . THR A 1 65  ? 7.450   -6.305  1.345   1.00 58.67 ? 61  THR A OG1 1 
ATOM   484  C CG2 . THR A 1 65  ? 9.816   -6.651  1.722   1.00 70.08 ? 61  THR A CG2 1 
ATOM   485  N N   . GLU A 1 66  ? 8.317   -5.534  5.323   1.00 58.96 ? 62  GLU A N   1 
ATOM   486  C CA  . GLU A 1 66  ? 7.945   -4.782  6.501   1.00 59.28 ? 62  GLU A CA  1 
ATOM   487  C C   . GLU A 1 66  ? 8.320   -3.320  6.318   1.00 67.71 ? 62  GLU A C   1 
ATOM   488  O O   . GLU A 1 66  ? 9.417   -3.007  5.865   1.00 67.14 ? 62  GLU A O   1 
ATOM   489  C CB  . GLU A 1 66  ? 8.764   -5.269  7.684   1.00 61.77 ? 62  GLU A CB  1 
ATOM   490  C CG  . GLU A 1 66  ? 8.381   -6.644  8.187   1.00 75.81 ? 62  GLU A CG  1 
ATOM   491  C CD  . GLU A 1 66  ? 9.514   -7.241  9.000   1.00 80.78 ? 62  GLU A CD  1 
ATOM   492  O OE1 . GLU A 1 66  ? 9.298   -7.543  10.196  1.00 67.17 ? 62  GLU A OE1 1 
ATOM   493  O OE2 . GLU A 1 66  ? 10.628  -7.387  8.430   1.00 92.76 ? 62  GLU A OE2 1 
ATOM   494  N N   . ILE A 1 67  ? 7.428   -2.416  6.728   1.00 72.09 ? 63  ILE A N   1 
ATOM   495  C CA  . ILE A 1 67  ? 7.871   -1.039  6.866   1.00 70.12 ? 63  ILE A CA  1 
ATOM   496  C C   . ILE A 1 67  ? 7.574   -0.537  8.270   1.00 69.31 ? 63  ILE A C   1 
ATOM   497  O O   . ILE A 1 67  ? 6.672   -1.029  8.941   1.00 73.21 ? 63  ILE A O   1 
ATOM   498  C CB  . ILE A 1 67  ? 7.292   -0.120  5.783   1.00 69.41 ? 63  ILE A CB  1 
ATOM   499  C CG1 . ILE A 1 67  ? 5.766   -0.059  5.856   1.00 63.02 ? 63  ILE A CG1 1 
ATOM   500  C CG2 . ILE A 1 67  ? 7.808   -0.526  4.406   1.00 74.39 ? 63  ILE A CG2 1 
ATOM   501  C CD1 . ILE A 1 67  ? 5.134   0.629   4.661   1.00 68.76 ? 63  ILE A CD1 1 
ATOM   502  N N   . ASN A 1 68  ? 8.407   0.410   8.699   1.00 67.51 ? 64  ASN A N   1 
ATOM   503  C CA  . ASN A 1 68  ? 8.250   1.143   9.938   1.00 63.91 ? 64  ASN A CA  1 
ATOM   504  C C   . ASN A 1 68  ? 8.287   2.618   9.565   1.00 63.94 ? 64  ASN A C   1 
ATOM   505  O O   . ASN A 1 68  ? 9.109   3.000   8.726   1.00 68.01 ? 64  ASN A O   1 
ATOM   506  C CB  . ASN A 1 68  ? 9.338   0.771   10.954  1.00 70.19 ? 64  ASN A CB  1 
ATOM   507  C CG  . ASN A 1 68  ? 9.300   -0.698  11.333  1.00 71.31 ? 64  ASN A CG  1 
ATOM   508  O OD1 . ASN A 1 68  ? 8.805   -1.069  12.398  1.00 59.81 ? 64  ASN A OD1 1 
ATOM   509  N ND2 . ASN A 1 68  ? 9.781   -1.552  10.442  1.00 68.01 ? 64  ASN A ND2 1 
ATOM   510  N N   . PHE A 1 69  ? 7.346   3.398   10.123  1.00 52.75 ? 65  PHE A N   1 
ATOM   511  C CA  . PHE A 1 69  ? 7.317   4.841   9.931   1.00 54.46 ? 65  PHE A CA  1 
ATOM   512  C C   . PHE A 1 69  ? 6.634   5.531   11.105  1.00 53.45 ? 65  PHE A C   1 
ATOM   513  O O   . PHE A 1 69  ? 5.874   4.894   11.840  1.00 51.92 ? 65  PHE A O   1 
ATOM   514  C CB  . PHE A 1 69  ? 6.661   5.228   8.607   1.00 61.29 ? 65  PHE A CB  1 
ATOM   515  C CG  . PHE A 1 69  ? 5.200   4.880   8.451   1.00 64.53 ? 65  PHE A CG  1 
ATOM   516  C CD1 . PHE A 1 69  ? 4.808   3.645   7.951   1.00 60.68 ? 65  PHE A CD1 1 
ATOM   517  C CD2 . PHE A 1 69  ? 4.211   5.804   8.758   1.00 62.76 ? 65  PHE A CD2 1 
ATOM   518  C CE1 . PHE A 1 69  ? 3.465   3.337   7.784   1.00 61.86 ? 65  PHE A CE1 1 
ATOM   519  C CE2 . PHE A 1 69  ? 2.870   5.504   8.572   1.00 57.35 ? 65  PHE A CE2 1 
ATOM   520  C CZ  . PHE A 1 69  ? 2.496   4.265   8.102   1.00 59.32 ? 65  PHE A CZ  1 
ATOM   521  N N   . LYS A 1 70  ? 6.998   6.807   11.305  1.00 59.14 ? 66  LYS A N   1 
ATOM   522  C CA  . LYS A 1 70  ? 6.248   7.731   12.150  1.00 58.98 ? 66  LYS A CA  1 
ATOM   523  C C   . LYS A 1 70  ? 5.511   8.662   11.190  1.00 59.31 ? 66  LYS A C   1 
ATOM   524  O O   . LYS A 1 70  ? 6.069   9.068   10.149  1.00 53.05 ? 66  LYS A O   1 
ATOM   525  C CB  . LYS A 1 70  ? 7.196   8.517   13.070  1.00 64.26 ? 66  LYS A CB  1 
ATOM   526  C CG  . LYS A 1 70  ? 6.719   8.834   14.493  1.00 68.11 ? 66  LYS A CG  1 
ATOM   527  N N   . VAL A 1 71  ? 4.247   8.958   11.510  1.00 49.06 ? 67  VAL A N   1 
ATOM   528  C CA  . VAL A 1 71  ? 3.566   9.998   10.750  1.00 53.08 ? 67  VAL A CA  1 
ATOM   529  C C   . VAL A 1 71  ? 4.399   11.284  10.849  1.00 56.12 ? 67  VAL A C   1 
ATOM   530  O O   . VAL A 1 71  ? 4.945   11.609  11.901  1.00 53.43 ? 67  VAL A O   1 
ATOM   531  C CB  . VAL A 1 71  ? 2.124   10.199  11.248  1.00 57.19 ? 67  VAL A CB  1 
ATOM   532  C CG1 . VAL A 1 71  ? 1.485   11.454  10.653  1.00 59.49 ? 67  VAL A CG1 1 
ATOM   533  C CG2 . VAL A 1 71  ? 1.263   8.958   11.002  1.00 53.62 ? 67  VAL A CG2 1 
ATOM   534  N N   . GLY A 1 72  ? 4.571   11.987  9.734   1.00 53.35 ? 68  GLY A N   1 
ATOM   535  C CA  . GLY A 1 72  ? 5.326   13.223  9.791   1.00 56.49 ? 68  GLY A CA  1 
ATOM   536  C C   . GLY A 1 72  ? 6.826   13.037  9.600   1.00 65.29 ? 68  GLY A C   1 
ATOM   537  O O   . GLY A 1 72  ? 7.526   14.029  9.436   1.00 77.56 ? 68  GLY A O   1 
ATOM   538  N N   . GLU A 1 73  ? 7.329   11.793  9.595   1.00 72.72 ? 69  GLU A N   1 
ATOM   539  C CA  . GLU A 1 73  ? 8.768   11.607  9.415   1.00 74.40 ? 69  GLU A CA  1 
ATOM   540  C C   . GLU A 1 73  ? 9.101   10.878  8.118   1.00 70.18 ? 69  GLU A C   1 
ATOM   541  O O   . GLU A 1 73  ? 8.637   9.761   7.879   1.00 73.45 ? 69  GLU A O   1 
ATOM   542  C CB  . GLU A 1 73  ? 9.395   10.811  10.552  1.00 72.10 ? 69  GLU A CB  1 
ATOM   543  C CG  . GLU A 1 73  ? 9.700   11.637  11.777  1.00 80.83 ? 69  GLU A CG  1 
ATOM   544  C CD  . GLU A 1 73  ? 10.351  10.802  12.868  1.00 97.77 ? 69  GLU A CD  1 
ATOM   545  O OE1 . GLU A 1 73  ? 11.071  9.813   12.532  1.00 86.56 ? 69  GLU A OE1 1 
ATOM   546  O OE2 . GLU A 1 73  ? 10.123  11.126  14.051  1.00 98.00 ? 69  GLU A OE2 1 
ATOM   547  N N   . GLU A 1 74  ? 9.965   11.512  7.320   1.00 69.12 ? 70  GLU A N   1 
ATOM   548  C CA  . GLU A 1 74  ? 10.503  10.932  6.100   1.00 70.49 ? 70  GLU A CA  1 
ATOM   549  C C   . GLU A 1 74  ? 11.118  9.569   6.397   1.00 61.44 ? 70  GLU A C   1 
ATOM   550  O O   . GLU A 1 74  ? 11.698  9.368   7.461   1.00 62.42 ? 70  GLU A O   1 
ATOM   551  C CB  . GLU A 1 74  ? 11.545  11.865  5.488   1.00 74.02 ? 70  GLU A CB  1 
ATOM   552  C CG  . GLU A 1 74  ? 12.004  11.438  4.107   1.00 89.50 ? 70  GLU A CG  1 
ATOM   553  C CD  . GLU A 1 74  ? 12.208  12.594  3.147   1.00 91.83 ? 70  GLU A CD  1 
ATOM   554  O OE1 . GLU A 1 74  ? 11.673  13.677  3.442   1.00 84.78 ? 70  GLU A OE1 1 
ATOM   555  O OE2 . GLU A 1 74  ? 12.889  12.405  2.106   1.00 98.00 ? 70  GLU A OE2 1 
ATOM   556  N N   . PHE A 1 75  ? 10.956  8.639   5.450   1.00 63.59 ? 71  PHE A N   1 
ATOM   557  C CA  . PHE A 1 75  ? 11.568  7.320   5.499   1.00 69.10 ? 71  PHE A CA  1 
ATOM   558  C C   . PHE A 1 75  ? 11.734  6.817   4.067   1.00 72.73 ? 71  PHE A C   1 
ATOM   559  O O   . PHE A 1 75  ? 11.087  7.344   3.162   1.00 75.60 ? 71  PHE A O   1 
ATOM   560  C CB  . PHE A 1 75  ? 10.786  6.379   6.423   1.00 62.47 ? 71  PHE A CB  1 
ATOM   561  C CG  . PHE A 1 75  ? 9.412   6.025   5.924   1.00 66.92 ? 71  PHE A CG  1 
ATOM   562  C CD1 . PHE A 1 75  ? 8.360   6.929   6.038   1.00 69.88 ? 71  PHE A CD1 1 
ATOM   563  C CD2 . PHE A 1 75  ? 9.174   4.805   5.311   1.00 63.88 ? 71  PHE A CD2 1 
ATOM   564  C CE1 . PHE A 1 75  ? 7.097   6.621   5.546   1.00 65.15 ? 71  PHE A CE1 1 
ATOM   565  C CE2 . PHE A 1 75  ? 7.910   4.495   4.823   1.00 63.22 ? 71  PHE A CE2 1 
ATOM   566  C CZ  . PHE A 1 75  ? 6.876   5.403   4.939   1.00 64.92 ? 71  PHE A CZ  1 
ATOM   567  N N   . GLU A 1 76  ? 12.645  5.846   3.878   1.00 80.31 ? 72  GLU A N   1 
ATOM   568  C CA  . GLU A 1 76  ? 12.901  5.176   2.607   1.00 81.20 ? 72  GLU A CA  1 
ATOM   569  C C   . GLU A 1 76  ? 12.010  3.936   2.505   1.00 82.78 ? 72  GLU A C   1 
ATOM   570  O O   . GLU A 1 76  ? 11.869  3.175   3.462   1.00 72.42 ? 72  GLU A O   1 
ATOM   571  C CB  . GLU A 1 76  ? 14.378  4.786   2.489   1.00 78.58 ? 72  GLU A CB  1 
ATOM   572  C CG  . GLU A 1 76  ? 14.897  4.733   1.063   1.00 89.05 ? 72  GLU A CG  1 
ATOM   573  N N   . GLU A 1 77  ? 11.367  3.751   1.349   1.00 78.77 ? 73  GLU A N   1 
ATOM   574  C CA  . GLU A 1 77  ? 10.670  2.503   1.085   1.00 82.22 ? 73  GLU A CA  1 
ATOM   575  C C   . GLU A 1 77  ? 10.872  2.131   -0.386  1.00 83.64 ? 73  GLU A C   1 
ATOM   576  O O   . GLU A 1 77  ? 11.703  2.734   -1.069  1.00 84.51 ? 73  GLU A O   1 
ATOM   577  C CB  . GLU A 1 77  ? 9.227   2.532   1.632   1.00 84.51 ? 73  GLU A CB  1 
ATOM   578  C CG  . GLU A 1 77  ? 8.270   3.515   0.946   1.00 89.65 ? 73  GLU A CG  1 
ATOM   579  C CD  . GLU A 1 77  ? 6.760   3.385   1.193   1.00 91.91 ? 73  GLU A CD  1 
ATOM   580  O OE1 . GLU A 1 77  ? 6.326   2.356   1.747   1.00 92.44 ? 73  GLU A OE1 1 
ATOM   581  O OE2 . GLU A 1 77  ? 5.997   4.317   0.827   1.00 87.77 ? 73  GLU A OE2 1 
ATOM   582  N N   . GLN A 1 78  ? 10.136  1.115   -0.853  1.00 78.94 ? 74  GLN A N   1 
ATOM   583  C CA  . GLN A 1 78  ? 10.054  0.789   -2.271  1.00 88.82 ? 74  GLN A CA  1 
ATOM   584  C C   . GLN A 1 78  ? 8.677   1.212   -2.812  1.00 89.87 ? 74  GLN A C   1 
ATOM   585  O O   . GLN A 1 78  ? 7.682   1.200   -2.085  1.00 89.82 ? 74  GLN A O   1 
ATOM   586  C CB  . GLN A 1 78  ? 10.462  -0.677  -2.505  1.00 76.15 ? 74  GLN A CB  1 
ATOM   587  N N   . THR A 1 79  ? 8.617   1.641   -4.082  1.00 89.73 ? 75  THR A N   1 
ATOM   588  C CA  . THR A 1 79  ? 7.341   1.949   -4.714  1.00 93.68 ? 75  THR A CA  1 
ATOM   589  C C   . THR A 1 79  ? 6.603   0.639   -4.965  1.00 96.54 ? 75  THR A C   1 
ATOM   590  O O   . THR A 1 79  ? 7.024   -0.420  -4.503  1.00 98.00 ? 75  THR A O   1 
ATOM   591  C CB  . THR A 1 79  ? 7.481   2.767   -6.012  1.00 98.00 ? 75  THR A CB  1 
ATOM   592  O OG1 . THR A 1 79  ? 8.414   2.148   -6.905  1.00 93.66 ? 75  THR A OG1 1 
ATOM   593  C CG2 . THR A 1 79  ? 7.812   4.229   -5.784  1.00 93.74 ? 75  THR A CG2 1 
ATOM   594  N N   . VAL A 1 80  ? 5.501   0.713   -5.712  1.00 92.68 ? 76  VAL A N   1 
ATOM   595  C CA  . VAL A 1 80  ? 4.750   -0.495  -5.997  1.00 98.00 ? 76  VAL A CA  1 
ATOM   596  C C   . VAL A 1 80  ? 5.484   -1.317  -7.077  1.00 98.00 ? 76  VAL A C   1 
ATOM   597  O O   . VAL A 1 80  ? 5.238   -2.518  -7.216  1.00 98.00 ? 76  VAL A O   1 
ATOM   598  C CB  . VAL A 1 80  ? 3.260   -0.165  -6.265  1.00 95.01 ? 76  VAL A CB  1 
ATOM   599  C CG1 . VAL A 1 80  ? 2.503   -1.268  -6.987  1.00 91.78 ? 76  VAL A CG1 1 
ATOM   600  C CG2 . VAL A 1 80  ? 2.520   0.245   -4.992  1.00 89.32 ? 76  VAL A CG2 1 
ATOM   601  N N   . ASP A 1 81  ? 6.457   -0.689  -7.776  1.00 98.00 ? 77  ASP A N   1 
ATOM   602  C CA  . ASP A 1 81  ? 7.269   -1.326  -8.815  1.00 98.00 ? 77  ASP A CA  1 
ATOM   603  C C   . ASP A 1 81  ? 8.701   -1.613  -8.333  1.00 98.00 ? 77  ASP A C   1 
ATOM   604  O O   . ASP A 1 81  ? 9.585   -1.924  -9.143  1.00 98.00 ? 77  ASP A O   1 
ATOM   605  C CB  . ASP A 1 81  ? 7.182   -0.578  -10.158 1.00 98.00 ? 77  ASP A CB  1 
ATOM   606  C CG  . ASP A 1 81  ? 8.114   0.623   -10.340 1.00 98.00 ? 77  ASP A CG  1 
ATOM   607  O OD1 . ASP A 1 81  ? 8.080   1.555   -9.484  1.00 98.00 ? 77  ASP A OD1 1 
ATOM   608  O OD2 . ASP A 1 81  ? 8.860   0.634   -11.358 1.00 98.00 ? 77  ASP A OD2 1 
ATOM   609  N N   . GLY A 1 82  ? 8.924   -1.499  -7.013  1.00 98.00 ? 78  GLY A N   1 
ATOM   610  C CA  . GLY A 1 82  ? 10.168  -1.887  -6.361  1.00 92.16 ? 78  GLY A CA  1 
ATOM   611  C C   . GLY A 1 82  ? 11.355  -1.014  -6.760  1.00 94.80 ? 78  GLY A C   1 
ATOM   612  O O   . GLY A 1 82  ? 12.351  -1.512  -7.273  1.00 98.00 ? 78  GLY A O   1 
ATOM   613  N N   . ARG A 1 83  ? 11.224  0.298   -6.549  1.00 95.75 ? 79  ARG A N   1 
ATOM   614  C CA  . ARG A 1 83  ? 12.345  1.217   -6.644  1.00 94.19 ? 79  ARG A CA  1 
ATOM   615  C C   . ARG A 1 83  ? 12.415  1.958   -5.310  1.00 96.90 ? 79  ARG A C   1 
ATOM   616  O O   . ARG A 1 83  ? 11.370  2.335   -4.797  1.00 80.29 ? 79  ARG A O   1 
ATOM   617  C CB  . ARG A 1 83  ? 12.145  2.151   -7.841  1.00 86.22 ? 79  ARG A CB  1 
ATOM   618  C CG  . ARG A 1 83  ? 12.036  1.431   -9.181  1.00 95.46 ? 79  ARG A CG  1 
ATOM   619  C CD  . ARG A 1 83  ? 11.444  2.299   -10.272 1.00 91.41 ? 79  ARG A CD  1 
ATOM   620  N NE  . ARG A 1 83  ? 12.315  3.445   -10.485 1.00 98.00 ? 79  ARG A NE  1 
ATOM   621  C CZ  . ARG A 1 83  ? 12.105  4.439   -11.346 1.00 98.00 ? 79  ARG A CZ  1 
ATOM   622  N NH1 . ARG A 1 83  ? 11.019  4.462   -12.105 1.00 98.00 ? 79  ARG A NH1 1 
ATOM   623  N NH2 . ARG A 1 83  ? 12.996  5.413   -11.437 1.00 98.00 ? 79  ARG A NH2 1 
ATOM   624  N N   . PRO A 1 84  ? 13.597  2.112   -4.660  1.00 98.00 ? 80  PRO A N   1 
ATOM   625  C CA  . PRO A 1 84  ? 13.704  2.921   -3.441  1.00 98.00 ? 80  PRO A CA  1 
ATOM   626  C C   . PRO A 1 84  ? 13.242  4.360   -3.665  1.00 98.00 ? 80  PRO A C   1 
ATOM   627  O O   . PRO A 1 84  ? 13.608  4.983   -4.664  1.00 98.00 ? 80  PRO A O   1 
ATOM   628  C CB  . PRO A 1 84  ? 15.201  2.850   -3.095  1.00 92.75 ? 80  PRO A CB  1 
ATOM   629  C CG  . PRO A 1 84  ? 15.626  1.527   -3.684  1.00 94.04 ? 80  PRO A CG  1 
ATOM   630  C CD  . PRO A 1 84  ? 14.868  1.452   -4.996  1.00 98.00 ? 80  PRO A CD  1 
ATOM   631  N N   . CYS A 1 85  ? 12.425  4.861   -2.726  1.00 90.27 ? 81  CYS A N   1 
ATOM   632  C CA  . CYS A 1 85  ? 11.842  6.195   -2.798  1.00 93.55 ? 81  CYS A CA  1 
ATOM   633  C C   . CYS A 1 85  ? 11.833  6.856   -1.414  1.00 88.64 ? 81  CYS A C   1 
ATOM   634  O O   . CYS A 1 85  ? 12.006  6.176   -0.405  1.00 90.97 ? 81  CYS A O   1 
ATOM   635  C CB  . CYS A 1 85  ? 10.450  6.148   -3.428  1.00 98.00 ? 81  CYS A CB  1 
ATOM   636  S SG  . CYS A 1 85  ? 9.184   5.230   -2.500  1.00 84.45 ? 81  CYS A SG  1 
ATOM   637  N N   . LYS A 1 86  ? 11.670  8.190   -1.379  1.00 73.57 ? 82  LYS A N   1 
ATOM   638  C CA  . LYS A 1 86  ? 11.451  8.907   -0.125  1.00 78.47 ? 82  LYS A CA  1 
ATOM   639  C C   . LYS A 1 86  ? 9.948   9.028   0.136   1.00 72.51 ? 82  LYS A C   1 
ATOM   640  O O   . LYS A 1 86  ? 9.185   9.462   -0.736  1.00 65.76 ? 82  LYS A O   1 
ATOM   641  C CB  . LYS A 1 86  ? 12.132  10.284  -0.115  1.00 81.19 ? 82  LYS A CB  1 
ATOM   642  C CG  . LYS A 1 86  ? 13.626  10.279  0.192   1.00 87.66 ? 82  LYS A CG  1 
ATOM   643  N N   . SER A 1 87  ? 9.534   8.664   1.357   1.00 63.86 ? 83  SER A N   1 
ATOM   644  C CA  . SER A 1 87  ? 8.119   8.588   1.695   1.00 58.63 ? 83  SER A CA  1 
ATOM   645  C C   . SER A 1 87  ? 7.759   9.416   2.928   1.00 57.44 ? 83  SER A C   1 
ATOM   646  O O   . SER A 1 87  ? 8.520   9.482   3.889   1.00 54.57 ? 83  SER A O   1 
ATOM   647  C CB  . SER A 1 87  ? 7.706   7.156   1.862   1.00 58.93 ? 83  SER A CB  1 
ATOM   648  O OG  . SER A 1 87  ? 7.332   6.609   0.605   1.00 61.64 ? 83  SER A OG  1 
ATOM   649  N N   . LEU A 1 88  ? 6.557   10.008  2.920   1.00 59.43 ? 84  LEU A N   1 
ATOM   650  C CA  . LEU A 1 88  ? 6.117   10.824  4.049   1.00 56.06 ? 84  LEU A CA  1 
ATOM   651  C C   . LEU A 1 88  ? 4.609   10.703  4.235   1.00 56.43 ? 84  LEU A C   1 
ATOM   652  O O   . LEU A 1 88  ? 3.833   10.928  3.307   1.00 60.63 ? 84  LEU A O   1 
ATOM   653  C CB  . LEU A 1 88  ? 6.490   12.275  3.756   1.00 49.64 ? 84  LEU A CB  1 
ATOM   654  C CG  . LEU A 1 88  ? 6.108   13.295  4.815   1.00 50.89 ? 84  LEU A CG  1 
ATOM   655  C CD1 . LEU A 1 88  ? 6.754   12.945  6.146   1.00 55.35 ? 84  LEU A CD1 1 
ATOM   656  C CD2 . LEU A 1 88  ? 6.560   14.678  4.350   1.00 50.55 ? 84  LEU A CD2 1 
ATOM   657  N N   . VAL A 1 89  ? 4.207   10.389  5.463   1.00 52.04 ? 85  VAL A N   1 
ATOM   658  C CA  . VAL A 1 89  ? 2.825   10.054  5.732   1.00 45.87 ? 85  VAL A CA  1 
ATOM   659  C C   . VAL A 1 89  ? 2.218   11.156  6.602   1.00 49.55 ? 85  VAL A C   1 
ATOM   660  O O   . VAL A 1 89  ? 2.823   11.564  7.598   1.00 59.31 ? 85  VAL A O   1 
ATOM   661  C CB  . VAL A 1 89  ? 2.705   8.641   6.351   1.00 45.46 ? 85  VAL A CB  1 
ATOM   662  C CG1 . VAL A 1 89  ? 1.366   8.421   7.030   1.00 50.55 ? 85  VAL A CG1 1 
ATOM   663  C CG2 . VAL A 1 89  ? 2.953   7.528   5.336   1.00 45.66 ? 85  VAL A CG2 1 
ATOM   664  N N   . LYS A 1 90  ? 1.006   11.609  6.226   1.00 50.29 ? 86  LYS A N   1 
ATOM   665  C CA  . LYS A 1 90  ? 0.251   12.601  6.980   1.00 51.81 ? 86  LYS A CA  1 
ATOM   666  C C   . LYS A 1 90  ? -1.182  12.140  7.219   1.00 48.51 ? 86  LYS A C   1 
ATOM   667  O O   . LYS A 1 90  ? -1.765  11.478  6.368   1.00 51.34 ? 86  LYS A O   1 
ATOM   668  C CB  . LYS A 1 90  ? 0.267   13.937  6.240   1.00 47.85 ? 86  LYS A CB  1 
ATOM   669  C CG  . LYS A 1 90  ? 1.541   14.735  6.443   1.00 49.05 ? 86  LYS A CG  1 
ATOM   670  C CD  . LYS A 1 90  ? 1.970   15.506  5.221   1.00 53.10 ? 86  LYS A CD  1 
ATOM   671  C CE  . LYS A 1 90  ? 3.303   16.177  5.423   1.00 48.04 ? 86  LYS A CE  1 
ATOM   672  N NZ  . LYS A 1 90  ? 3.223   17.577  4.978   1.00 60.16 ? 86  LYS A NZ  1 
ATOM   673  N N   . TRP A 1 91  ? -1.743  12.502  8.381   1.00 45.45 ? 87  TRP A N   1 
ATOM   674  C CA  . TRP A 1 91  ? -3.151  12.233  8.608   1.00 50.14 ? 87  TRP A CA  1 
ATOM   675  C C   . TRP A 1 91  ? -4.022  13.131  7.726   1.00 55.62 ? 87  TRP A C   1 
ATOM   676  O O   . TRP A 1 91  ? -3.615  14.219  7.305   1.00 55.70 ? 87  TRP A O   1 
ATOM   677  C CB  . TRP A 1 91  ? -3.503  12.439  10.074  1.00 53.43 ? 87  TRP A CB  1 
ATOM   678  C CG  . TRP A 1 91  ? -2.791  11.563  11.056  1.00 56.36 ? 87  TRP A CG  1 
ATOM   679  C CD1 . TRP A 1 91  ? -1.758  11.921  11.862  1.00 54.78 ? 87  TRP A CD1 1 
ATOM   680  C CD2 . TRP A 1 91  ? -3.119  10.210  11.409  1.00 60.94 ? 87  TRP A CD2 1 
ATOM   681  N NE1 . TRP A 1 91  ? -1.412  10.888  12.684  1.00 63.35 ? 87  TRP A NE1 1 
ATOM   682  C CE2 . TRP A 1 91  ? -2.224  9.820   12.424  1.00 66.95 ? 87  TRP A CE2 1 
ATOM   683  C CE3 . TRP A 1 91  ? -4.078  9.292   10.967  1.00 66.61 ? 87  TRP A CE3 1 
ATOM   684  C CZ2 . TRP A 1 91  ? -2.243  8.546   12.992  1.00 64.53 ? 87  TRP A CZ2 1 
ATOM   685  C CZ3 . TRP A 1 91  ? -4.100  8.032   11.521  1.00 66.22 ? 87  TRP A CZ3 1 
ATOM   686  C CH2 . TRP A 1 91  ? -3.196  7.670   12.525  1.00 67.76 ? 87  TRP A CH2 1 
ATOM   687  N N   . GLU A 1 92  ? -5.245  12.665  7.465   1.00 54.84 ? 88  GLU A N   1 
ATOM   688  C CA  . GLU A 1 92  ? -6.179  13.358  6.607   1.00 52.54 ? 88  GLU A CA  1 
ATOM   689  C C   . GLU A 1 92  ? -7.485  13.526  7.368   1.00 55.05 ? 88  GLU A C   1 
ATOM   690  O O   . GLU A 1 92  ? -8.305  14.380  7.044   1.00 66.82 ? 88  GLU A O   1 
ATOM   691  C CB  . GLU A 1 92  ? -6.417  12.516  5.370   1.00 56.01 ? 88  GLU A CB  1 
ATOM   692  C CG  . GLU A 1 92  ? -6.791  13.327  4.163   1.00 75.79 ? 88  GLU A CG  1 
ATOM   693  C CD  . GLU A 1 92  ? -7.298  12.431  3.053   1.00 93.23 ? 88  GLU A CD  1 
ATOM   694  O OE1 . GLU A 1 92  ? -8.501  12.068  3.101   1.00 92.12 ? 88  GLU A OE1 1 
ATOM   695  O OE2 . GLU A 1 92  ? -6.483  12.076  2.161   1.00 98.00 ? 88  GLU A OE2 1 
ATOM   696  N N   . SER A 1 93  ? -7.630  12.697  8.396   1.00 51.43 ? 89  SER A N   1 
ATOM   697  C CA  . SER A 1 93  ? -8.768  12.631  9.294   1.00 55.42 ? 89  SER A CA  1 
ATOM   698  C C   . SER A 1 93  ? -8.432  11.543  10.302  1.00 49.30 ? 89  SER A C   1 
ATOM   699  O O   . SER A 1 93  ? -7.339  10.996  10.248  1.00 53.96 ? 89  SER A O   1 
ATOM   700  C CB  . SER A 1 93  ? -10.071 12.344  8.571   1.00 53.36 ? 89  SER A CB  1 
ATOM   701  O OG  . SER A 1 93  ? -10.079 11.043  7.999   1.00 64.23 ? 89  SER A OG  1 
ATOM   702  N N   . GLU A 1 94  ? -9.369  11.225  11.190  1.00 52.45 ? 90  GLU A N   1 
ATOM   703  C CA  . GLU A 1 94  ? -9.085  10.375  12.330  1.00 52.29 ? 90  GLU A CA  1 
ATOM   704  C C   . GLU A 1 94  ? -8.424  9.066   11.898  1.00 59.44 ? 90  GLU A C   1 
ATOM   705  O O   . GLU A 1 94  ? -7.467  8.630   12.540  1.00 58.70 ? 90  GLU A O   1 
ATOM   706  C CB  . GLU A 1 94  ? -10.366 10.081  13.105  1.00 58.64 ? 90  GLU A CB  1 
ATOM   707  C CG  . GLU A 1 94  ? -10.121 9.293   14.387  1.00 67.58 ? 90  GLU A CG  1 
ATOM   708  C CD  . GLU A 1 94  ? -11.355 9.134   15.262  1.00 72.14 ? 90  GLU A CD  1 
ATOM   709  O OE1 . GLU A 1 94  ? -12.428 9.627   14.856  1.00 83.73 ? 90  GLU A OE1 1 
ATOM   710  O OE2 . GLU A 1 94  ? -11.243 8.526   16.345  1.00 84.92 ? 90  GLU A OE2 1 
ATOM   711  N N   . ASN A 1 95  ? -8.938  8.441   10.824  1.00 62.06 ? 91  ASN A N   1 
ATOM   712  C CA  . ASN A 1 95  ? -8.495  7.102   10.463  1.00 58.90 ? 91  ASN A CA  1 
ATOM   713  C C   . ASN A 1 95  ? -8.195  7.014   8.979   1.00 56.57 ? 91  ASN A C   1 
ATOM   714  O O   . ASN A 1 95  ? -8.428  5.981   8.371   1.00 61.35 ? 91  ASN A O   1 
ATOM   715  C CB  . ASN A 1 95  ? -9.495  6.024   10.889  1.00 70.65 ? 91  ASN A CB  1 
ATOM   716  C CG  . ASN A 1 95  ? -9.667  5.957   12.396  1.00 73.50 ? 91  ASN A CG  1 
ATOM   717  O OD1 . ASN A 1 95  ? -8.756  5.555   13.137  1.00 67.43 ? 91  ASN A OD1 1 
ATOM   718  N ND2 . ASN A 1 95  ? -10.833 6.383   12.848  1.00 67.72 ? 91  ASN A ND2 1 
ATOM   719  N N   . LYS A 1 96  ? -7.694  8.108   8.403   1.00 56.59 ? 92  LYS A N   1 
ATOM   720  C CA  . LYS A 1 96  ? -7.139  8.034   7.065   1.00 54.63 ? 92  LYS A CA  1 
ATOM   721  C C   . LYS A 1 96  ? -5.764  8.702   7.044   1.00 49.69 ? 92  LYS A C   1 
ATOM   722  O O   . LYS A 1 96  ? -5.548  9.760   7.603   1.00 44.42 ? 92  LYS A O   1 
ATOM   723  C CB  . LYS A 1 96  ? -8.136  8.574   6.029   1.00 54.22 ? 92  LYS A CB  1 
ATOM   724  C CG  . LYS A 1 96  ? -7.630  8.608   4.589   1.00 54.94 ? 92  LYS A CG  1 
ATOM   725  C CD  . LYS A 1 96  ? -8.696  8.775   3.526   1.00 60.97 ? 92  LYS A CD  1 
ATOM   726  C CE  . LYS A 1 96  ? -8.133  9.020   2.136   1.00 72.22 ? 92  LYS A CE  1 
ATOM   727  N NZ  . LYS A 1 96  ? -9.017  8.494   1.067   1.00 75.47 ? 92  LYS A NZ  1 
ATOM   728  N N   . MET A 1 97  ? -4.828  8.070   6.363   1.00 53.78 ? 93  MET A N   1 
ATOM   729  C CA  . MET A 1 97  ? -3.527  8.668   6.182   1.00 53.42 ? 93  MET A CA  1 
ATOM   730  C C   . MET A 1 97  ? -3.144  8.590   4.705   1.00 51.95 ? 93  MET A C   1 
ATOM   731  O O   . MET A 1 97  ? -3.609  7.674   4.012   1.00 50.37 ? 93  MET A O   1 
ATOM   732  C CB  . MET A 1 97  ? -2.525  7.889   7.025   1.00 56.99 ? 93  MET A CB  1 
ATOM   733  C CG  . MET A 1 97  ? -2.372  6.438   6.619   1.00 64.59 ? 93  MET A CG  1 
ATOM   734  S SD  . MET A 1 97  ? -1.329  5.504   7.793   1.00 63.36 ? 93  MET A SD  1 
ATOM   735  C CE  . MET A 1 97  ? -1.646  6.494   9.252   1.00 55.52 ? 93  MET A CE  1 
ATOM   736  N N   . VAL A 1 98  ? -2.326  9.554   4.238   1.00 45.14 ? 94  VAL A N   1 
ATOM   737  C CA  . VAL A 1 98  ? -1.859  9.580   2.850   1.00 54.09 ? 94  VAL A CA  1 
ATOM   738  C C   . VAL A 1 98  ? -0.339  9.653   2.837   1.00 54.02 ? 94  VAL A C   1 
ATOM   739  O O   . VAL A 1 98  ? 0.266   10.283  3.699   1.00 56.72 ? 94  VAL A O   1 
ATOM   740  C CB  . VAL A 1 98  ? -2.418  10.758  2.015   1.00 53.96 ? 94  VAL A CB  1 
ATOM   741  C CG1 . VAL A 1 98  ? -3.905  10.623  1.762   1.00 71.89 ? 94  VAL A CG1 1 
ATOM   742  C CG2 . VAL A 1 98  ? -2.123  12.099  2.673   1.00 57.92 ? 94  VAL A CG2 1 
ATOM   743  N N   . CYS A 1 99  ? 0.252   9.108   1.780   1.00 50.21 ? 95  CYS A N   1 
ATOM   744  C CA  . CYS A 1 99  ? 1.692   9.025   1.701   1.00 54.30 ? 95  CYS A CA  1 
ATOM   745  C C   . CYS A 1 99  ? 2.129   9.591   0.364   1.00 54.84 ? 95  CYS A C   1 
ATOM   746  O O   . CYS A 1 99  ? 1.623   9.150   -0.664  1.00 63.14 ? 95  CYS A O   1 
ATOM   747  C CB  . CYS A 1 99  ? 2.147   7.574   1.815   1.00 52.61 ? 95  CYS A CB  1 
ATOM   748  S SG  . CYS A 1 99  ? 3.950   7.443   1.914   1.00 60.45 ? 95  CYS A SG  1 
ATOM   749  N N   . GLU A 1 100 ? 3.017   10.593  0.391   1.00 56.09 ? 96  GLU A N   1 
ATOM   750  C CA  . GLU A 1 100 ? 3.617   11.077  -0.842  1.00 61.89 ? 96  GLU A CA  1 
ATOM   751  C C   . GLU A 1 100 ? 5.020   10.483  -0.956  1.00 57.78 ? 96  GLU A C   1 
ATOM   752  O O   . GLU A 1 100 ? 5.757   10.477  0.026   1.00 65.27 ? 96  GLU A O   1 
ATOM   753  C CB  . GLU A 1 100 ? 3.638   12.608  -0.889  1.00 69.72 ? 96  GLU A CB  1 
ATOM   754  C CG  . GLU A 1 100 ? 2.373   13.277  -0.358  1.00 86.87 ? 96  GLU A CG  1 
ATOM   755  C CD  . GLU A 1 100 ? 1.160   13.413  -1.281  1.00 97.81 ? 96  GLU A CD  1 
ATOM   756  O OE1 . GLU A 1 100 ? 1.030   12.614  -2.238  1.00 98.00 ? 96  GLU A OE1 1 
ATOM   757  O OE2 . GLU A 1 100 ? 0.327   14.325  -1.039  1.00 95.90 ? 96  GLU A OE2 1 
ATOM   758  N N   . GLN A 1 101 ? 5.366   9.993   -2.155  1.00 61.33 ? 97  GLN A N   1 
ATOM   759  C CA  . GLN A 1 101 ? 6.633   9.340   -2.458  1.00 61.78 ? 97  GLN A CA  1 
ATOM   760  C C   . GLN A 1 101 ? 7.364   10.134  -3.537  1.00 67.69 ? 97  GLN A C   1 
ATOM   761  O O   . GLN A 1 101 ? 6.730   10.620  -4.466  1.00 61.31 ? 97  GLN A O   1 
ATOM   762  C CB  . GLN A 1 101 ? 6.377   7.938   -3.010  1.00 56.23 ? 97  GLN A CB  1 
ATOM   763  C CG  . GLN A 1 101 ? 5.402   7.126   -2.174  1.00 55.91 ? 97  GLN A CG  1 
ATOM   764  C CD  . GLN A 1 101 ? 5.167   5.741   -2.726  1.00 61.31 ? 97  GLN A CD  1 
ATOM   765  O OE1 . GLN A 1 101 ? 4.868   5.562   -3.906  1.00 64.53 ? 97  GLN A OE1 1 
ATOM   766  N NE2 . GLN A 1 101 ? 5.278   4.743   -1.863  1.00 61.89 ? 97  GLN A NE2 1 
ATOM   767  N N   . LYS A 1 102 ? 8.696   10.251  -3.398  1.00 75.15 ? 98  LYS A N   1 
ATOM   768  C CA  . LYS A 1 102 ? 9.574   10.768  -4.442  1.00 74.39 ? 98  LYS A CA  1 
ATOM   769  C C   . LYS A 1 102 ? 10.735  9.789   -4.633  1.00 76.56 ? 98  LYS A C   1 
ATOM   770  O O   . LYS A 1 102 ? 11.261  9.249   -3.659  1.00 76.03 ? 98  LYS A O   1 
ATOM   771  C CB  . LYS A 1 102 ? 10.103  12.166  -4.089  1.00 76.72 ? 98  LYS A CB  1 
ATOM   772  C CG  . LYS A 1 102 ? 9.085   13.178  -3.576  1.00 77.76 ? 98  LYS A CG  1 
ATOM   773  C CD  . LYS A 1 102 ? 9.678   14.205  -2.621  1.00 74.72 ? 98  LYS A CD  1 
ATOM   774  N N   . LEU A 1 103 ? 11.160  9.595   -5.891  1.00 88.18 ? 99  LEU A N   1 
ATOM   775  C CA  . LEU A 1 103 ? 12.198  8.630   -6.244  1.00 90.45 ? 99  LEU A CA  1 
ATOM   776  C C   . LEU A 1 103 ? 13.571  9.079   -5.746  1.00 95.18 ? 99  LEU A C   1 
ATOM   777  O O   . LEU A 1 103 ? 13.939  10.251  -5.858  1.00 93.32 ? 99  LEU A O   1 
ATOM   778  C CB  . LEU A 1 103 ? 12.212  8.421   -7.762  1.00 81.35 ? 99  LEU A CB  1 
ATOM   779  C CG  . LEU A 1 103 ? 11.034  7.632   -8.328  1.00 78.47 ? 99  LEU A CG  1 
ATOM   780  C CD1 . LEU A 1 103 ? 10.918  7.848   -9.826  1.00 81.26 ? 99  LEU A CD1 1 
ATOM   781  C CD2 . LEU A 1 103 ? 11.162  6.150   -8.017  1.00 80.35 ? 99  LEU A CD2 1 
ATOM   782  N N   . LEU A 1 104 ? 14.317  8.111   -5.197  1.00 96.80 ? 100 LEU A N   1 
ATOM   783  C CA  . LEU A 1 104 ? 15.714  8.298   -4.837  1.00 98.00 ? 100 LEU A CA  1 
ATOM   784  C C   . LEU A 1 104 ? 16.523  8.566   -6.104  1.00 98.00 ? 100 LEU A C   1 
ATOM   785  O O   . LEU A 1 104 ? 17.104  9.641   -6.258  1.00 95.07 ? 100 LEU A O   1 
ATOM   786  C CB  . LEU A 1 104 ? 16.210  7.031   -4.134  1.00 96.45 ? 100 LEU A CB  1 
ATOM   787  C CG  . LEU A 1 104 ? 15.930  6.958   -2.637  1.00 89.79 ? 100 LEU A CG  1 
ATOM   788  C CD1 . LEU A 1 104 ? 16.910  6.007   -1.979  1.00 80.94 ? 100 LEU A CD1 1 
ATOM   789  C CD2 . LEU A 1 104 ? 16.042  8.339   -2.005  1.00 94.58 ? 100 LEU A CD2 1 
ATOM   790  N N   . LYS A 1 105 ? 16.527  7.575   -7.009  1.00 98.00 ? 101 LYS A N   1 
ATOM   791  C CA  . LYS A 1 105 ? 17.278  7.650   -8.248  1.00 98.00 ? 101 LYS A CA  1 
ATOM   792  C C   . LYS A 1 105 ? 16.314  7.452   -9.414  1.00 98.00 ? 101 LYS A C   1 
ATOM   793  O O   . LYS A 1 105 ? 15.526  6.507   -9.413  1.00 98.00 ? 101 LYS A O   1 
ATOM   794  C CB  . LYS A 1 105 ? 18.378  6.580   -8.277  1.00 88.39 ? 101 LYS A CB  1 
ATOM   795  N N   . GLY A 1 106 ? 16.380  8.358   -10.398 1.00 98.00 ? 102 GLY A N   1 
ATOM   796  C CA  . GLY A 1 106 ? 15.802  8.097   -11.705 1.00 95.67 ? 102 GLY A CA  1 
ATOM   797  C C   . GLY A 1 106 ? 14.478  8.820   -11.936 1.00 98.00 ? 102 GLY A C   1 
ATOM   798  O O   . GLY A 1 106 ? 14.106  9.703   -11.164 1.00 87.83 ? 102 GLY A O   1 
ATOM   799  N N   . GLU A 1 107 ? 13.792  8.415   -13.016 1.00 98.00 ? 103 GLU A N   1 
ATOM   800  C CA  . GLU A 1 107 ? 12.606  9.073   -13.547 1.00 98.00 ? 103 GLU A CA  1 
ATOM   801  C C   . GLU A 1 107 ? 11.452  8.070   -13.607 1.00 98.00 ? 103 GLU A C   1 
ATOM   802  O O   . GLU A 1 107 ? 11.660  6.879   -13.862 1.00 98.00 ? 103 GLU A O   1 
ATOM   803  C CB  . GLU A 1 107 ? 12.852  9.566   -14.981 1.00 98.00 ? 103 GLU A CB  1 
ATOM   804  C CG  . GLU A 1 107 ? 14.218  10.201  -15.219 1.00 98.00 ? 103 GLU A CG  1 
ATOM   805  C CD  . GLU A 1 107 ? 14.362  11.653  -14.768 1.00 98.00 ? 103 GLU A CD  1 
ATOM   806  O OE1 . GLU A 1 107 ? 14.442  12.543  -15.653 1.00 98.00 ? 103 GLU A OE1 1 
ATOM   807  O OE2 . GLU A 1 107 ? 14.418  11.904  -13.538 1.00 98.00 ? 103 GLU A OE2 1 
ATOM   808  N N   . GLY A 1 108 ? 10.230  8.571   -13.405 1.00 83.43 ? 104 GLY A N   1 
ATOM   809  C CA  . GLY A 1 108 ? 9.042   7.749   -13.563 1.00 88.20 ? 104 GLY A CA  1 
ATOM   810  C C   . GLY A 1 108 ? 7.796   8.412   -12.982 1.00 84.57 ? 104 GLY A C   1 
ATOM   811  O O   . GLY A 1 108 ? 7.830   9.581   -12.606 1.00 83.42 ? 104 GLY A O   1 
ATOM   812  N N   . PRO A 1 109 ? 6.664   7.679   -12.880 1.00 84.89 ? 105 PRO A N   1 
ATOM   813  C CA  . PRO A 1 109 ? 5.385   8.273   -12.471 1.00 75.47 ? 105 PRO A CA  1 
ATOM   814  C C   . PRO A 1 109 ? 5.332   8.795   -11.034 1.00 76.58 ? 105 PRO A C   1 
ATOM   815  O O   . PRO A 1 109 ? 6.117   8.381   -10.188 1.00 80.85 ? 105 PRO A O   1 
ATOM   816  C CB  . PRO A 1 109 ? 4.394   7.122   -12.691 1.00 75.73 ? 105 PRO A CB  1 
ATOM   817  C CG  . PRO A 1 109 ? 5.107   6.207   -13.670 1.00 80.72 ? 105 PRO A CG  1 
ATOM   818  C CD  . PRO A 1 109 ? 6.546   6.245   -13.206 1.00 81.84 ? 105 PRO A CD  1 
ATOM   819  N N   . LYS A 1 110 ? 4.402   9.728   -10.782 1.00 78.33 ? 106 LYS A N   1 
ATOM   820  C CA  . LYS A 1 110 ? 4.070   10.224  -9.451  1.00 82.37 ? 106 LYS A CA  1 
ATOM   821  C C   . LYS A 1 110 ? 3.283   9.143   -8.699  1.00 78.72 ? 106 LYS A C   1 
ATOM   822  O O   . LYS A 1 110 ? 2.223   8.715   -9.154  1.00 67.93 ? 106 LYS A O   1 
ATOM   823  C CB  . LYS A 1 110 ? 3.271   11.534  -9.561  1.00 69.60 ? 106 LYS A CB  1 
ATOM   824  C CG  . LYS A 1 110 ? 2.849   12.200  -8.254  1.00 74.64 ? 106 LYS A CG  1 
ATOM   825  C CD  . LYS A 1 110 ? 3.662   13.426  -7.874  1.00 73.96 ? 106 LYS A CD  1 
ATOM   826  N N   . THR A 1 111 ? 3.799   8.704   -7.542  1.00 68.24 ? 107 THR A N   1 
ATOM   827  C CA  . THR A 1 111 ? 3.144   7.635   -6.808  1.00 59.83 ? 107 THR A CA  1 
ATOM   828  C C   . THR A 1 111 ? 2.697   8.144   -5.445  1.00 57.58 ? 107 THR A C   1 
ATOM   829  O O   . THR A 1 111 ? 3.253   9.102   -4.923  1.00 65.96 ? 107 THR A O   1 
ATOM   830  C CB  . THR A 1 111 ? 4.023   6.376   -6.749  1.00 61.01 ? 107 THR A CB  1 
ATOM   831  O OG1 . THR A 1 111 ? 5.388   6.678   -6.428  1.00 71.01 ? 107 THR A OG1 1 
ATOM   832  C CG2 . THR A 1 111 ? 3.983   5.589   -8.039  1.00 64.79 ? 107 THR A CG2 1 
ATOM   833  N N   . SER A 1 112 ? 1.700   7.474   -4.869  1.00 56.90 ? 108 SER A N   1 
ATOM   834  C CA  . SER A 1 112 ? 1.258   7.728   -3.505  1.00 54.34 ? 108 SER A CA  1 
ATOM   835  C C   . SER A 1 112 ? 0.280   6.636   -3.064  1.00 53.24 ? 108 SER A C   1 
ATOM   836  O O   . SER A 1 112 ? -0.168  5.812   -3.861  1.00 57.24 ? 108 SER A O   1 
ATOM   837  C CB  . SER A 1 112 ? 0.619   9.088   -3.386  1.00 47.71 ? 108 SER A CB  1 
ATOM   838  O OG  . SER A 1 112 ? -0.674  9.046   -3.961  1.00 54.56 ? 108 SER A OG  1 
ATOM   839  N N   . TRP A 1 113 ? -0.079  6.649   -1.786  1.00 50.97 ? 109 TRP A N   1 
ATOM   840  C CA  . TRP A 1 113 ? -0.991  5.628   -1.318  1.00 54.08 ? 109 TRP A CA  1 
ATOM   841  C C   . TRP A 1 113 ? -1.772  6.123   -0.112  1.00 52.22 ? 109 TRP A C   1 
ATOM   842  O O   . TRP A 1 113 ? -1.370  7.073   0.519   1.00 46.49 ? 109 TRP A O   1 
ATOM   843  C CB  . TRP A 1 113 ? -0.252  4.326   -1.017  1.00 48.04 ? 109 TRP A CB  1 
ATOM   844  C CG  . TRP A 1 113 ? 0.854   4.336   -0.002  1.00 52.13 ? 109 TRP A CG  1 
ATOM   845  C CD1 . TRP A 1 113 ? 2.194   4.226   -0.261  1.00 55.31 ? 109 TRP A CD1 1 
ATOM   846  C CD2 . TRP A 1 113 ? 0.735   4.337   1.434   1.00 48.94 ? 109 TRP A CD2 1 
ATOM   847  N NE1 . TRP A 1 113 ? 2.918   4.211   0.902   1.00 51.60 ? 109 TRP A NE1 1 
ATOM   848  C CE2 . TRP A 1 113 ? 2.046   4.254   1.959   1.00 53.69 ? 109 TRP A CE2 1 
ATOM   849  C CE3 . TRP A 1 113 ? -0.342  4.399   2.326   1.00 50.04 ? 109 TRP A CE3 1 
ATOM   850  C CZ2 . TRP A 1 113 ? 2.300   4.257   3.330   1.00 51.27 ? 109 TRP A CZ2 1 
ATOM   851  C CZ3 . TRP A 1 113 ? -0.094  4.404   3.680   1.00 49.78 ? 109 TRP A CZ3 1 
ATOM   852  C CH2 . TRP A 1 113 ? 1.213   4.326   4.171   1.00 47.32 ? 109 TRP A CH2 1 
ATOM   853  N N   . THR A 1 114 ? -2.887  5.463   0.203   1.00 55.31 ? 110 THR A N   1 
ATOM   854  C CA  . THR A 1 114 ? -3.690  5.877   1.334   1.00 51.66 ? 110 THR A CA  1 
ATOM   855  C C   . THR A 1 114 ? -4.241  4.637   2.022   1.00 49.48 ? 110 THR A C   1 
ATOM   856  O O   . THR A 1 114 ? -4.595  3.653   1.385   1.00 62.98 ? 110 THR A O   1 
ATOM   857  C CB  . THR A 1 114 ? -4.786  6.875   0.923   1.00 53.71 ? 110 THR A CB  1 
ATOM   858  O OG1 . THR A 1 114 ? -5.813  6.143   0.251   1.00 60.12 ? 110 THR A OG1 1 
ATOM   859  C CG2 . THR A 1 114 ? -4.289  8.005   0.039   1.00 46.40 ? 110 THR A CG2 1 
ATOM   860  N N   . LYS A 1 115 ? -4.275  4.697   3.339   1.00 54.96 ? 111 LYS A N   1 
ATOM   861  C CA  . LYS A 1 115 ? -4.889  3.677   4.161   1.00 56.17 ? 111 LYS A CA  1 
ATOM   862  C C   . LYS A 1 115 ? -5.949  4.355   5.013   1.00 59.63 ? 111 LYS A C   1 
ATOM   863  O O   . LYS A 1 115 ? -5.696  5.392   5.625   1.00 59.24 ? 111 LYS A O   1 
ATOM   864  C CB  . LYS A 1 115 ? -3.857  2.942   5.027   1.00 55.23 ? 111 LYS A CB  1 
ATOM   865  C CG  . LYS A 1 115 ? -3.124  1.809   4.315   1.00 67.99 ? 111 LYS A CG  1 
ATOM   866  C CD  . LYS A 1 115 ? -2.491  0.765   5.254   1.00 72.90 ? 111 LYS A CD  1 
ATOM   867  C CE  . LYS A 1 115 ? -1.797  -0.381  4.534   1.00 68.99 ? 111 LYS A CE  1 
ATOM   868  N NZ  . LYS A 1 115 ? -0.622  0.040   3.731   0.70 77.75 ? 111 LYS A NZ  1 
ATOM   869  N N   . GLU A 1 116 ? -7.133  3.731   5.057   1.00 59.01 ? 112 GLU A N   1 
ATOM   870  C CA  . GLU A 1 116 ? -8.284  4.233   5.778   1.00 60.47 ? 112 GLU A CA  1 
ATOM   871  C C   . GLU A 1 116 ? -8.980  3.069   6.476   1.00 57.83 ? 112 GLU A C   1 
ATOM   872  O O   . GLU A 1 116 ? -9.083  1.984   5.921   1.00 61.25 ? 112 GLU A O   1 
ATOM   873  C CB  . GLU A 1 116 ? -9.254  4.862   4.776   1.00 52.53 ? 112 GLU A CB  1 
ATOM   874  C CG  . GLU A 1 116 ? -10.686 4.847   5.266   1.00 67.44 ? 112 GLU A CG  1 
ATOM   875  C CD  . GLU A 1 116 ? -11.582 5.952   4.736   1.00 75.63 ? 112 GLU A CD  1 
ATOM   876  O OE1 . GLU A 1 116 ? -11.564 6.192   3.503   1.00 86.48 ? 112 GLU A OE1 1 
ATOM   877  O OE2 . GLU A 1 116 ? -12.283 6.579   5.563   1.00 74.57 ? 112 GLU A OE2 1 
ATOM   878  N N   . LEU A 1 117 ? -9.499  3.346   7.667   1.00 55.00 ? 113 LEU A N   1 
ATOM   879  C CA  . LEU A 1 117 ? -10.252 2.420   8.488   1.00 60.60 ? 113 LEU A CA  1 
ATOM   880  C C   . LEU A 1 117 ? -11.692 2.917   8.525   1.00 63.72 ? 113 LEU A C   1 
ATOM   881  O O   . LEU A 1 117 ? -11.983 3.809   9.311   1.00 73.05 ? 113 LEU A O   1 
ATOM   882  C CB  . LEU A 1 117 ? -9.651  2.529   9.889   1.00 60.06 ? 113 LEU A CB  1 
ATOM   883  C CG  . LEU A 1 117 ? -9.598  1.277   10.767  1.00 72.60 ? 113 LEU A CG  1 
ATOM   884  C CD1 . LEU A 1 117 ? -9.376  1.706   12.207  1.00 59.40 ? 113 LEU A CD1 1 
ATOM   885  C CD2 . LEU A 1 117 ? -10.861 0.420   10.662  1.00 77.26 ? 113 LEU A CD2 1 
ATOM   886  N N   . THR A 1 118 ? -12.575 2.339   7.695   1.00 69.12 ? 114 THR A N   1 
ATOM   887  C CA  . THR A 1 118 ? -13.971 2.756   7.570   1.00 67.92 ? 114 THR A CA  1 
ATOM   888  C C   . THR A 1 118 ? -14.733 2.519   8.875   1.00 67.00 ? 114 THR A C   1 
ATOM   889  O O   . THR A 1 118 ? -14.234 1.845   9.769   1.00 62.23 ? 114 THR A O   1 
ATOM   890  C CB  . THR A 1 118 ? -14.720 1.970   6.488   1.00 61.64 ? 114 THR A CB  1 
ATOM   891  O OG1 . THR A 1 118 ? -14.984 0.687   7.049   1.00 65.48 ? 114 THR A OG1 1 
ATOM   892  C CG2 . THR A 1 118 ? -13.938 1.796   5.208   1.00 55.21 ? 114 THR A CG2 1 
ATOM   893  N N   . ASN A 1 119 ? -15.963 3.050   8.954   1.00 82.13 ? 115 ASN A N   1 
ATOM   894  C CA  . ASN A 1 119 ? -16.802 2.883   10.135  1.00 85.98 ? 115 ASN A CA  1 
ATOM   895  C C   . ASN A 1 119 ? -17.278 1.444   10.259  1.00 83.82 ? 115 ASN A C   1 
ATOM   896  O O   . ASN A 1 119 ? -17.481 0.958   11.368  1.00 78.26 ? 115 ASN A O   1 
ATOM   897  C CB  . ASN A 1 119 ? -18.025 3.797   10.119  1.00 95.05 ? 115 ASN A CB  1 
ATOM   898  C CG  . ASN A 1 119 ? -17.624 5.246   10.279  1.00 98.00 ? 115 ASN A CG  1 
ATOM   899  O OD1 . ASN A 1 119 ? -17.722 6.022   9.333   1.00 98.00 ? 115 ASN A OD1 1 
ATOM   900  N ND2 . ASN A 1 119 ? -17.121 5.601   11.453  1.00 98.00 ? 115 ASN A ND2 1 
ATOM   901  N N   . ASP A 1 120 ? -17.450 0.778   9.111   1.00 87.17 ? 116 ASP A N   1 
ATOM   902  C CA  . ASP A 1 120 ? -17.953 -0.587  9.105   1.00 93.40 ? 116 ASP A CA  1 
ATOM   903  C C   . ASP A 1 120 ? -16.815 -1.614  9.108   1.00 87.69 ? 116 ASP A C   1 
ATOM   904  O O   . ASP A 1 120 ? -17.018 -2.743  8.675   1.00 82.95 ? 116 ASP A O   1 
ATOM   905  C CB  . ASP A 1 120 ? -19.047 -0.806  8.047   1.00 98.00 ? 116 ASP A CB  1 
ATOM   906  C CG  . ASP A 1 120 ? -18.714 -0.293  6.649   1.00 98.00 ? 116 ASP A CG  1 
ATOM   907  O OD1 . ASP A 1 120 ? -17.507 -0.193  6.315   1.00 98.00 ? 116 ASP A OD1 1 
ATOM   908  O OD2 . ASP A 1 120 ? -19.674 0.009   5.892   1.00 98.00 ? 116 ASP A OD2 1 
ATOM   909  N N   . GLY A 1 121 ? -15.626 -1.222  9.593   1.00 94.01 ? 117 GLY A N   1 
ATOM   910  C CA  . GLY A 1 121 ? -14.596 -2.148  10.057  1.00 82.54 ? 117 GLY A CA  1 
ATOM   911  C C   . GLY A 1 121 ? -13.718 -2.745  8.956   1.00 74.29 ? 117 GLY A C   1 
ATOM   912  O O   . GLY A 1 121 ? -13.108 -3.797  9.143   1.00 84.98 ? 117 GLY A O   1 
ATOM   913  N N   . GLU A 1 122 ? -13.657 -2.077  7.803   1.00 62.13 ? 118 GLU A N   1 
ATOM   914  C CA  . GLU A 1 122 ? -12.760 -2.491  6.740   1.00 57.07 ? 118 GLU A CA  1 
ATOM   915  C C   . GLU A 1 122 ? -11.544 -1.580  6.720   1.00 62.73 ? 118 GLU A C   1 
ATOM   916  O O   . GLU A 1 122 ? -11.599 -0.402  7.119   1.00 58.47 ? 118 GLU A O   1 
ATOM   917  C CB  . GLU A 1 122 ? -13.369 -2.248  5.362   1.00 61.51 ? 118 GLU A CB  1 
ATOM   918  C CG  . GLU A 1 122 ? -14.607 -3.074  5.071   1.00 72.51 ? 118 GLU A CG  1 
ATOM   919  C CD  . GLU A 1 122 ? -15.299 -2.709  3.766   1.00 80.66 ? 118 GLU A CD  1 
ATOM   920  O OE1 . GLU A 1 122 ? -15.399 -1.494  3.459   1.00 88.57 ? 118 GLU A OE1 1 
ATOM   921  O OE2 . GLU A 1 122 ? -15.742 -3.638  3.055   1.00 79.89 ? 118 GLU A OE2 1 
ATOM   922  N N   . LEU A 1 123 ? -10.470 -2.137  6.163   1.00 55.02 ? 119 LEU A N   1 
ATOM   923  C CA  . LEU A 1 123 ? -9.330  -1.321  5.812   1.00 53.15 ? 119 LEU A CA  1 
ATOM   924  C C   . LEU A 1 123 ? -9.270  -1.163  4.300   1.00 50.83 ? 119 LEU A C   1 
ATOM   925  O O   . LEU A 1 123 ? -9.234  -2.151  3.566   1.00 62.12 ? 119 LEU A O   1 
ATOM   926  C CB  . LEU A 1 123 ? -8.082  -2.013  6.345   1.00 57.36 ? 119 LEU A CB  1 
ATOM   927  C CG  . LEU A 1 123 ? -6.779  -1.542  5.709   1.00 62.63 ? 119 LEU A CG  1 
ATOM   928  C CD1 . LEU A 1 123 ? -6.340  -0.236  6.334   1.00 54.73 ? 119 LEU A CD1 1 
ATOM   929  C CD2 . LEU A 1 123 ? -5.711  -2.603  5.912   1.00 68.27 ? 119 LEU A CD2 1 
ATOM   930  N N   . ILE A 1 124 ? -9.222  0.090   3.857   1.00 50.45 ? 120 ILE A N   1 
ATOM   931  C CA  . ILE A 1 124 ? -9.155  0.414   2.440   1.00 50.89 ? 120 ILE A CA  1 
ATOM   932  C C   . ILE A 1 124 ? -7.802  1.020   2.066   1.00 51.88 ? 120 ILE A C   1 
ATOM   933  O O   . ILE A 1 124 ? -7.346  1.986   2.660   1.00 60.66 ? 120 ILE A O   1 
ATOM   934  C CB  . ILE A 1 124 ? -10.332 1.320   2.039   1.00 54.72 ? 120 ILE A CB  1 
ATOM   935  C CG1 . ILE A 1 124 ? -11.668 0.617   2.321   1.00 55.77 ? 120 ILE A CG1 1 
ATOM   936  C CG2 . ILE A 1 124 ? -10.198 1.740   0.580   1.00 44.76 ? 120 ILE A CG2 1 
ATOM   937  C CD1 . ILE A 1 124 ? -12.878 1.502   2.210   1.00 62.33 ? 120 ILE A CD1 1 
ATOM   938  N N   . LEU A 1 125 ? -7.178  0.449   1.038   1.00 53.27 ? 121 LEU A N   1 
ATOM   939  C CA  . LEU A 1 125 ? -5.879  0.887   0.574   1.00 55.90 ? 121 LEU A CA  1 
ATOM   940  C C   . LEU A 1 125 ? -6.058  1.378   -0.845  1.00 58.02 ? 121 LEU A C   1 
ATOM   941  O O   . LEU A 1 125 ? -6.589  0.656   -1.680  1.00 64.29 ? 121 LEU A O   1 
ATOM   942  C CB  . LEU A 1 125 ? -4.928  -0.313  0.578   1.00 59.44 ? 121 LEU A CB  1 
ATOM   943  C CG  . LEU A 1 125 ? -3.438  0.011   0.533   1.00 77.48 ? 121 LEU A CG  1 
ATOM   944  C CD1 . LEU A 1 125 ? -2.658  -1.118  1.175   1.00 91.16 ? 121 LEU A CD1 1 
ATOM   945  C CD2 . LEU A 1 125 ? -2.951  0.239   -0.884  1.00 72.02 ? 121 LEU A CD2 1 
ATOM   946  N N   . THR A 1 126 ? -5.608  2.603   -1.100  1.00 64.35 ? 122 THR A N   1 
ATOM   947  C CA  . THR A 1 126 ? -5.486  3.070   -2.468  1.00 58.00 ? 122 THR A CA  1 
ATOM   948  C C   . THR A 1 126 ? -3.999  3.247   -2.746  1.00 57.15 ? 122 THR A C   1 
ATOM   949  O O   . THR A 1 126 ? -3.216  3.535   -1.847  1.00 57.37 ? 122 THR A O   1 
ATOM   950  C CB  . THR A 1 126 ? -6.308  4.340   -2.730  1.00 58.71 ? 122 THR A CB  1 
ATOM   951  O OG1 . THR A 1 126 ? -5.430  5.393   -2.354  1.00 79.69 ? 122 THR A OG1 1 
ATOM   952  C CG2 . THR A 1 126 ? -7.551  4.454   -1.877  1.00 52.21 ? 122 THR A CG2 1 
ATOM   953  N N   . MET A 1 127 ? -3.626  3.007   -3.994  1.00 55.77 ? 123 MET A N   1 
ATOM   954  C CA  . MET A 1 127 ? -2.294  3.266   -4.488  1.00 53.68 ? 123 MET A CA  1 
ATOM   955  C C   . MET A 1 127 ? -2.474  3.989   -5.819  1.00 57.07 ? 123 MET A C   1 
ATOM   956  O O   . MET A 1 127 ? -3.331  3.624   -6.624  1.00 55.29 ? 123 MET A O   1 
ATOM   957  C CB  . MET A 1 127 ? -1.569  1.944   -4.712  1.00 52.58 ? 123 MET A CB  1 
ATOM   958  C CG  . MET A 1 127 ? -1.378  1.168   -3.432  1.00 60.55 ? 123 MET A CG  1 
ATOM   959  S SD  . MET A 1 127 ? -0.886  -0.532  -3.816  1.00 78.71 ? 123 MET A SD  1 
ATOM   960  C CE  . MET A 1 127 ? -2.480  -1.322  -4.019  1.00 79.10 ? 123 MET A CE  1 
ATOM   961  N N   . THR A 1 128 ? -1.720  5.066   -6.008  1.00 56.50 ? 124 THR A N   1 
ATOM   962  C CA  . THR A 1 128 ? -1.913  5.895   -7.178  1.00 57.38 ? 124 THR A CA  1 
ATOM   963  C C   . THR A 1 128 ? -0.595  5.970   -7.913  1.00 61.04 ? 124 THR A C   1 
ATOM   964  O O   . THR A 1 128 ? 0.449   6.194   -7.305  1.00 77.72 ? 124 THR A O   1 
ATOM   965  C CB  . THR A 1 128 ? -2.412  7.299   -6.814  1.00 58.85 ? 124 THR A CB  1 
ATOM   966  O OG1 . THR A 1 128 ? -3.627  7.120   -6.085  1.00 64.31 ? 124 THR A OG1 1 
ATOM   967  C CG2 . THR A 1 128 ? -2.693  8.152   -8.026  1.00 52.20 ? 124 THR A CG2 1 
ATOM   968  N N   . ALA A 1 129 ? -0.670  5.723   -9.215  1.00 70.54 ? 125 ALA A N   1 
ATOM   969  C CA  . ALA A 1 129 ? 0.430   6.024   -10.111 1.00 70.72 ? 125 ALA A CA  1 
ATOM   970  C C   . ALA A 1 129 ? -0.113  6.964   -11.185 1.00 72.15 ? 125 ALA A C   1 
ATOM   971  O O   . ALA A 1 129 ? -0.990  6.558   -11.947 1.00 68.79 ? 125 ALA A O   1 
ATOM   972  C CB  . ALA A 1 129 ? 0.981   4.740   -10.685 1.00 62.63 ? 125 ALA A CB  1 
ATOM   973  N N   . ASP A 1 130 ? 0.347   8.231   -11.161 1.00 80.21 ? 126 ASP A N   1 
ATOM   974  C CA  . ASP A 1 130 ? -0.125  9.302   -12.033 1.00 73.12 ? 126 ASP A CA  1 
ATOM   975  C C   . ASP A 1 130 ? -1.652  9.393   -11.996 1.00 71.21 ? 126 ASP A C   1 
ATOM   976  O O   . ASP A 1 130 ? -2.221  9.829   -10.995 1.00 77.43 ? 126 ASP A O   1 
ATOM   977  C CB  . ASP A 1 130 ? 0.424   9.149   -13.454 1.00 76.84 ? 126 ASP A CB  1 
ATOM   978  C CG  . ASP A 1 130 ? 1.831   9.686   -13.635 1.00 84.47 ? 126 ASP A CG  1 
ATOM   979  O OD1 . ASP A 1 130 ? 2.180   10.679  -12.957 1.00 93.69 ? 126 ASP A OD1 1 
ATOM   980  O OD2 . ASP A 1 130 ? 2.568   9.105   -14.453 1.00 90.53 ? 126 ASP A OD2 1 
ATOM   981  N N   . ASP A 1 131 ? -2.304  8.930   -13.075 1.00 66.84 ? 127 ASP A N   1 
ATOM   982  C CA  . ASP A 1 131 ? -3.731  9.136   -13.283 1.00 76.27 ? 127 ASP A CA  1 
ATOM   983  C C   . ASP A 1 131 ? -4.552  7.999   -12.676 1.00 79.78 ? 127 ASP A C   1 
ATOM   984  O O   . ASP A 1 131 ? -5.751  8.165   -12.480 1.00 76.69 ? 127 ASP A O   1 
ATOM   985  C CB  . ASP A 1 131 ? -4.064  9.284   -14.772 1.00 79.08 ? 127 ASP A CB  1 
ATOM   986  C CG  . ASP A 1 131 ? -5.415  9.943   -15.012 1.00 79.82 ? 127 ASP A CG  1 
ATOM   987  N N   . VAL A 1 132 ? -3.891  6.865   -12.375 1.00 83.31 ? 128 VAL A N   1 
ATOM   988  C CA  . VAL A 1 132 ? -4.509  5.571   -12.095 1.00 72.62 ? 128 VAL A CA  1 
ATOM   989  C C   . VAL A 1 132 ? -4.546  5.314   -10.585 1.00 65.45 ? 128 VAL A C   1 
ATOM   990  O O   . VAL A 1 132 ? -3.570  5.567   -9.882  1.00 70.88 ? 128 VAL A O   1 
ATOM   991  C CB  . VAL A 1 132 ? -3.772  4.437   -12.855 1.00 74.01 ? 128 VAL A CB  1 
ATOM   992  C CG1 . VAL A 1 132 ? -4.222  3.035   -12.447 1.00 55.75 ? 128 VAL A CG1 1 
ATOM   993  C CG2 . VAL A 1 132 ? -3.839  4.608   -14.373 1.00 66.77 ? 128 VAL A CG2 1 
ATOM   994  N N   . VAL A 1 133 ? -5.667  4.755   -10.111 1.00 62.92 ? 129 VAL A N   1 
ATOM   995  C CA  . VAL A 1 133 ? -5.934  4.526   -8.696  1.00 65.67 ? 129 VAL A CA  1 
ATOM   996  C C   . VAL A 1 133 ? -6.377  3.076   -8.488  1.00 66.10 ? 129 VAL A C   1 
ATOM   997  O O   . VAL A 1 133 ? -7.467  2.704   -8.909  1.00 76.58 ? 129 VAL A O   1 
ATOM   998  C CB  . VAL A 1 133 ? -6.983  5.521   -8.157  1.00 64.57 ? 129 VAL A CB  1 
ATOM   999  C CG1 . VAL A 1 133 ? -7.254  5.344   -6.662  1.00 59.58 ? 129 VAL A CG1 1 
ATOM   1000 C CG2 . VAL A 1 133 ? -6.582  6.964   -8.457  1.00 68.18 ? 129 VAL A CG2 1 
ATOM   1001 N N   . CYS A 1 134 ? -5.546  2.273   -7.809  1.00 61.93 ? 130 CYS A N   1 
ATOM   1002 C CA  . CYS A 1 134 ? -5.911  0.917   -7.417  1.00 56.45 ? 130 CYS A CA  1 
ATOM   1003 C C   . CYS A 1 134 ? -6.555  0.933   -6.028  1.00 53.32 ? 130 CYS A C   1 
ATOM   1004 O O   . CYS A 1 134 ? -6.129  1.681   -5.169  1.00 52.95 ? 130 CYS A O   1 
ATOM   1005 C CB  . CYS A 1 134 ? -4.686  0.010   -7.388  1.00 59.68 ? 130 CYS A CB  1 
ATOM   1006 S SG  . CYS A 1 134 ? -5.007  -1.581  -6.580  1.00 62.91 ? 130 CYS A SG  1 
ATOM   1007 N N   . THR A 1 135 ? -7.560  0.082   -5.796  1.00 54.15 ? 131 THR A N   1 
ATOM   1008 C CA  . THR A 1 135 ? -8.274  0.083   -4.527  1.00 58.14 ? 131 THR A CA  1 
ATOM   1009 C C   . THR A 1 135 ? -8.371  -1.340  -3.980  1.00 57.69 ? 131 THR A C   1 
ATOM   1010 O O   . THR A 1 135 ? -9.006  -2.199  -4.580  1.00 63.43 ? 131 THR A O   1 
ATOM   1011 C CB  . THR A 1 135 ? -9.626  0.803   -4.655  1.00 55.63 ? 131 THR A CB  1 
ATOM   1012 O OG1 . THR A 1 135 ? -9.330  2.143   -5.051  1.00 69.01 ? 131 THR A OG1 1 
ATOM   1013 C CG2 . THR A 1 135 ? -10.400 0.849   -3.356  1.00 47.23 ? 131 THR A CG2 1 
ATOM   1014 N N   . GLN A 1 136 ? -7.736  -1.591  -2.834  1.00 59.86 ? 132 GLN A N   1 
ATOM   1015 C CA  . GLN A 1 136 ? -7.791  -2.917  -2.247  1.00 54.15 ? 132 GLN A CA  1 
ATOM   1016 C C   . GLN A 1 136 ? -8.457  -2.819  -0.889  1.00 55.89 ? 132 GLN A C   1 
ATOM   1017 O O   . GLN A 1 136 ? -8.081  -1.986  -0.068  1.00 60.51 ? 132 GLN A O   1 
ATOM   1018 C CB  . GLN A 1 136 ? -6.405  -3.528  -2.150  1.00 52.90 ? 132 GLN A CB  1 
ATOM   1019 C CG  . GLN A 1 136 ? -5.779  -3.728  -3.519  1.00 58.40 ? 132 GLN A CG  1 
ATOM   1020 C CD  . GLN A 1 136 ? -4.429  -4.369  -3.350  1.00 61.02 ? 132 GLN A CD  1 
ATOM   1021 O OE1 . GLN A 1 136 ? -3.705  -4.073  -2.409  1.00 68.54 ? 132 GLN A OE1 1 
ATOM   1022 N NE2 . GLN A 1 136 ? -4.099  -5.281  -4.247  1.00 63.04 ? 132 GLN A NE2 1 
ATOM   1023 N N   . VAL A 1 137 ? -9.468  -3.669  -0.691  1.00 51.45 ? 133 VAL A N   1 
ATOM   1024 C CA  . VAL A 1 137 ? -10.260 -3.660  0.524   1.00 49.62 ? 133 VAL A CA  1 
ATOM   1025 C C   . VAL A 1 137 ? -9.891  -4.896  1.332   1.00 48.22 ? 133 VAL A C   1 
ATOM   1026 O O   . VAL A 1 137 ? -9.780  -5.970  0.763   1.00 55.87 ? 133 VAL A O   1 
ATOM   1027 C CB  . VAL A 1 137 ? -11.759 -3.638  0.180   1.00 49.97 ? 133 VAL A CB  1 
ATOM   1028 C CG1 . VAL A 1 137 ? -12.628 -3.677  1.423   1.00 52.80 ? 133 VAL A CG1 1 
ATOM   1029 C CG2 . VAL A 1 137 ? -12.126 -2.458  -0.698  1.00 43.11 ? 133 VAL A CG2 1 
ATOM   1030 N N   . PHE A 1 138 ? -9.730  -4.732  2.649   1.00 48.65 ? 134 PHE A N   1 
ATOM   1031 C CA  . PHE A 1 138 ? -9.311  -5.811  3.526   1.00 49.52 ? 134 PHE A CA  1 
ATOM   1032 C C   . PHE A 1 138 ? -10.292 -5.928  4.696   1.00 55.77 ? 134 PHE A C   1 
ATOM   1033 O O   . PHE A 1 138 ? -10.930 -4.954  5.090   1.00 59.63 ? 134 PHE A O   1 
ATOM   1034 C CB  . PHE A 1 138 ? -7.892  -5.548  4.047   1.00 50.20 ? 134 PHE A CB  1 
ATOM   1035 C CG  . PHE A 1 138 ? -6.774  -5.471  3.025   1.00 51.39 ? 134 PHE A CG  1 
ATOM   1036 C CD1 . PHE A 1 138 ? -6.607  -4.344  2.228   1.00 55.06 ? 134 PHE A CD1 1 
ATOM   1037 C CD2 . PHE A 1 138 ? -5.849  -6.503  2.895   1.00 45.06 ? 134 PHE A CD2 1 
ATOM   1038 C CE1 . PHE A 1 138 ? -5.566  -4.266  1.309   1.00 55.55 ? 134 PHE A CE1 1 
ATOM   1039 C CE2 . PHE A 1 138 ? -4.823  -6.436  1.961   1.00 44.76 ? 134 PHE A CE2 1 
ATOM   1040 C CZ  . PHE A 1 138 ? -4.683  -5.316  1.169   1.00 47.61 ? 134 PHE A CZ  1 
ATOM   1041 N N   . VAL A 1 139 ? -10.387 -7.125  5.287   1.00 52.36 ? 135 VAL A N   1 
ATOM   1042 C CA  . VAL A 1 139 ? -11.183 -7.277  6.489   1.00 50.67 ? 135 VAL A CA  1 
ATOM   1043 C C   . VAL A 1 139 ? -10.301 -7.874  7.568   1.00 52.57 ? 135 VAL A C   1 
ATOM   1044 O O   . VAL A 1 139 ? -9.295  -8.502  7.256   1.00 56.17 ? 135 VAL A O   1 
ATOM   1045 C CB  . VAL A 1 139 ? -12.453 -8.125  6.269   1.00 53.77 ? 135 VAL A CB  1 
ATOM   1046 C CG1 . VAL A 1 139 ? -13.458 -7.405  5.384   1.00 43.86 ? 135 VAL A CG1 1 
ATOM   1047 C CG2 . VAL A 1 139 ? -12.160 -9.532  5.744   1.00 59.17 ? 135 VAL A CG2 1 
ATOM   1048 N N   . ARG A 1 140 ? -10.703 -7.677  8.831   1.00 63.10 ? 136 ARG A N   1 
ATOM   1049 C CA  . ARG A 1 140 ? -10.024 -8.311  9.951   1.00 63.84 ? 136 ARG A CA  1 
ATOM   1050 C C   . ARG A 1 140 ? -9.973  -9.821  9.713   1.00 67.07 ? 136 ARG A C   1 
ATOM   1051 O O   . ARG A 1 140 ? -10.976 -10.416 9.333   1.00 61.78 ? 136 ARG A O   1 
ATOM   1052 C CB  . ARG A 1 140 ? -10.664 -7.881  11.272  1.00 52.51 ? 136 ARG A CB  1 
ATOM   1053 C CG  . ARG A 1 140 ? -10.411 -6.413  11.588  1.00 61.45 ? 136 ARG A CG  1 
ATOM   1054 C CD  . ARG A 1 140 ? -10.387 -6.023  13.059  1.00 60.59 ? 136 ARG A CD  1 
ATOM   1055 N NE  . ARG A 1 140 ? -9.362  -5.014  13.362  1.00 61.63 ? 136 ARG A NE  1 
ATOM   1056 C CZ  . ARG A 1 140 ? -9.600  -3.707  13.425  1.00 63.54 ? 136 ARG A CZ  1 
ATOM   1057 N NH1 . ARG A 1 140 ? -10.810 -3.211  13.214  1.00 76.22 ? 136 ARG A NH1 1 
ATOM   1058 N NH2 . ARG A 1 140 ? -8.615  -2.886  13.695  1.00 72.41 ? 136 ARG A NH2 1 
ATOM   1059 N N   . GLU A 1 141 ? -8.782  -10.418 9.874   1.00 76.02 ? 137 GLU A N   1 
ATOM   1060 C CA  . GLU A 1 141 ? -8.605  -11.842 9.644   1.00 78.82 ? 137 GLU A CA  1 
ATOM   1061 C C   . GLU A 1 141 ? -9.582  -12.618 10.530  1.00 94.00 ? 137 GLU A C   1 
ATOM   1062 O O   . GLU A 1 141 ? -10.026 -13.689 10.089  1.00 98.00 ? 137 GLU A O   1 
ATOM   1063 C CB  . GLU A 1 141 ? -7.180  -12.289 9.950   1.00 81.85 ? 137 GLU A CB  1 
ATOM   1064 C CG  . GLU A 1 141 ? -6.825  -13.605 9.283   1.00 95.18 ? 137 GLU A CG  1 
ATOM   1065 C CD  . GLU A 1 141 ? -5.329  -13.864 9.168   1.00 98.00 ? 137 GLU A CD  1 
ATOM   1066 O OE1 . GLU A 1 141 ? -4.804  -13.751 8.035   1.00 94.79 ? 137 GLU A OE1 1 
ATOM   1067 O OE2 . GLU A 1 141 ? -4.690  -14.171 10.216  1.00 98.00 ? 137 GLU A OE2 1 
ATOM   1068 O OXT . GLU A 1 141 ? -9.935  -12.202 11.657  1.00 78.83 ? 137 GLU A OXT 1 
HETATM 1069 C CAS . Q5W B 2 .   ? 2.072   0.740   -1.162  0.70 57.44 ? 201 Q5W A CAS 1 
HETATM 1070 O OAR . Q5W B 2 .   ? 1.532   -0.331  -0.304  0.70 70.67 ? 201 Q5W A OAR 1 
HETATM 1071 C CAO . Q5W B 2 .   ? 1.254   -0.178  1.064   0.70 64.60 ? 201 Q5W A CAO 1 
HETATM 1072 O OAQ . Q5W B 2 .   ? 1.524   0.829   1.710   0.70 72.16 ? 201 Q5W A OAQ 1 
HETATM 1073 C CAN . Q5W B 2 .   ? 0.588   -1.330  1.897   0.70 67.19 ? 201 Q5W A CAN 1 
HETATM 1074 C CAP . Q5W B 2 .   ? 0.322   -0.973  3.363   0.70 69.59 ? 201 Q5W A CAP 1 
HETATM 1075 C CAM . Q5W B 2 .   ? 0.158   -2.525  1.488   0.70 63.71 ? 201 Q5W A CAM 1 
HETATM 1076 C CAJ . Q5W B 2 .   ? 0.351   -2.971  0.180   0.70 64.62 ? 201 Q5W A CAJ 1 
HETATM 1077 C CAI . Q5W B 2 .   ? 1.575   -2.687  -0.398  0.70 66.99 ? 201 Q5W A CAI 1 
HETATM 1078 C CAD . Q5W B 2 .   ? 1.857   -3.055  -1.686  0.70 69.15 ? 201 Q5W A CAD 1 
HETATM 1079 C CAC . Q5W B 2 .   ? 3.110   -2.704  -2.173  0.70 72.76 ? 201 Q5W A CAC 1 
HETATM 1080 C CAA . Q5W B 2 .   ? 3.440   -3.077  -3.466  0.70 73.11 ? 201 Q5W A CAA 1 
HETATM 1081 C CAB . Q5W B 2 .   ? 2.532   -3.794  -4.243  0.70 69.96 ? 201 Q5W A CAB 1 
HETATM 1082 C CAG . Q5W B 2 .   ? 3.010   -4.114  -5.550  0.70 72.00 ? 201 Q5W A CAG 1 
HETATM 1083 C CAH . Q5W B 2 .   ? 3.421   -4.371  -6.626  0.70 74.04 ? 201 Q5W A CAH 1 
HETATM 1084 C CAF . Q5W B 2 .   ? 1.253   -4.147  -3.752  0.70 63.04 ? 201 Q5W A CAF 1 
HETATM 1085 C CAE . Q5W B 2 .   ? 0.918   -3.774  -2.441  0.70 63.49 ? 201 Q5W A CAE 1 
HETATM 1086 C CAL . Q5W B 2 .   ? -0.310  -4.069  -1.858  0.70 57.45 ? 201 Q5W A CAL 1 
HETATM 1087 C CAK . Q5W B 2 .   ? -0.601  -3.698  -0.544  0.70 55.50 ? 201 Q5W A CAK 1 
HETATM 1088 O O   . HOH C 3 .   ? 9.893   10.811  -7.390  1.00 60.71 ? 301 HOH A O   1 
HETATM 1089 O O   . HOH C 3 .   ? 6.068   9.412   7.503   1.00 55.20 ? 302 HOH A O   1 
HETATM 1090 O O   . HOH C 3 .   ? -7.751  4.403   1.591   1.00 54.99 ? 303 HOH A O   1 
HETATM 1091 O O   . HOH C 3 .   ? 15.515  4.655   -6.544  1.00 86.30 ? 304 HOH A O   1 
HETATM 1092 O O   . HOH C 3 .   ? -6.420  6.086   14.553  1.00 70.19 ? 305 HOH A O   1 
HETATM 1093 O O   . HOH C 3 .   ? 15.765  10.544  -8.694  1.00 88.32 ? 306 HOH A O   1 
HETATM 1094 O O   . HOH C 3 .   ? 10.581  0.969   6.778   1.00 72.56 ? 307 HOH A O   1 
HETATM 1095 O O   . HOH C 3 .   ? -7.481  -7.876  13.140  1.00 62.91 ? 308 HOH A O   1 
HETATM 1096 O O   . HOH C 3 .   ? 2.000   13.369  2.895   1.00 62.50 ? 309 HOH A O   1 
HETATM 1097 O O   . HOH C 3 .   ? 8.228   12.585  -0.137  1.00 63.91 ? 310 HOH A O   1 
HETATM 1098 O O   . HOH C 3 .   ? 11.406  14.450  8.035   1.00 66.19 ? 311 HOH A O   1 
HETATM 1099 O O   . HOH C 3 .   ? 10.755  11.989  -12.258 1.00 87.42 ? 312 HOH A O   1 
HETATM 1100 O O   . HOH C 3 .   ? 18.783  13.589  -4.418  1.00 62.65 ? 313 HOH A O   1 
HETATM 1101 O O   . HOH C 3 .   ? 13.046  5.318   -18.886 1.00 87.40 ? 314 HOH A O   1 
HETATM 1102 O O   . HOH C 3 .   ? 16.447  5.269   -17.508 1.00 85.38 ? 315 HOH A O   1 
HETATM 1103 O O   . HOH C 3 .   ? 21.234  13.477  -3.240  1.00 72.56 ? 316 HOH A O   1 
# 
